data_3C1P
# 
_entry.id   3C1P 
# 
_audit_conform.dict_name       mmcif_pdbx.dic 
_audit_conform.dict_version    5.398 
_audit_conform.dict_location   http://mmcif.pdb.org/dictionaries/ascii/mmcif_pdbx.dic 
# 
loop_
_database_2.database_id 
_database_2.database_code 
_database_2.pdbx_database_accession 
_database_2.pdbx_DOI 
PDB   3C1P         pdb_00003c1p 10.2210/pdb3c1p/pdb 
NDB   UP0007       ?            ?                   
RCSB  RCSB046230   ?            ?                   
WWPDB D_1000046230 ?            ?                   
# 
loop_
_pdbx_audit_revision_history.ordinal 
_pdbx_audit_revision_history.data_content_type 
_pdbx_audit_revision_history.major_revision 
_pdbx_audit_revision_history.minor_revision 
_pdbx_audit_revision_history.revision_date 
1 'Structure model' 1 0 2009-01-27 
2 'Structure model' 1 1 2011-07-13 
3 'Structure model' 1 2 2012-07-25 
4 'Structure model' 1 3 2012-12-12 
5 'Structure model' 1 4 2013-06-26 
6 'Structure model' 1 5 2014-11-26 
7 'Structure model' 2 0 2019-03-27 
8 'Structure model' 3 0 2023-11-15 
9 'Structure model' 3 1 2024-11-06 
# 
_pdbx_audit_revision_details.ordinal             1 
_pdbx_audit_revision_details.revision_ordinal    1 
_pdbx_audit_revision_details.data_content_type   'Structure model' 
_pdbx_audit_revision_details.provider            repository 
_pdbx_audit_revision_details.type                'Initial release' 
_pdbx_audit_revision_details.description         ? 
_pdbx_audit_revision_details.details             ? 
# 
loop_
_pdbx_audit_revision_group.ordinal 
_pdbx_audit_revision_group.revision_ordinal 
_pdbx_audit_revision_group.data_content_type 
_pdbx_audit_revision_group.group 
1  2 'Structure model' 'Version format compliance' 
2  3 'Structure model' 'Database references'       
3  4 'Structure model' Other                       
4  5 'Structure model' 'Database references'       
5  6 'Structure model' 'Structure summary'         
6  7 'Structure model' Advisory                    
7  7 'Structure model' 'Data collection'           
8  7 'Structure model' 'Database references'       
9  7 'Structure model' 'Derived calculations'      
10 7 'Structure model' 'Polymer sequence'          
11 7 'Structure model' 'Source and taxonomy'       
12 8 'Structure model' 'Atomic model'              
13 8 'Structure model' 'Data collection'           
14 8 'Structure model' 'Database references'       
15 8 'Structure model' 'Derived calculations'      
16 9 'Structure model' 'Structure summary'         
# 
loop_
_pdbx_audit_revision_category.ordinal 
_pdbx_audit_revision_category.revision_ordinal 
_pdbx_audit_revision_category.data_content_type 
_pdbx_audit_revision_category.category 
1  7 'Structure model' entity_poly                  
2  7 'Structure model' pdbx_entity_src_syn          
3  7 'Structure model' pdbx_unobs_or_zero_occ_atoms 
4  7 'Structure model' struct_conn                  
5  7 'Structure model' struct_ref                   
6  7 'Structure model' struct_ref_seq               
7  8 'Structure model' atom_site                    
8  8 'Structure model' chem_comp_atom               
9  8 'Structure model' chem_comp_bond               
10 8 'Structure model' database_2                   
11 8 'Structure model' struct_site                  
12 9 'Structure model' pdbx_entry_details           
13 9 'Structure model' pdbx_modification_feature    
# 
loop_
_pdbx_audit_revision_item.ordinal 
_pdbx_audit_revision_item.revision_ordinal 
_pdbx_audit_revision_item.data_content_type 
_pdbx_audit_revision_item.item 
1  7 'Structure model' '_entity_poly.type'                        
2  7 'Structure model' '_pdbx_entity_src_syn.ncbi_taxonomy_id'    
3  7 'Structure model' '_pdbx_entity_src_syn.organism_scientific' 
4  7 'Structure model' '_pdbx_entity_src_syn.pdbx_beg_seq_num'    
5  7 'Structure model' '_pdbx_entity_src_syn.pdbx_end_seq_num'    
6  7 'Structure model' '_struct_conn.pdbx_leaving_atom_flag'      
7  8 'Structure model' '_atom_site.B_iso_or_equiv'                
8  8 'Structure model' '_atom_site.Cartn_x'                       
9  8 'Structure model' '_atom_site.Cartn_y'                       
10 8 'Structure model' '_atom_site.Cartn_z'                       
11 8 'Structure model' '_atom_site.auth_atom_id'                  
12 8 'Structure model' '_atom_site.label_alt_id'                  
13 8 'Structure model' '_atom_site.label_atom_id'                 
14 8 'Structure model' '_atom_site.occupancy'                     
15 8 'Structure model' '_database_2.pdbx_DOI'                     
16 8 'Structure model' '_database_2.pdbx_database_accession'      
17 8 'Structure model' '_struct_site.pdbx_auth_asym_id'           
18 8 'Structure model' '_struct_site.pdbx_auth_comp_id'           
19 8 'Structure model' '_struct_site.pdbx_auth_seq_id'            
# 
_pdbx_database_status.status_code                     REL 
_pdbx_database_status.entry_id                        3C1P 
_pdbx_database_status.recvd_initial_deposition_date   2008-01-23 
_pdbx_database_status.deposit_site                    RCSB 
_pdbx_database_status.process_site                    RCSB 
_pdbx_database_status.status_code_sf                  REL 
_pdbx_database_status.status_code_mr                  ? 
_pdbx_database_status.SG_entry                        ? 
_pdbx_database_status.status_code_cs                  ? 
_pdbx_database_status.methods_development_category    ? 
_pdbx_database_status.pdb_format_compatible           Y 
_pdbx_database_status.status_code_nmr_data            ? 
# 
loop_
_audit_author.name 
_audit_author.pdbx_ordinal 
'Cuesta-Seijo, J.A.' 1 
'Sheldrick, G.M.'    2 
'Zhang, J.'          3 
'Diederichsen, U.'   4 
# 
_citation.id                        primary 
_citation.title                     'Continuous beta-turn fold of an alternating alanyl/homoalanyl peptide nucleic acid.' 
_citation.journal_abbrev            'Acta Crystallogr.,Sect.D' 
_citation.journal_volume            68 
_citation.page_first                1067 
_citation.page_last                 1070 
_citation.year                      2012 
_citation.journal_id_ASTM           ABCRE6 
_citation.country                   DK 
_citation.journal_id_ISSN           0907-4449 
_citation.journal_id_CSD            0766 
_citation.book_publisher            ? 
_citation.pdbx_database_id_PubMed   22868773 
_citation.pdbx_database_id_DOI      10.1107/S090744491202118X 
# 
loop_
_citation_author.citation_id 
_citation_author.name 
_citation_author.ordinal 
_citation_author.identifier_ORCID 
primary 'Cuesta-Seijo, J.A.' 1 ? 
primary 'Zhang, J.'          2 ? 
primary 'Diederichsen, U.'   3 ? 
primary 'Sheldrick, G.M.'    4 ? 
# 
loop_
_entity.id 
_entity.type 
_entity.src_method 
_entity.pdbx_description 
_entity.formula_weight 
_entity.pdbx_number_of_molecules 
_entity.pdbx_ec 
_entity.pdbx_mutation 
_entity.pdbx_fragment 
_entity.details 
1 polymer syn 'Peptide Nucleic Acid DLY-HGL-AGD-LHC-AGD-LHC-CUD-LYS' 1518.503 4   ? ? ? ? 
2 water   nat water                                                  18.015   140 ? ? ? ? 
# 
_entity_poly.entity_id                      1 
_entity_poly.type                           'peptide nucleic acid' 
_entity_poly.nstd_linkage                   no 
_entity_poly.nstd_monomer                   yes 
_entity_poly.pdbx_seq_one_letter_code       '(DLY)(HGL)(AGD)(LHC)(AGD)(LHC)(CUD)K' 
_entity_poly.pdbx_seq_one_letter_code_can   KXXXXXXK 
_entity_poly.pdbx_strand_id                 A,B,C,D 
_entity_poly.pdbx_target_identifier         ? 
# 
_pdbx_entity_nonpoly.entity_id   2 
_pdbx_entity_nonpoly.name        water 
_pdbx_entity_nonpoly.comp_id     HOH 
# 
loop_
_entity_poly_seq.entity_id 
_entity_poly_seq.num 
_entity_poly_seq.mon_id 
_entity_poly_seq.hetero 
1 1 DLY n 
1 2 HGL n 
1 3 AGD n 
1 4 LHC n 
1 5 AGD n 
1 6 LHC n 
1 7 CUD n 
1 8 LYS n 
# 
_pdbx_entity_src_syn.entity_id              1 
_pdbx_entity_src_syn.pdbx_src_id            1 
_pdbx_entity_src_syn.pdbx_alt_source_flag   sample 
_pdbx_entity_src_syn.pdbx_beg_seq_num       1 
_pdbx_entity_src_syn.pdbx_end_seq_num       8 
_pdbx_entity_src_syn.organism_scientific    'synthetic construct' 
_pdbx_entity_src_syn.organism_common_name   ? 
_pdbx_entity_src_syn.ncbi_taxonomy_id       32630 
_pdbx_entity_src_syn.details                Synthetic 
# 
loop_
_chem_comp.id 
_chem_comp.type 
_chem_comp.mon_nstd_flag 
_chem_comp.name 
_chem_comp.pdbx_synonyms 
_chem_comp.formula 
_chem_comp.formula_weight 
AGD 'D-peptide linking' . '3-(2-amino-6-oxo-1,6-dihydro-9H-purin-9-yl)-D-alanine'                 ? 'C8 H10 N6 O3'   238.203 
CUD 'D-peptide linking' . '3-(4-amino-2-oxopyrimidin-1(2H)-yl)-D-alanine'                         ? 'C7 H10 N4 O3'   198.179 
DLY 'D-peptide linking' . D-LYSINE                                                                ? 'C6 H14 N2 O2'   146.188 
HGL 'L-peptide linking' . '(2S)-2-amino-4-(2-amino-6-oxo-1,6-dihydro-9H-purin-9-yl)butanoic acid' ? 'C9 H12 N6 O3'   252.230 
HOH non-polymer         . WATER                                                                   ? 'H2 O'           18.015  
LHC 'L-peptide linking' . '(2S)-2-amino-4-(4-amino-2-oxopyrimidin-1(2H)-yl)butanoic acid'         ? 'C8 H12 N4 O3'   212.206 
LYS 'L-peptide linking' y LYSINE                                                                  ? 'C6 H15 N2 O2 1' 147.195 
# 
loop_
_pdbx_poly_seq_scheme.asym_id 
_pdbx_poly_seq_scheme.entity_id 
_pdbx_poly_seq_scheme.seq_id 
_pdbx_poly_seq_scheme.mon_id 
_pdbx_poly_seq_scheme.ndb_seq_num 
_pdbx_poly_seq_scheme.pdb_seq_num 
_pdbx_poly_seq_scheme.auth_seq_num 
_pdbx_poly_seq_scheme.pdb_mon_id 
_pdbx_poly_seq_scheme.auth_mon_id 
_pdbx_poly_seq_scheme.pdb_strand_id 
_pdbx_poly_seq_scheme.pdb_ins_code 
_pdbx_poly_seq_scheme.hetero 
A 1 1 DLY 1 11 11 DLY DLY A . n 
A 1 2 HGL 2 12 12 HGL HGL A . n 
A 1 3 AGD 3 13 13 AGD AGD A . n 
A 1 4 LHC 4 14 14 LHC LHC A . n 
A 1 5 AGD 5 15 15 AGD AGD A . n 
A 1 6 LHC 6 16 16 LHC LHC A . n 
A 1 7 CUD 7 17 17 CUD CUD A . n 
A 1 8 LYS 8 18 18 LYS LYS A . n 
B 1 1 DLY 1 21 21 DLY DLY B . n 
B 1 2 HGL 2 22 22 HGL HGL B . n 
B 1 3 AGD 3 23 23 AGD AGD B . n 
B 1 4 LHC 4 24 24 LHC LHC B . n 
B 1 5 AGD 5 25 25 AGD AGD B . n 
B 1 6 LHC 6 26 26 LHC LHC B . n 
B 1 7 CUD 7 27 27 CUD CUD B . n 
B 1 8 LYS 8 28 28 LYS LYS B . n 
C 1 1 DLY 1 31 31 DLY DLY C . n 
C 1 2 HGL 2 32 32 HGL HGL C . n 
C 1 3 AGD 3 33 33 AGD AGD C . n 
C 1 4 LHC 4 34 34 LHC LHC C . n 
C 1 5 AGD 5 35 35 AGD AGD C . n 
C 1 6 LHC 6 36 36 LHC LHC C . n 
C 1 7 CUD 7 37 37 CUD CUD C . n 
C 1 8 LYS 8 38 38 LYS LYS C . n 
D 1 1 DLY 1 41 41 DLY DLY D . n 
D 1 2 HGL 2 42 42 HGL HGL D . n 
D 1 3 AGD 3 43 43 AGD AGD D . n 
D 1 4 LHC 4 44 44 LHC LHC D . n 
D 1 5 AGD 5 45 45 AGD AGD D . n 
D 1 6 LHC 6 46 46 LHC LHC D . n 
D 1 7 CUD 7 47 47 CUD CUD D . n 
D 1 8 LYS 8 48 48 LYS LYS D . n 
# 
loop_
_pdbx_nonpoly_scheme.asym_id 
_pdbx_nonpoly_scheme.entity_id 
_pdbx_nonpoly_scheme.mon_id 
_pdbx_nonpoly_scheme.ndb_seq_num 
_pdbx_nonpoly_scheme.pdb_seq_num 
_pdbx_nonpoly_scheme.auth_seq_num 
_pdbx_nonpoly_scheme.pdb_mon_id 
_pdbx_nonpoly_scheme.auth_mon_id 
_pdbx_nonpoly_scheme.pdb_strand_id 
_pdbx_nonpoly_scheme.pdb_ins_code 
E 2 HOH 1  51  51  HOH HOH A . 
E 2 HOH 2  54  54  HOH HOH A . 
E 2 HOH 3  55  55  HOH HOH A . 
E 2 HOH 4  59  59  HOH HOH A . 
E 2 HOH 5  61  61  HOH HOH A . 
E 2 HOH 6  64  64  HOH HOH A . 
E 2 HOH 7  65  65  HOH HOH A . 
E 2 HOH 8  67  67  HOH HOH A . 
E 2 HOH 9  69  69  HOH HOH A . 
E 2 HOH 10 75  75  HOH HOH A . 
E 2 HOH 11 76  76  HOH HOH A . 
E 2 HOH 12 84  84  HOH HOH A . 
E 2 HOH 13 87  87  HOH HOH A . 
E 2 HOH 14 93  93  HOH HOH A . 
E 2 HOH 15 102 102 HOH HOH A . 
E 2 HOH 16 110 110 HOH HOH A . 
E 2 HOH 17 111 111 HOH HOH A . 
E 2 HOH 18 112 112 HOH HOH A . 
E 2 HOH 19 114 114 HOH HOH A . 
E 2 HOH 20 117 117 HOH HOH A . 
E 2 HOH 21 122 122 HOH HOH A . 
E 2 HOH 22 123 123 HOH HOH A . 
E 2 HOH 23 129 129 HOH HOH A . 
E 2 HOH 24 130 130 HOH HOH A . 
E 2 HOH 25 132 132 HOH HOH A . 
E 2 HOH 26 133 133 HOH HOH A . 
E 2 HOH 27 134 134 HOH HOH A . 
E 2 HOH 28 145 145 HOH HOH A . 
E 2 HOH 29 148 148 HOH HOH A . 
E 2 HOH 30 154 154 HOH HOH A . 
E 2 HOH 31 157 157 HOH HOH A . 
E 2 HOH 32 161 161 HOH HOH A . 
E 2 HOH 33 163 163 HOH HOH A . 
E 2 HOH 34 164 164 HOH HOH A . 
E 2 HOH 35 168 168 HOH HOH A . 
E 2 HOH 36 172 172 HOH HOH A . 
E 2 HOH 37 173 173 HOH HOH A . 
E 2 HOH 38 189 189 HOH HOH A . 
E 2 HOH 39 195 195 HOH HOH A . 
E 2 HOH 40 196 196 HOH HOH A . 
E 2 HOH 41 197 197 HOH HOH A . 
E 2 HOH 42 198 198 HOH HOH A . 
E 2 HOH 43 200 200 HOH HOH A . 
E 2 HOH 44 212 212 HOH HOH A . 
F 2 HOH 1  52  52  HOH HOH B . 
F 2 HOH 2  56  56  HOH HOH B . 
F 2 HOH 3  81  81  HOH HOH B . 
F 2 HOH 4  85  85  HOH HOH B . 
F 2 HOH 5  90  90  HOH HOH B . 
F 2 HOH 6  95  95  HOH HOH B . 
F 2 HOH 7  107 107 HOH HOH B . 
F 2 HOH 8  113 113 HOH HOH B . 
F 2 HOH 9  120 120 HOH HOH B . 
F 2 HOH 10 125 125 HOH HOH B . 
F 2 HOH 11 139 139 HOH HOH B . 
F 2 HOH 12 140 140 HOH HOH B . 
F 2 HOH 13 141 141 HOH HOH B . 
F 2 HOH 14 142 142 HOH HOH B . 
F 2 HOH 15 146 146 HOH HOH B . 
F 2 HOH 16 149 149 HOH HOH B . 
F 2 HOH 17 153 153 HOH HOH B . 
F 2 HOH 18 156 156 HOH HOH B . 
F 2 HOH 19 160 160 HOH HOH B . 
F 2 HOH 20 162 162 HOH HOH B . 
F 2 HOH 21 185 185 HOH HOH B . 
F 2 HOH 22 186 186 HOH HOH B . 
F 2 HOH 23 187 187 HOH HOH B . 
F 2 HOH 24 188 188 HOH HOH B . 
F 2 HOH 25 190 190 HOH HOH B . 
F 2 HOH 26 191 191 HOH HOH B . 
F 2 HOH 27 194 194 HOH HOH B . 
F 2 HOH 28 202 202 HOH HOH B . 
F 2 HOH 29 213 213 HOH HOH B . 
G 2 HOH 1  53  53  HOH HOH C . 
G 2 HOH 2  58  58  HOH HOH C . 
G 2 HOH 3  60  60  HOH HOH C . 
G 2 HOH 4  63  63  HOH HOH C . 
G 2 HOH 5  66  66  HOH HOH C . 
G 2 HOH 6  68  68  HOH HOH C . 
G 2 HOH 7  71  71  HOH HOH C . 
G 2 HOH 8  72  72  HOH HOH C . 
G 2 HOH 9  73  73  HOH HOH C . 
G 2 HOH 10 79  79  HOH HOH C . 
G 2 HOH 11 83  83  HOH HOH C . 
G 2 HOH 12 86  86  HOH HOH C . 
G 2 HOH 13 92  92  HOH HOH C . 
G 2 HOH 14 94  94  HOH HOH C . 
G 2 HOH 15 97  97  HOH HOH C . 
G 2 HOH 16 103 103 HOH HOH C . 
G 2 HOH 17 106 106 HOH HOH C . 
G 2 HOH 18 109 109 HOH HOH C . 
G 2 HOH 19 115 115 HOH HOH C . 
G 2 HOH 20 116 116 HOH HOH C . 
G 2 HOH 21 131 131 HOH HOH C . 
G 2 HOH 22 135 135 HOH HOH C . 
G 2 HOH 23 137 137 HOH HOH C . 
G 2 HOH 24 143 143 HOH HOH C . 
G 2 HOH 25 144 144 HOH HOH C . 
G 2 HOH 26 159 159 HOH HOH C . 
G 2 HOH 27 166 166 HOH HOH C . 
G 2 HOH 28 170 170 HOH HOH C . 
G 2 HOH 29 178 178 HOH HOH C . 
G 2 HOH 30 182 182 HOH HOH C . 
G 2 HOH 31 192 192 HOH HOH C . 
G 2 HOH 32 199 199 HOH HOH C . 
G 2 HOH 33 204 204 HOH HOH C . 
G 2 HOH 34 205 205 HOH HOH C . 
H 2 HOH 1  57  57  HOH HOH D . 
H 2 HOH 2  62  62  HOH HOH D . 
H 2 HOH 3  70  70  HOH HOH D . 
H 2 HOH 4  74  74  HOH HOH D . 
H 2 HOH 5  77  77  HOH HOH D . 
H 2 HOH 6  78  78  HOH HOH D . 
H 2 HOH 7  80  80  HOH HOH D . 
H 2 HOH 8  82  82  HOH HOH D . 
H 2 HOH 9  88  88  HOH HOH D . 
H 2 HOH 10 91  91  HOH HOH D . 
H 2 HOH 11 96  96  HOH HOH D . 
H 2 HOH 12 98  98  HOH HOH D . 
H 2 HOH 13 99  99  HOH HOH D . 
H 2 HOH 14 101 101 HOH HOH D . 
H 2 HOH 15 104 104 HOH HOH D . 
H 2 HOH 16 105 105 HOH HOH D . 
H 2 HOH 17 108 108 HOH HOH D . 
H 2 HOH 18 118 118 HOH HOH D . 
H 2 HOH 19 121 121 HOH HOH D . 
H 2 HOH 20 126 126 HOH HOH D . 
H 2 HOH 21 128 128 HOH HOH D . 
H 2 HOH 22 136 136 HOH HOH D . 
H 2 HOH 23 138 138 HOH HOH D . 
H 2 HOH 24 152 152 HOH HOH D . 
H 2 HOH 25 158 158 HOH HOH D . 
H 2 HOH 26 165 165 HOH HOH D . 
H 2 HOH 27 169 169 HOH HOH D . 
H 2 HOH 28 193 193 HOH HOH D . 
H 2 HOH 29 206 206 HOH HOH D . 
H 2 HOH 30 207 207 HOH HOH D . 
H 2 HOH 31 209 209 HOH HOH D . 
H 2 HOH 32 210 210 HOH HOH D . 
H 2 HOH 33 211 211 HOH HOH D . 
# 
loop_
_pdbx_unobs_or_zero_occ_atoms.id 
_pdbx_unobs_or_zero_occ_atoms.PDB_model_num 
_pdbx_unobs_or_zero_occ_atoms.polymer_flag 
_pdbx_unobs_or_zero_occ_atoms.occupancy_flag 
_pdbx_unobs_or_zero_occ_atoms.auth_asym_id 
_pdbx_unobs_or_zero_occ_atoms.auth_comp_id 
_pdbx_unobs_or_zero_occ_atoms.auth_seq_id 
_pdbx_unobs_or_zero_occ_atoms.PDB_ins_code 
_pdbx_unobs_or_zero_occ_atoms.auth_atom_id 
_pdbx_unobs_or_zero_occ_atoms.label_alt_id 
_pdbx_unobs_or_zero_occ_atoms.label_asym_id 
_pdbx_unobs_or_zero_occ_atoms.label_comp_id 
_pdbx_unobs_or_zero_occ_atoms.label_seq_id 
_pdbx_unobs_or_zero_occ_atoms.label_atom_id 
1  1 Y 1 D DLY 41 ? CG ? D DLY 1 CG 
2  1 Y 1 D DLY 41 ? CD ? D DLY 1 CD 
3  1 Y 1 D DLY 41 ? CE ? D DLY 1 CE 
4  1 Y 1 D DLY 41 ? NZ ? D DLY 1 NZ 
5  1 Y 1 D LYS 48 ? C  ? D LYS 8 C  
6  1 Y 1 D LYS 48 ? O  ? D LYS 8 O  
7  1 Y 1 D LYS 48 ? CB ? D LYS 8 CB 
8  1 Y 1 D LYS 48 ? CG ? D LYS 8 CG 
9  1 Y 1 D LYS 48 ? CD ? D LYS 8 CD 
10 1 Y 1 D LYS 48 ? CE ? D LYS 8 CE 
11 1 Y 1 D LYS 48 ? NZ ? D LYS 8 NZ 
# 
loop_
_software.name 
_software.classification 
_software.version 
_software.citation_id 
_software.pdbx_ordinal 
ADSC      'data collection' Quantum ? 1 
SHELXD    phasing           .       ? 2 
SHELXL-97 refinement        .       ? 3 
XDS       'data reduction'  .       ? 4 
SADABS    'data scaling'    .       ? 5 
# 
_cell.entry_id           3C1P 
_cell.length_a           26.308 
_cell.length_b           30.733 
_cell.length_c           33.550 
_cell.angle_alpha        90.00 
_cell.angle_beta         99.53 
_cell.angle_gamma        90.00 
_cell.Z_PDB              8 
_cell.pdbx_unique_axis   ? 
_cell.length_a_esd       ? 
_cell.length_b_esd       ? 
_cell.length_c_esd       ? 
_cell.angle_alpha_esd    ? 
_cell.angle_beta_esd     ? 
_cell.angle_gamma_esd    ? 
# 
_symmetry.entry_id                         3C1P 
_symmetry.space_group_name_H-M             'P 1 21 1' 
_symmetry.pdbx_full_space_group_name_H-M   ? 
_symmetry.cell_setting                     ? 
_symmetry.Int_Tables_number                4 
_symmetry.space_group_name_Hall            ? 
# 
_exptl.entry_id          3C1P 
_exptl.method            'X-RAY DIFFRACTION' 
_exptl.crystals_number   1 
# 
_exptl_crystal.id                    1 
_exptl_crystal.density_meas          ? 
_exptl_crystal.density_Matthews      2.20 
_exptl_crystal.density_percent_sol   44.14 
_exptl_crystal.description           ? 
_exptl_crystal.F_000                 ? 
_exptl_crystal.preparation           ? 
# 
_exptl_crystal_grow.crystal_id      1 
_exptl_crystal_grow.method          'VAPOR DIFFUSION, HANGING DROP' 
_exptl_crystal_grow.temp            283 
_exptl_crystal_grow.temp_details    ? 
_exptl_crystal_grow.pH              8.5 
_exptl_crystal_grow.pdbx_details    '1,6-hexanediol, MgCl2, Tris-HCl, pH 8.5, VAPOR DIFFUSION, HANGING DROP, temperature 283K' 
_exptl_crystal_grow.pdbx_pH_range   . 
# 
loop_
_exptl_crystal_grow_comp.crystal_id 
_exptl_crystal_grow_comp.id 
_exptl_crystal_grow_comp.sol_id 
_exptl_crystal_grow_comp.name 
_exptl_crystal_grow_comp.volume 
_exptl_crystal_grow_comp.conc 
_exptl_crystal_grow_comp.details 
1 1 1 1,6-hexanediol ? ? ? 
1 2 1 MgCl2          ? ? ? 
1 3 1 Tris-HCl       ? ? ? 
1 4 1 H2O            ? ? ? 
1 5 2 1,6-hexanediol ? ? ? 
1 6 2 MgCl2          ? ? ? 
1 7 2 Tris-HCl       ? ? ? 
1 8 2 H2O            ? ? ? 
# 
_diffrn.id                     1 
_diffrn.ambient_temp           100 
_diffrn.ambient_temp_details   ? 
_diffrn.crystal_id             1 
# 
_diffrn_detector.diffrn_id              1 
_diffrn_detector.detector               CCD 
_diffrn_detector.type                   'MARMOSAIC 225 mm CCD' 
_diffrn_detector.pdbx_collection_date   2005-03-05 
_diffrn_detector.details                'bendable mirror' 
# 
_diffrn_radiation.diffrn_id                        1 
_diffrn_radiation.wavelength_id                    1 
_diffrn_radiation.pdbx_monochromatic_or_laue_m_l   M 
_diffrn_radiation.monochromator                    'Si 111' 
_diffrn_radiation.pdbx_diffrn_protocol             'SINGLE WAVELENGTH' 
_diffrn_radiation.pdbx_scattering_type             x-ray 
# 
_diffrn_radiation_wavelength.id           1 
_diffrn_radiation_wavelength.wavelength   0.7999 
_diffrn_radiation_wavelength.wt           1.0 
# 
_diffrn_source.diffrn_id                   1 
_diffrn_source.source                      SYNCHROTRON 
_diffrn_source.type                        'SLS BEAMLINE X10SA' 
_diffrn_source.pdbx_synchrotron_site       SLS 
_diffrn_source.pdbx_synchrotron_beamline   X10SA 
_diffrn_source.pdbx_wavelength             ? 
_diffrn_source.pdbx_wavelength_list        0.7999 
# 
_reflns.entry_id                     3C1P 
_reflns.observed_criterion_sigma_F   ? 
_reflns.observed_criterion_sigma_I   ? 
_reflns.d_resolution_high            1.0 
_reflns.d_resolution_low             40.0 
_reflns.number_all                   28613 
_reflns.number_obs                   28613 
_reflns.percent_possible_obs         99.4 
_reflns.pdbx_Rmerge_I_obs            0.0639 
_reflns.pdbx_Rsym_value              0.0639 
_reflns.pdbx_netI_over_sigmaI        18.13 
_reflns.B_iso_Wilson_estimate        12.7 
_reflns.pdbx_redundancy              12.99 
_reflns.R_free_details               ? 
_reflns.pdbx_chi_squared             ? 
_reflns.pdbx_scaling_rejects         ? 
_reflns.limit_h_max                  ? 
_reflns.limit_h_min                  ? 
_reflns.limit_k_max                  ? 
_reflns.limit_k_min                  ? 
_reflns.limit_l_max                  ? 
_reflns.limit_l_min                  ? 
_reflns.observed_criterion_F_max     ? 
_reflns.observed_criterion_F_min     ? 
_reflns.pdbx_ordinal                 1 
_reflns.pdbx_diffrn_id               1 
# 
_reflns_shell.d_res_high             1.00 
_reflns_shell.d_res_low              1.09 
_reflns_shell.percent_possible_all   98.4 
_reflns_shell.Rmerge_I_obs           0.436 
_reflns_shell.pdbx_Rsym_value        0.436 
_reflns_shell.meanI_over_sigI_obs    4.67 
_reflns_shell.pdbx_redundancy        11.32 
_reflns_shell.percent_possible_obs   ? 
_reflns_shell.number_unique_all      6570 
_reflns_shell.number_measured_all    ? 
_reflns_shell.number_measured_obs    ? 
_reflns_shell.number_unique_obs      ? 
_reflns_shell.pdbx_chi_squared       ? 
_reflns_shell.pdbx_ordinal           1 
_reflns_shell.pdbx_diffrn_id         1 
# 
_refine.entry_id                                 3C1P 
_refine.ls_d_res_high                            1.0 
_refine.ls_d_res_low                             40.0 
_refine.pdbx_ls_sigma_F                          ? 
_refine.pdbx_ls_sigma_I                          ? 
_refine.ls_number_reflns_all                     28537 
_refine.ls_number_reflns_obs                     28537 
_refine.ls_number_reflns_R_free                  1425 
_refine.ls_percent_reflns_obs                    99.1 
_refine.ls_R_factor_all                          0.1529 
_refine.ls_R_factor_obs                          0.1529 
_refine.ls_R_factor_R_work                       0.1503 
_refine.ls_R_factor_R_free                       0.2019 
_refine.ls_redundancy_reflns_obs                 ? 
_refine.pdbx_data_cutoff_high_absF               ? 
_refine.pdbx_data_cutoff_low_absF                ? 
_refine.ls_number_parameters                     ? 
_refine.ls_number_restraints                     ? 
_refine.ls_percent_reflns_R_free                 5 
_refine.ls_R_factor_R_free_error                 ? 
_refine.ls_R_factor_R_free_error_details         ? 
_refine.pdbx_method_to_determine_struct          'AB INITIO PHASING' 
_refine.pdbx_starting_model                      ? 
_refine.pdbx_ls_cross_valid_method               THROUGHOUT 
_refine.pdbx_R_Free_selection_details            random 
_refine.pdbx_stereochem_target_val_spec_case     ? 
_refine.pdbx_stereochemistry_target_values       'Parkinson for nucleobases, Engh & Huber for peptide part' 
_refine.solvent_model_details                    ? 
_refine.solvent_model_param_bsol                 ? 
_refine.solvent_model_param_ksol                 ? 
_refine.occupancy_max                            ? 
_refine.occupancy_min                            ? 
_refine.pdbx_isotropic_thermal_model             anisotropic 
_refine.B_iso_mean                               22.4 
_refine.aniso_B[1][1]                            ? 
_refine.aniso_B[1][2]                            ? 
_refine.aniso_B[1][3]                            ? 
_refine.aniso_B[2][2]                            ? 
_refine.aniso_B[2][3]                            ? 
_refine.aniso_B[3][3]                            ? 
_refine.details                                  
'same distance restraints for link between peptide and nucleobases with no target values' 
_refine.correlation_coeff_Fo_to_Fc               ? 
_refine.correlation_coeff_Fo_to_Fc_free          ? 
_refine.pdbx_solvent_vdw_probe_radii             ? 
_refine.pdbx_solvent_ion_probe_radii             ? 
_refine.pdbx_solvent_shrinkage_radii             ? 
_refine.overall_SU_R_Cruickshank_DPI             ? 
_refine.overall_SU_R_free                        ? 
_refine.overall_SU_ML                            ? 
_refine.overall_SU_B                             ? 
_refine.pdbx_overall_ESU_R_Free                  ? 
_refine.pdbx_data_cutoff_high_rms_absF           ? 
_refine.pdbx_overall_ESU_R                       ? 
_refine.ls_wR_factor_R_free                      ? 
_refine.ls_wR_factor_R_work                      ? 
_refine.overall_FOM_free_R_set                   ? 
_refine.overall_FOM_work_R_set                   ? 
_refine.pdbx_overall_phase_error                 ? 
_refine.pdbx_refine_id                           'X-RAY DIFFRACTION' 
_refine.B_iso_min                                ? 
_refine.B_iso_max                                ? 
_refine.pdbx_diffrn_id                           1 
_refine.pdbx_TLS_residual_ADP_flag               ? 
_refine.pdbx_overall_SU_R_free_Cruickshank_DPI   ? 
_refine.pdbx_overall_SU_R_Blow_DPI               ? 
_refine.pdbx_overall_SU_R_free_Blow_DPI          ? 
# 
_refine_hist.pdbx_refine_id                   'X-RAY DIFFRACTION' 
_refine_hist.cycle_id                         LAST 
_refine_hist.pdbx_number_atoms_protein        397 
_refine_hist.pdbx_number_atoms_nucleic_acid   0 
_refine_hist.pdbx_number_atoms_ligand         0 
_refine_hist.number_atoms_solvent             140 
_refine_hist.number_atoms_total               537 
_refine_hist.d_res_high                       1.0 
_refine_hist.d_res_low                        40.0 
# 
_struct.entry_id                  3C1P 
_struct.title                     'Crystal Structure of an alternating D-Alanyl, L-Homoalanyl PNA' 
_struct.pdbx_model_details        ? 
_struct.pdbx_CASP_flag            ? 
_struct.pdbx_model_type_details   ? 
# 
_struct_keywords.entry_id        3C1P 
_struct_keywords.pdbx_keywords   'PEPTIDE NUCLEIC ACID' 
_struct_keywords.text            'Synthetic, Peptide Nucleic Acid, PNA, alanyl, homoalanyl, DE NOVO PROTEIN' 
# 
loop_
_struct_asym.id 
_struct_asym.pdbx_blank_PDB_chainid_flag 
_struct_asym.pdbx_modified 
_struct_asym.entity_id 
_struct_asym.details 
A N N 1 ? 
B N N 1 ? 
C N N 1 ? 
D N N 1 ? 
E N N 2 ? 
F N N 2 ? 
G N N 2 ? 
H N N 2 ? 
# 
_struct_ref.id                         1 
_struct_ref.db_name                    PDB 
_struct_ref.db_code                    3C1P 
_struct_ref.pdbx_db_accession          3C1P 
_struct_ref.pdbx_db_isoform            ? 
_struct_ref.entity_id                  1 
_struct_ref.pdbx_seq_one_letter_code   ? 
_struct_ref.pdbx_align_begin           1 
# 
loop_
_struct_ref_seq.align_id 
_struct_ref_seq.ref_id 
_struct_ref_seq.pdbx_PDB_id_code 
_struct_ref_seq.pdbx_strand_id 
_struct_ref_seq.seq_align_beg 
_struct_ref_seq.pdbx_seq_align_beg_ins_code 
_struct_ref_seq.seq_align_end 
_struct_ref_seq.pdbx_seq_align_end_ins_code 
_struct_ref_seq.pdbx_db_accession 
_struct_ref_seq.db_align_beg 
_struct_ref_seq.pdbx_db_align_beg_ins_code 
_struct_ref_seq.db_align_end 
_struct_ref_seq.pdbx_db_align_end_ins_code 
_struct_ref_seq.pdbx_auth_seq_align_beg 
_struct_ref_seq.pdbx_auth_seq_align_end 
1 1 3C1P A 1 ? 8 ? 3C1P 11 ? 18 ? 11 18 
2 1 3C1P B 1 ? 8 ? 3C1P 21 ? 28 ? 21 28 
3 1 3C1P C 1 ? 8 ? 3C1P 31 ? 38 ? 31 38 
4 1 3C1P D 1 ? 8 ? 3C1P 41 ? 48 ? 41 48 
# 
_pdbx_struct_assembly.id                   1 
_pdbx_struct_assembly.details              author_defined_assembly 
_pdbx_struct_assembly.method_details       ? 
_pdbx_struct_assembly.oligomeric_details   tetrameric 
_pdbx_struct_assembly.oligomeric_count     4 
# 
_pdbx_struct_assembly_gen.assembly_id       1 
_pdbx_struct_assembly_gen.oper_expression   1 
_pdbx_struct_assembly_gen.asym_id_list      A,B,C,D,E,F,G,H 
# 
_pdbx_struct_oper_list.id                   1 
_pdbx_struct_oper_list.type                 'identity operation' 
_pdbx_struct_oper_list.name                 1_555 
_pdbx_struct_oper_list.symmetry_operation   x,y,z 
_pdbx_struct_oper_list.matrix[1][1]         1.0000000000 
_pdbx_struct_oper_list.matrix[1][2]         0.0000000000 
_pdbx_struct_oper_list.matrix[1][3]         0.0000000000 
_pdbx_struct_oper_list.vector[1]            0.0000000000 
_pdbx_struct_oper_list.matrix[2][1]         0.0000000000 
_pdbx_struct_oper_list.matrix[2][2]         1.0000000000 
_pdbx_struct_oper_list.matrix[2][3]         0.0000000000 
_pdbx_struct_oper_list.vector[2]            0.0000000000 
_pdbx_struct_oper_list.matrix[3][1]         0.0000000000 
_pdbx_struct_oper_list.matrix[3][2]         0.0000000000 
_pdbx_struct_oper_list.matrix[3][3]         1.0000000000 
_pdbx_struct_oper_list.vector[3]            0.0000000000 
# 
_struct_biol.id        1 
_struct_biol.details   ? 
# 
loop_
_struct_conn.id 
_struct_conn.conn_type_id 
_struct_conn.pdbx_leaving_atom_flag 
_struct_conn.pdbx_PDB_id 
_struct_conn.ptnr1_label_asym_id 
_struct_conn.ptnr1_label_comp_id 
_struct_conn.ptnr1_label_seq_id 
_struct_conn.ptnr1_label_atom_id 
_struct_conn.pdbx_ptnr1_label_alt_id 
_struct_conn.pdbx_ptnr1_PDB_ins_code 
_struct_conn.pdbx_ptnr1_standard_comp_id 
_struct_conn.ptnr1_symmetry 
_struct_conn.ptnr2_label_asym_id 
_struct_conn.ptnr2_label_comp_id 
_struct_conn.ptnr2_label_seq_id 
_struct_conn.ptnr2_label_atom_id 
_struct_conn.pdbx_ptnr2_label_alt_id 
_struct_conn.pdbx_ptnr2_PDB_ins_code 
_struct_conn.ptnr1_auth_asym_id 
_struct_conn.ptnr1_auth_comp_id 
_struct_conn.ptnr1_auth_seq_id 
_struct_conn.ptnr2_auth_asym_id 
_struct_conn.ptnr2_auth_comp_id 
_struct_conn.ptnr2_auth_seq_id 
_struct_conn.ptnr2_symmetry 
_struct_conn.pdbx_ptnr3_label_atom_id 
_struct_conn.pdbx_ptnr3_label_seq_id 
_struct_conn.pdbx_ptnr3_label_comp_id 
_struct_conn.pdbx_ptnr3_label_asym_id 
_struct_conn.pdbx_ptnr3_label_alt_id 
_struct_conn.pdbx_ptnr3_PDB_ins_code 
_struct_conn.details 
_struct_conn.pdbx_dist_value 
_struct_conn.pdbx_value_order 
_struct_conn.pdbx_role 
covale1  covale both ? A DLY 1 C ? ? ? 1_555 A HGL 2 N ? ? A DLY 11 A HGL 12 1_555 ? ? ? ? ? ? ? 1.319 ? ? 
covale2  covale both ? A HGL 2 C ? ? ? 1_555 A AGD 3 N ? ? A HGL 12 A AGD 13 1_555 ? ? ? ? ? ? ? 1.303 ? ? 
covale3  covale both ? A AGD 3 C ? ? ? 1_555 A LHC 4 N ? ? A AGD 13 A LHC 14 1_555 ? ? ? ? ? ? ? 1.329 ? ? 
covale4  covale both ? A LHC 4 C ? ? ? 1_555 A AGD 5 N ? ? A LHC 14 A AGD 15 1_555 ? ? ? ? ? ? ? 1.346 ? ? 
covale5  covale both ? A AGD 5 C ? ? ? 1_555 A LHC 6 N ? ? A AGD 15 A LHC 16 1_555 ? ? ? ? ? ? ? 1.315 ? ? 
covale6  covale both ? A LHC 6 C ? ? ? 1_555 A CUD 7 N ? ? A LHC 16 A CUD 17 1_555 ? ? ? ? ? ? ? 1.338 ? ? 
covale7  covale both ? A CUD 7 C A ? ? 1_555 A LYS 8 N A ? A CUD 17 A LYS 18 1_555 ? ? ? ? ? ? ? 1.328 ? ? 
covale8  covale both ? B DLY 1 C ? ? ? 1_555 B HGL 2 N ? ? B DLY 21 B HGL 22 1_555 ? ? ? ? ? ? ? 1.337 ? ? 
covale9  covale both ? B HGL 2 C ? ? ? 1_555 B AGD 3 N ? ? B HGL 22 B AGD 23 1_555 ? ? ? ? ? ? ? 1.320 ? ? 
covale10 covale both ? B AGD 3 C ? ? ? 1_555 B LHC 4 N ? ? B AGD 23 B LHC 24 1_555 ? ? ? ? ? ? ? 1.348 ? ? 
covale11 covale both ? B LHC 4 C ? ? ? 1_555 B AGD 5 N ? ? B LHC 24 B AGD 25 1_555 ? ? ? ? ? ? ? 1.324 ? ? 
covale12 covale both ? B AGD 5 C ? ? ? 1_555 B LHC 6 N ? ? B AGD 25 B LHC 26 1_555 ? ? ? ? ? ? ? 1.338 ? ? 
covale13 covale both ? B LHC 6 C ? ? ? 1_555 B CUD 7 N ? ? B LHC 26 B CUD 27 1_555 ? ? ? ? ? ? ? 1.298 ? ? 
covale14 covale both ? B CUD 7 C ? ? ? 1_555 B LYS 8 N ? ? B CUD 27 B LYS 28 1_555 ? ? ? ? ? ? ? 1.314 ? ? 
covale15 covale both ? C DLY 1 C ? ? ? 1_555 C HGL 2 N ? ? C DLY 31 C HGL 32 1_555 ? ? ? ? ? ? ? 1.322 ? ? 
covale16 covale both ? C HGL 2 C ? ? ? 1_555 C AGD 3 N ? ? C HGL 32 C AGD 33 1_555 ? ? ? ? ? ? ? 1.340 ? ? 
covale17 covale both ? C AGD 3 C ? ? ? 1_555 C LHC 4 N ? ? C AGD 33 C LHC 34 1_555 ? ? ? ? ? ? ? 1.315 ? ? 
covale18 covale both ? C LHC 4 C ? ? ? 1_555 C AGD 5 N ? ? C LHC 34 C AGD 35 1_555 ? ? ? ? ? ? ? 1.339 ? ? 
covale19 covale both ? C AGD 5 C ? ? ? 1_555 C LHC 6 N ? ? C AGD 35 C LHC 36 1_555 ? ? ? ? ? ? ? 1.327 ? ? 
covale20 covale both ? C LHC 6 C ? ? ? 1_555 C CUD 7 N ? ? C LHC 36 C CUD 37 1_555 ? ? ? ? ? ? ? 1.322 ? ? 
covale21 covale both ? C CUD 7 C ? ? ? 1_555 C LYS 8 N ? ? C CUD 37 C LYS 38 1_555 ? ? ? ? ? ? ? 1.296 ? ? 
covale22 covale both ? D DLY 1 C A ? ? 1_555 D HGL 2 N A ? D DLY 41 D HGL 42 1_555 ? ? ? ? ? ? ? 1.311 ? ? 
covale23 covale both ? D DLY 1 C B ? ? 1_555 D HGL 2 N B ? D DLY 41 D HGL 42 1_555 ? ? ? ? ? ? ? 1.325 ? ? 
covale24 covale both ? D HGL 2 C ? ? ? 1_555 D AGD 3 N ? ? D HGL 42 D AGD 43 1_555 ? ? ? ? ? ? ? 1.305 ? ? 
covale25 covale both ? D AGD 3 C ? ? ? 1_555 D LHC 4 N ? ? D AGD 43 D LHC 44 1_555 ? ? ? ? ? ? ? 1.322 ? ? 
covale26 covale both ? D LHC 4 C ? ? ? 1_555 D AGD 5 N ? ? D LHC 44 D AGD 45 1_555 ? ? ? ? ? ? ? 1.337 ? ? 
covale27 covale both ? D AGD 5 C ? ? ? 1_555 D LHC 6 N ? ? D AGD 45 D LHC 46 1_555 ? ? ? ? ? ? ? 1.319 ? ? 
covale28 covale both ? D LHC 6 C ? ? ? 1_555 D CUD 7 N ? ? D LHC 46 D CUD 47 1_555 ? ? ? ? ? ? ? 1.326 ? ? 
covale29 covale both ? D CUD 7 C A ? ? 1_555 D LYS 8 N A ? D CUD 47 D LYS 48 1_555 ? ? ? ? ? ? ? 1.344 ? ? 
covale30 covale both ? D CUD 7 C B ? ? 1_555 D LYS 8 N B ? D CUD 47 D LYS 48 1_555 ? ? ? ? ? ? ? 1.346 ? ? 
# 
_struct_conn_type.id          covale 
_struct_conn_type.criteria    ? 
_struct_conn_type.reference   ? 
# 
loop_
_pdbx_modification_feature.ordinal 
_pdbx_modification_feature.label_comp_id 
_pdbx_modification_feature.label_asym_id 
_pdbx_modification_feature.label_seq_id 
_pdbx_modification_feature.label_alt_id 
_pdbx_modification_feature.modified_residue_label_comp_id 
_pdbx_modification_feature.modified_residue_label_asym_id 
_pdbx_modification_feature.modified_residue_label_seq_id 
_pdbx_modification_feature.modified_residue_label_alt_id 
_pdbx_modification_feature.auth_comp_id 
_pdbx_modification_feature.auth_asym_id 
_pdbx_modification_feature.auth_seq_id 
_pdbx_modification_feature.PDB_ins_code 
_pdbx_modification_feature.symmetry 
_pdbx_modification_feature.modified_residue_auth_comp_id 
_pdbx_modification_feature.modified_residue_auth_asym_id 
_pdbx_modification_feature.modified_residue_auth_seq_id 
_pdbx_modification_feature.modified_residue_PDB_ins_code 
_pdbx_modification_feature.modified_residue_symmetry 
_pdbx_modification_feature.comp_id_linking_atom 
_pdbx_modification_feature.modified_residue_id_linking_atom 
_pdbx_modification_feature.modified_residue_id 
_pdbx_modification_feature.ref_pcm_id 
_pdbx_modification_feature.ref_comp_id 
_pdbx_modification_feature.type 
_pdbx_modification_feature.category 
1  HGL A 2 ? . . . . HGL A 12 ? 1_555 . . . . . . . ? 1 HGL None 'Non-standard residue' 
2  AGD A 3 ? . . . . AGD A 13 ? 1_555 . . . . . . . ? 1 AGD None 'Non-standard residue' 
3  LHC A 4 ? . . . . LHC A 14 ? 1_555 . . . . . . . ? 1 LHC None 'Non-standard residue' 
4  AGD A 5 ? . . . . AGD A 15 ? 1_555 . . . . . . . ? 1 AGD None 'Non-standard residue' 
5  LHC A 6 ? . . . . LHC A 16 ? 1_555 . . . . . . . ? 1 LHC None 'Non-standard residue' 
6  CUD A 7 ? . . . . CUD A 17 ? 1_555 . . . . . . . ? 1 CUD None 'Non-standard residue' 
7  CUD A 7 A . . . . CUD A 17 ? 1_555 . . . . . . . ? 1 CUD None 'Non-standard residue' 
8  HGL B 2 ? . . . . HGL B 22 ? 1_555 . . . . . . . ? 1 HGL None 'Non-standard residue' 
9  AGD B 3 ? . . . . AGD B 23 ? 1_555 . . . . . . . ? 1 AGD None 'Non-standard residue' 
10 LHC B 4 ? . . . . LHC B 24 ? 1_555 . . . . . . . ? 1 LHC None 'Non-standard residue' 
11 AGD B 5 ? . . . . AGD B 25 ? 1_555 . . . . . . . ? 1 AGD None 'Non-standard residue' 
12 LHC B 6 ? . . . . LHC B 26 ? 1_555 . . . . . . . ? 1 LHC None 'Non-standard residue' 
13 CUD B 7 ? . . . . CUD B 27 ? 1_555 . . . . . . . ? 1 CUD None 'Non-standard residue' 
14 HGL C 2 ? . . . . HGL C 32 ? 1_555 . . . . . . . ? 1 HGL None 'Non-standard residue' 
15 AGD C 3 ? . . . . AGD C 33 ? 1_555 . . . . . . . ? 1 AGD None 'Non-standard residue' 
16 LHC C 4 ? . . . . LHC C 34 ? 1_555 . . . . . . . ? 1 LHC None 'Non-standard residue' 
17 AGD C 5 ? . . . . AGD C 35 ? 1_555 . . . . . . . ? 1 AGD None 'Non-standard residue' 
18 LHC C 6 ? . . . . LHC C 36 ? 1_555 . . . . . . . ? 1 LHC None 'Non-standard residue' 
19 CUD C 7 ? . . . . CUD C 37 ? 1_555 . . . . . . . ? 1 CUD None 'Non-standard residue' 
20 HGL D 2 ? . . . . HGL D 42 ? 1_555 . . . . . . . ? 1 HGL None 'Non-standard residue' 
21 HGL D 2 A . . . . HGL D 42 ? 1_555 . . . . . . . ? 1 HGL None 'Non-standard residue' 
22 HGL D 2 B . . . . HGL D 42 ? 1_555 . . . . . . . ? 1 HGL None 'Non-standard residue' 
23 AGD D 3 ? . . . . AGD D 43 ? 1_555 . . . . . . . ? 1 AGD None 'Non-standard residue' 
24 LHC D 4 ? . . . . LHC D 44 ? 1_555 . . . . . . . ? 1 LHC None 'Non-standard residue' 
25 AGD D 5 ? . . . . AGD D 45 ? 1_555 . . . . . . . ? 1 AGD None 'Non-standard residue' 
26 LHC D 6 ? . . . . LHC D 46 ? 1_555 . . . . . . . ? 1 LHC None 'Non-standard residue' 
27 CUD D 7 ? . . . . CUD D 47 ? 1_555 . . . . . . . ? 1 CUD None 'Non-standard residue' 
28 CUD D 7 A . . . . CUD D 47 ? 1_555 . . . . . . . ? 1 CUD None 'Non-standard residue' 
29 CUD D 7 B . . . . CUD D 47 ? 1_555 . . . . . . . ? 1 CUD None 'Non-standard residue' 
# 
loop_
_struct_site.id 
_struct_site.pdbx_evidence_code 
_struct_site.pdbx_auth_asym_id 
_struct_site.pdbx_auth_comp_id 
_struct_site.pdbx_auth_seq_id 
_struct_site.pdbx_auth_ins_code 
_struct_site.pdbx_num_residues 
_struct_site.details 
AC1 Software A DLY 11 ? 6  'BINDING SITE FOR RESIDUE DLY A 11' 
AC2 Software A HGL 12 ? 9  'BINDING SITE FOR RESIDUE HGL A 12' 
AC3 Software A AGD 13 ? 10 'BINDING SITE FOR RESIDUE AGD A 13' 
AC4 Software A LHC 14 ? 10 'BINDING SITE FOR RESIDUE LHC A 14' 
AC5 Software A AGD 15 ? 12 'BINDING SITE FOR RESIDUE AGD A 15' 
AC6 Software A LHC 16 ? 11 'BINDING SITE FOR RESIDUE LHC A 16' 
AC7 Software A CUD 17 ? 7  'BINDING SITE FOR RESIDUE CUD A 17' 
AC8 Software B DLY 21 ? 6  'BINDING SITE FOR RESIDUE DLY B 21' 
AC9 Software B HGL 22 ? 7  'BINDING SITE FOR RESIDUE HGL B 22' 
BC1 Software B AGD 23 ? 9  'BINDING SITE FOR RESIDUE AGD B 23' 
BC2 Software B LHC 24 ? 10 'BINDING SITE FOR RESIDUE LHC B 24' 
BC3 Software B AGD 25 ? 7  'BINDING SITE FOR RESIDUE AGD B 25' 
BC4 Software B LHC 26 ? 9  'BINDING SITE FOR RESIDUE LHC B 26' 
BC5 Software B CUD 27 ? 5  'BINDING SITE FOR RESIDUE CUD B 27' 
BC6 Software C DLY 31 ? 6  'BINDING SITE FOR RESIDUE DLY C 31' 
BC7 Software C HGL 32 ? 8  'BINDING SITE FOR RESIDUE HGL C 32' 
BC8 Software C AGD 33 ? 12 'BINDING SITE FOR RESIDUE AGD C 33' 
BC9 Software C LHC 34 ? 10 'BINDING SITE FOR RESIDUE LHC C 34' 
CC1 Software C AGD 35 ? 10 'BINDING SITE FOR RESIDUE AGD C 35' 
CC2 Software C LHC 36 ? 10 'BINDING SITE FOR RESIDUE LHC C 36' 
CC3 Software C CUD 37 ? 7  'BINDING SITE FOR RESIDUE CUD C 37' 
CC4 Software D DLY 41 ? 4  'BINDING SITE FOR RESIDUE DLY D 41' 
CC5 Software D HGL 42 ? 11 'BINDING SITE FOR RESIDUE HGL D 42' 
CC6 Software D AGD 43 ? 12 'BINDING SITE FOR RESIDUE AGD D 43' 
CC7 Software D LHC 44 ? 9  'BINDING SITE FOR RESIDUE LHC D 44' 
CC8 Software D AGD 45 ? 12 'BINDING SITE FOR RESIDUE AGD D 45' 
CC9 Software D LHC 46 ? 11 'BINDING SITE FOR RESIDUE LHC D 46' 
DC1 Software D CUD 47 ? 7  'BINDING SITE FOR RESIDUE CUD D 47' 
# 
loop_
_struct_site_gen.id 
_struct_site_gen.site_id 
_struct_site_gen.pdbx_num_res 
_struct_site_gen.label_comp_id 
_struct_site_gen.label_asym_id 
_struct_site_gen.label_seq_id 
_struct_site_gen.pdbx_auth_ins_code 
_struct_site_gen.auth_comp_id 
_struct_site_gen.auth_asym_id 
_struct_site_gen.auth_seq_id 
_struct_site_gen.label_atom_id 
_struct_site_gen.label_alt_id 
_struct_site_gen.symmetry 
_struct_site_gen.details 
1   AC1 6  HGL A 2 ? HGL A 12  . ? 1_555 ? 
2   AC1 6  AGD A 3 ? AGD A 13  . ? 1_555 ? 
3   AC1 6  LHC A 4 ? LHC A 14  . ? 1_555 ? 
4   AC1 6  HOH E . ? HOH A 75  . ? 1_555 ? 
5   AC1 6  HOH E . ? HOH A 130 . ? 1_555 ? 
6   AC1 6  HGL D 2 ? HGL D 42  . ? 1_545 ? 
7   AC2 9  DLY A 1 ? DLY A 11  . ? 1_555 ? 
8   AC2 9  AGD A 3 ? AGD A 13  . ? 1_555 ? 
9   AC2 9  LHC A 4 ? LHC A 14  . ? 1_555 ? 
10  AC2 9  HOH E . ? HOH A 55  . ? 1_555 ? 
11  AC2 9  HOH E . ? HOH A 87  . ? 1_555 ? 
12  AC2 9  HOH E . ? HOH A 196 . ? 1_555 ? 
13  AC2 9  HOH E . ? HOH A 200 . ? 1_555 ? 
14  AC2 9  LHC B 6 ? LHC B 26  . ? 1_555 ? 
15  AC2 9  CUD B 7 ? CUD B 27  . ? 1_555 ? 
16  AC3 10 DLY A 1 ? DLY A 11  . ? 1_555 ? 
17  AC3 10 HGL A 2 ? HGL A 12  . ? 1_555 ? 
18  AC3 10 LHC A 4 ? LHC A 14  . ? 1_555 ? 
19  AC3 10 AGD A 5 ? AGD A 15  . ? 1_555 ? 
20  AC3 10 LHC A 6 ? LHC A 16  . ? 1_555 ? 
21  AC3 10 HOH E . ? HOH A 64  . ? 1_555 ? 
22  AC3 10 HOH E . ? HOH A 112 . ? 1_555 ? 
23  AC3 10 HOH E . ? HOH A 145 . ? 1_555 ? 
24  AC3 10 AGD B 3 ? AGD B 23  . ? 1_555 ? 
25  AC3 10 LHC B 6 ? LHC B 26  . ? 1_555 ? 
26  AC4 10 DLY A 1 ? DLY A 11  . ? 1_555 ? 
27  AC4 10 HGL A 2 ? HGL A 12  . ? 1_555 ? 
28  AC4 10 AGD A 3 ? AGD A 13  . ? 1_555 ? 
29  AC4 10 AGD A 5 ? AGD A 15  . ? 1_555 ? 
30  AC4 10 LHC A 6 ? LHC A 16  . ? 1_555 ? 
31  AC4 10 HOH E . ? HOH A 51  . ? 1_555 ? 
32  AC4 10 HOH E . ? HOH A 111 . ? 1_555 ? 
33  AC4 10 HOH E . ? HOH A 132 . ? 1_555 ? 
34  AC4 10 LHC C 4 ? LHC C 34  . ? 1_555 ? 
35  AC4 10 AGD C 5 ? AGD C 35  . ? 1_555 ? 
36  AC5 12 AGD A 3 ? AGD A 13  . ? 1_555 ? 
37  AC5 12 LHC A 4 ? LHC A 14  . ? 1_555 ? 
38  AC5 12 LHC A 6 ? LHC A 16  . ? 1_555 ? 
39  AC5 12 CUD A 7 ? CUD A 17  . ? 1_555 ? 
40  AC5 12 LYS A 8 ? LYS A 18  . ? 1_555 ? 
41  AC5 12 HOH E . ? HOH A 65  . ? 1_555 ? 
42  AC5 12 HOH E . ? HOH A 69  . ? 1_555 ? 
43  AC5 12 HOH E . ? HOH A 76  . ? 1_555 ? 
44  AC5 12 HOH E . ? HOH A 114 . ? 1_555 ? 
45  AC5 12 DLY C 1 ? DLY C 31  . ? 1_555 ? 
46  AC5 12 LHC C 4 ? LHC C 34  . ? 1_555 ? 
47  AC5 12 HOH G . ? HOH C 86  . ? 1_555 ? 
48  AC6 11 AGD A 3 ? AGD A 13  . ? 1_555 ? 
49  AC6 11 LHC A 4 ? LHC A 14  . ? 1_555 ? 
50  AC6 11 AGD A 5 ? AGD A 15  . ? 1_555 ? 
51  AC6 11 CUD A 7 ? CUD A 17  . ? 1_555 ? 
52  AC6 11 LYS A 8 ? LYS A 18  . ? 1_555 ? 
53  AC6 11 HOH E . ? HOH A 84  . ? 1_555 ? 
54  AC6 11 HOH E . ? HOH A 102 . ? 1_555 ? 
55  AC6 11 HOH E . ? HOH A 122 . ? 1_555 ? 
56  AC6 11 HOH E . ? HOH A 172 . ? 1_555 ? 
57  AC6 11 HGL B 2 ? HGL B 22  . ? 1_555 ? 
58  AC6 11 AGD B 3 ? AGD B 23  . ? 1_555 ? 
59  AC7 7  AGD A 5 ? AGD A 15  . ? 1_555 ? 
60  AC7 7  LHC A 6 ? LHC A 16  . ? 1_555 ? 
61  AC7 7  LYS A 8 ? LYS A 18  . ? 1_555 ? 
62  AC7 7  HOH E . ? HOH A 117 . ? 1_555 ? 
63  AC7 7  HOH E . ? HOH A 129 . ? 1_555 ? 
64  AC7 7  HOH E . ? HOH A 163 . ? 1_555 ? 
65  AC7 7  HGL B 2 ? HGL B 22  . ? 1_555 ? 
66  AC8 6  HGL B 2 ? HGL B 22  . ? 1_555 ? 
67  AC8 6  AGD B 3 ? AGD B 23  . ? 1_555 ? 
68  AC8 6  LHC B 4 ? LHC B 24  . ? 1_555 ? 
69  AC8 6  HOH F . ? HOH B 160 . ? 1_555 ? 
70  AC8 6  HOH F . ? HOH B 185 . ? 1_555 ? 
71  AC8 6  AGD D 5 ? AGD D 45  . ? 1_555 ? 
72  AC9 7  LHC A 6 ? LHC A 16  . ? 1_555 ? 
73  AC9 7  CUD A 7 ? CUD A 17  . ? 1_555 ? 
74  AC9 7  DLY B 1 ? DLY B 21  . ? 1_555 ? 
75  AC9 7  AGD B 3 ? AGD B 23  . ? 1_555 ? 
76  AC9 7  LHC B 4 ? LHC B 24  . ? 1_555 ? 
77  AC9 7  HOH F . ? HOH B 85  . ? 1_555 ? 
78  AC9 7  HOH F . ? HOH B 107 . ? 1_555 ? 
79  BC1 9  AGD A 3 ? AGD A 13  . ? 1_555 ? 
80  BC1 9  LHC A 6 ? LHC A 16  . ? 1_555 ? 
81  BC1 9  DLY B 1 ? DLY B 21  . ? 1_555 ? 
82  BC1 9  HGL B 2 ? HGL B 22  . ? 1_555 ? 
83  BC1 9  LHC B 4 ? LHC B 24  . ? 1_555 ? 
84  BC1 9  AGD B 5 ? AGD B 25  . ? 1_555 ? 
85  BC1 9  LHC B 6 ? LHC B 26  . ? 1_555 ? 
86  BC1 9  HOH F . ? HOH B 120 . ? 1_555 ? 
87  BC1 9  HOH F . ? HOH B 149 . ? 1_555 ? 
88  BC2 10 DLY B 1 ? DLY B 21  . ? 1_555 ? 
89  BC2 10 HGL B 2 ? HGL B 22  . ? 1_555 ? 
90  BC2 10 AGD B 3 ? AGD B 23  . ? 1_555 ? 
91  BC2 10 AGD B 5 ? AGD B 25  . ? 1_555 ? 
92  BC2 10 LHC B 6 ? LHC B 26  . ? 1_555 ? 
93  BC2 10 HOH F . ? HOH B 52  . ? 1_555 ? 
94  BC2 10 HOH F . ? HOH B 95  . ? 1_555 ? 
95  BC2 10 HOH F . ? HOH B 140 . ? 1_555 ? 
96  BC2 10 LHC D 4 ? LHC D 44  . ? 1_555 ? 
97  BC2 10 AGD D 5 ? AGD D 45  . ? 1_555 ? 
98  BC3 7  AGD B 3 ? AGD B 23  . ? 1_555 ? 
99  BC3 7  LHC B 4 ? LHC B 24  . ? 1_555 ? 
100 BC3 7  LHC B 6 ? LHC B 26  . ? 1_555 ? 
101 BC3 7  CUD B 7 ? CUD B 27  . ? 1_555 ? 
102 BC3 7  HOH F . ? HOH B 81  . ? 1_555 ? 
103 BC3 7  HOH F . ? HOH B 188 . ? 1_555 ? 
104 BC3 7  LHC D 4 ? LHC D 44  . ? 1_555 ? 
105 BC4 9  HGL A 2 ? HGL A 12  . ? 1_555 ? 
106 BC4 9  AGD A 3 ? AGD A 13  . ? 1_555 ? 
107 BC4 9  AGD B 3 ? AGD B 23  . ? 1_555 ? 
108 BC4 9  LHC B 4 ? LHC B 24  . ? 1_555 ? 
109 BC4 9  AGD B 5 ? AGD B 25  . ? 1_555 ? 
110 BC4 9  CUD B 7 ? CUD B 27  . ? 1_555 ? 
111 BC4 9  HOH F . ? HOH B 139 . ? 1_555 ? 
112 BC4 9  HOH F . ? HOH B 142 . ? 1_555 ? 
113 BC4 9  HOH F . ? HOH B 186 . ? 1_555 ? 
114 BC5 5  HGL A 2 ? HGL A 12  . ? 1_555 ? 
115 BC5 5  AGD B 5 ? AGD B 25  . ? 1_555 ? 
116 BC5 5  LHC B 6 ? LHC B 26  . ? 1_555 ? 
117 BC5 5  LYS B 8 ? LYS B 28  . ? 1_555 ? 
118 BC5 5  HOH F . ? HOH B 113 . ? 1_555 ? 
119 BC6 6  AGD A 5 ? AGD A 15  . ? 1_555 ? 
120 BC6 6  HGL C 2 ? HGL C 32  . ? 1_555 ? 
121 BC6 6  AGD C 3 ? AGD C 33  . ? 1_555 ? 
122 BC6 6  LHC C 4 ? LHC C 34  . ? 1_555 ? 
123 BC6 6  HOH G . ? HOH C 86  . ? 1_555 ? 
124 BC6 6  HOH G . ? HOH C 97  . ? 1_555 ? 
125 BC7 8  DLY C 1 ? DLY C 31  . ? 1_555 ? 
126 BC7 8  AGD C 3 ? AGD C 33  . ? 1_555 ? 
127 BC7 8  LHC C 4 ? LHC C 34  . ? 1_555 ? 
128 BC7 8  HOH G . ? HOH C 60  . ? 1_555 ? 
129 BC7 8  HOH G . ? HOH C 68  . ? 1_555 ? 
130 BC7 8  HOH G . ? HOH C 192 . ? 1_555 ? 
131 BC7 8  LHC D 6 ? LHC D 46  . ? 1_555 ? 
132 BC7 8  CUD D 7 ? CUD D 47  . ? 1_555 ? 
133 BC8 12 DLY C 1 ? DLY C 31  . ? 1_555 ? 
134 BC8 12 HGL C 2 ? HGL C 32  . ? 1_555 ? 
135 BC8 12 LHC C 4 ? LHC C 34  . ? 1_555 ? 
136 BC8 12 AGD C 5 ? AGD C 35  . ? 1_555 ? 
137 BC8 12 LHC C 6 ? LHC C 36  . ? 1_555 ? 
138 BC8 12 HOH G . ? HOH C 53  . ? 1_555 ? 
139 BC8 12 HOH G . ? HOH C 116 . ? 1_555 ? 
140 BC8 12 HOH G . ? HOH C 131 . ? 1_555 ? 
141 BC8 12 HOH G . ? HOH C 135 . ? 1_555 ? 
142 BC8 12 HOH G . ? HOH C 170 . ? 1_555 ? 
143 BC8 12 AGD D 3 ? AGD D 43  . ? 1_555 ? 
144 BC8 12 LHC D 6 ? LHC D 46  . ? 1_555 ? 
145 BC9 10 LHC A 4 ? LHC A 14  . ? 1_555 ? 
146 BC9 10 AGD A 5 ? AGD A 15  . ? 1_555 ? 
147 BC9 10 DLY C 1 ? DLY C 31  . ? 1_555 ? 
148 BC9 10 HGL C 2 ? HGL C 32  . ? 1_555 ? 
149 BC9 10 AGD C 3 ? AGD C 33  . ? 1_555 ? 
150 BC9 10 AGD C 5 ? AGD C 35  . ? 1_555 ? 
151 BC9 10 LHC C 6 ? LHC C 36  . ? 1_555 ? 
152 BC9 10 HOH G . ? HOH C 72  . ? 1_555 ? 
153 BC9 10 HOH G . ? HOH C 79  . ? 1_555 ? 
154 BC9 10 HOH G . ? HOH C 106 . ? 1_555 ? 
155 CC1 10 LHC A 4 ? LHC A 14  . ? 1_555 ? 
156 CC1 10 AGD C 3 ? AGD C 33  . ? 1_555 ? 
157 CC1 10 LHC C 4 ? LHC C 34  . ? 1_555 ? 
158 CC1 10 LHC C 6 ? LHC C 36  . ? 1_555 ? 
159 CC1 10 CUD C 7 ? CUD C 37  . ? 1_555 ? 
160 CC1 10 LYS C 8 ? LYS C 38  . ? 1_555 ? 
161 CC1 10 HOH G . ? HOH C 58  . ? 1_555 ? 
162 CC1 10 HOH G . ? HOH C 71  . ? 1_555 ? 
163 CC1 10 HOH G . ? HOH C 83  . ? 1_555 ? 
164 CC1 10 HOH G . ? HOH C 182 . ? 1_555 ? 
165 CC2 10 AGD C 3 ? AGD C 33  . ? 1_555 ? 
166 CC2 10 LHC C 4 ? LHC C 34  . ? 1_555 ? 
167 CC2 10 AGD C 5 ? AGD C 35  . ? 1_555 ? 
168 CC2 10 CUD C 7 ? CUD C 37  . ? 1_555 ? 
169 CC2 10 LYS C 8 ? LYS C 38  . ? 1_555 ? 
170 CC2 10 HOH G . ? HOH C 94  . ? 1_555 ? 
171 CC2 10 HOH G . ? HOH C 103 . ? 1_555 ? 
172 CC2 10 HOH G . ? HOH C 159 . ? 1_555 ? 
173 CC2 10 HGL D 2 ? HGL D 42  . ? 1_555 ? 
174 CC2 10 AGD D 3 ? AGD D 43  . ? 1_555 ? 
175 CC3 7  AGD C 5 ? AGD C 35  . ? 1_555 ? 
176 CC3 7  LHC C 6 ? LHC C 36  . ? 1_555 ? 
177 CC3 7  LYS C 8 ? LYS C 38  . ? 1_555 ? 
178 CC3 7  HOH G . ? HOH C 63  . ? 1_555 ? 
179 CC3 7  HOH G . ? HOH C 166 . ? 1_555 ? 
180 CC3 7  HGL D 2 ? HGL D 42  . ? 1_555 ? 
181 CC3 7  HOH H . ? HOH D 70  . ? 1_555 ? 
182 CC4 4  HGL D 2 ? HGL D 42  . ? 1_555 ? 
183 CC4 4  AGD D 3 ? AGD D 43  . ? 1_555 ? 
184 CC4 4  LHC D 4 ? LHC D 44  . ? 1_555 ? 
185 CC4 4  HOH H . ? HOH D 138 . ? 1_555 ? 
186 CC5 11 DLY A 1 ? DLY A 11  . ? 1_565 ? 
187 CC5 11 LHC C 6 ? LHC C 36  . ? 1_555 ? 
188 CC5 11 CUD C 7 ? CUD C 37  . ? 1_555 ? 
189 CC5 11 DLY D 1 ? DLY D 41  . ? 1_555 ? 
190 CC5 11 AGD D 3 ? AGD D 43  . ? 1_555 ? 
191 CC5 11 LHC D 4 ? LHC D 44  . ? 1_555 ? 
192 CC5 11 HOH H . ? HOH D 80  . ? 1_555 ? 
193 CC5 11 HOH H . ? HOH D 82  . ? 1_555 ? 
194 CC5 11 HOH H . ? HOH D 88  . ? 1_555 ? 
195 CC5 11 HOH H . ? HOH D 96  . ? 1_555 ? 
196 CC5 11 HOH H . ? HOH D 193 . ? 1_555 ? 
197 CC6 12 AGD C 3 ? AGD C 33  . ? 1_555 ? 
198 CC6 12 LHC C 6 ? LHC C 36  . ? 1_555 ? 
199 CC6 12 HOH G . ? HOH C 116 . ? 1_555 ? 
200 CC6 12 DLY D 1 ? DLY D 41  . ? 1_555 ? 
201 CC6 12 HGL D 2 ? HGL D 42  . ? 1_555 ? 
202 CC6 12 LHC D 4 ? LHC D 44  . ? 1_555 ? 
203 CC6 12 AGD D 5 ? AGD D 45  . ? 1_555 ? 
204 CC6 12 LHC D 6 ? LHC D 46  . ? 1_555 ? 
205 CC6 12 HOH H . ? HOH D 104 . ? 1_555 ? 
206 CC6 12 HOH H . ? HOH D 118 . ? 1_555 ? 
207 CC6 12 HOH H . ? HOH D 158 . ? 1_555 ? 
208 CC6 12 HOH H . ? HOH D 211 . ? 1_555 ? 
209 CC7 9  LHC B 4 ? LHC B 24  . ? 1_555 ? 
210 CC7 9  AGD B 5 ? AGD B 25  . ? 1_555 ? 
211 CC7 9  DLY D 1 ? DLY D 41  . ? 1_555 ? 
212 CC7 9  HGL D 2 ? HGL D 42  . ? 1_555 ? 
213 CC7 9  AGD D 3 ? AGD D 43  . ? 1_555 ? 
214 CC7 9  AGD D 5 ? AGD D 45  . ? 1_555 ? 
215 CC7 9  LHC D 6 ? LHC D 46  . ? 1_555 ? 
216 CC7 9  HOH H . ? HOH D 78  . ? 1_555 ? 
217 CC7 9  HOH H . ? HOH D 128 . ? 1_555 ? 
218 CC8 12 DLY B 1 ? DLY B 21  . ? 1_555 ? 
219 CC8 12 LHC B 4 ? LHC B 24  . ? 1_555 ? 
220 CC8 12 HOH F . ? HOH B 185 . ? 1_555 ? 
221 CC8 12 AGD D 3 ? AGD D 43  . ? 1_555 ? 
222 CC8 12 LHC D 4 ? LHC D 44  . ? 1_555 ? 
223 CC8 12 LHC D 6 ? LHC D 46  . ? 1_555 ? 
224 CC8 12 CUD D 7 ? CUD D 47  . ? 1_555 ? 
225 CC8 12 LYS D 8 ? LYS D 48  . ? 1_555 ? 
226 CC8 12 HOH H . ? HOH D 57  . ? 1_555 ? 
227 CC8 12 HOH H . ? HOH D 62  . ? 1_555 ? 
228 CC8 12 HOH H . ? HOH D 99  . ? 1_555 ? 
229 CC8 12 HOH H . ? HOH D 108 . ? 1_555 ? 
230 CC9 11 HGL C 2 ? HGL C 32  . ? 1_555 ? 
231 CC9 11 AGD C 3 ? AGD C 33  . ? 1_555 ? 
232 CC9 11 AGD D 3 ? AGD D 43  . ? 1_555 ? 
233 CC9 11 LHC D 4 ? LHC D 44  . ? 1_555 ? 
234 CC9 11 AGD D 5 ? AGD D 45  . ? 1_555 ? 
235 CC9 11 CUD D 7 ? CUD D 47  . ? 1_555 ? 
236 CC9 11 LYS D 8 ? LYS D 48  . ? 1_555 ? 
237 CC9 11 HOH H . ? HOH D 74  . ? 1_555 ? 
238 CC9 11 HOH H . ? HOH D 91  . ? 1_555 ? 
239 CC9 11 HOH H . ? HOH D 98  . ? 1_555 ? 
240 CC9 11 HOH H . ? HOH D 105 . ? 1_555 ? 
241 DC1 7  HGL C 2 ? HGL C 32  . ? 1_555 ? 
242 DC1 7  AGD D 5 ? AGD D 45  . ? 1_555 ? 
243 DC1 7  LHC D 6 ? LHC D 46  . ? 1_555 ? 
244 DC1 7  LYS D 8 ? LYS D 48  . ? 1_555 ? 
245 DC1 7  HOH H . ? HOH D 77  . ? 1_555 ? 
246 DC1 7  HOH H . ? HOH D 126 . ? 1_555 ? 
247 DC1 7  HOH H . ? HOH D 169 . ? 1_555 ? 
# 
_pdbx_entry_details.entry_id                   3C1P 
_pdbx_entry_details.compound_details           ? 
_pdbx_entry_details.source_details             ? 
_pdbx_entry_details.nonpolymer_details         ? 
_pdbx_entry_details.sequence_details           ? 
_pdbx_entry_details.has_ligand_of_interest     ? 
_pdbx_entry_details.has_protein_modification   Y 
# 
_pdbx_molecule_features.prd_id    PRD_000110 
_pdbx_molecule_features.name      DLY-HGL-AGD-LHC-AGD-LHC-CUD-LYS 
_pdbx_molecule_features.type      Polypeptide 
_pdbx_molecule_features.class     Antibiotic 
_pdbx_molecule_features.details   ? 
# 
loop_
_pdbx_molecule.instance_id 
_pdbx_molecule.prd_id 
_pdbx_molecule.asym_id 
1 PRD_000110 A 
2 PRD_000110 B 
3 PRD_000110 C 
4 PRD_000110 D 
# 
loop_
_chem_comp_atom.comp_id 
_chem_comp_atom.atom_id 
_chem_comp_atom.type_symbol 
_chem_comp_atom.pdbx_aromatic_flag 
_chem_comp_atom.pdbx_stereo_config 
_chem_comp_atom.pdbx_ordinal 
AGD C2   C N N 1   
AGD C4   C Y N 2   
AGD C5   C Y N 3   
AGD C6   C N N 4   
AGD N    N N N 5   
AGD CA   C N R 6   
AGD CB   C N N 7   
AGD N9   N Y N 8   
AGD N3   N N N 9   
AGD N2   N N N 10  
AGD N1   N N N 11  
AGD O6   O N N 12  
AGD N7   N Y N 13  
AGD C8   C Y N 14  
AGD C    C N N 15  
AGD O    O N N 16  
AGD OXT  O N N 17  
AGD HN1  H N N 18  
AGD H    H N N 19  
AGD HA   H N N 20  
AGD HB   H N N 21  
AGD HBA  H N N 22  
AGD HN2  H N N 23  
AGD HN2A H N N 24  
AGD H8   H N N 25  
AGD H2   H N N 26  
AGD HXT  H N N 27  
CUD C2   C N N 28  
CUD C4   C N N 29  
CUD C5   C N N 30  
CUD C6   C N N 31  
CUD N    N N N 32  
CUD CA   C N R 33  
CUD CB   C N N 34  
CUD N1   N N N 35  
CUD N4   N N N 36  
CUD N3   N N N 37  
CUD O2   O N N 38  
CUD C    C N N 39  
CUD O    O N N 40  
CUD OXT  O N N 41  
CUD H    H N N 42  
CUD HA   H N N 43  
CUD HB   H N N 44  
CUD HBA  H N N 45  
CUD H6   H N N 46  
CUD H5   H N N 47  
CUD HN4  H N N 48  
CUD HN4A H N N 49  
CUD H2   H N N 50  
CUD HXT  H N N 51  
DLY N    N N N 52  
DLY CA   C N R 53  
DLY C    C N N 54  
DLY O    O N N 55  
DLY CB   C N N 56  
DLY CG   C N N 57  
DLY CD   C N N 58  
DLY CE   C N N 59  
DLY NZ   N N N 60  
DLY OXT  O N N 61  
DLY H    H N N 62  
DLY H2   H N N 63  
DLY HA   H N N 64  
DLY HB2  H N N 65  
DLY HB3  H N N 66  
DLY HG2  H N N 67  
DLY HG3  H N N 68  
DLY HD2  H N N 69  
DLY HD3  H N N 70  
DLY HE2  H N N 71  
DLY HE3  H N N 72  
DLY HZ1  H N N 73  
DLY HZ2  H N N 74  
DLY HXT  H N N 75  
HGL C2   C N N 76  
HGL O6   O N N 77  
HGL C4   C Y N 78  
HGL C5   C Y N 79  
HGL C6   C N N 80  
HGL C8   C Y N 81  
HGL N    N N N 82  
HGL CA   C N S 83  
HGL CB   C N N 84  
HGL CG   C N N 85  
HGL N9   N Y N 86  
HGL N3   N N N 87  
HGL N2   N N N 88  
HGL N1   N N N 89  
HGL N7   N Y N 90  
HGL C    C N N 91  
HGL O    O N N 92  
HGL OXT  O N N 93  
HGL HN1  H N N 94  
HGL H    H N N 95  
HGL HA   H N N 96  
HGL HB   H N N 97  
HGL HBA  H N N 98  
HGL HG   H N N 99  
HGL HGA  H N N 100 
HGL HN2  H N N 101 
HGL HN2A H N N 102 
HGL H8   H N N 103 
HGL H2   H N N 104 
HGL HXT  H N N 105 
HOH O    O N N 106 
HOH H1   H N N 107 
HOH H2   H N N 108 
LHC N    N N N 109 
LHC CA   C N S 110 
LHC CB   C N N 111 
LHC CG   C N N 112 
LHC N1   N N N 113 
LHC C6   C N N 114 
LHC C5   C N N 115 
LHC C4   C N N 116 
LHC N4   N N N 117 
LHC N3   N N N 118 
LHC C2   C N N 119 
LHC O2   O N N 120 
LHC C    C N N 121 
LHC O    O N N 122 
LHC OXT  O N N 123 
LHC H    H N N 124 
LHC HA   H N N 125 
LHC HB   H N N 126 
LHC HBA  H N N 127 
LHC HG   H N N 128 
LHC HGA  H N N 129 
LHC H6   H N N 130 
LHC H5   H N N 131 
LHC HN4  H N N 132 
LHC HN4A H N N 133 
LHC H2   H N N 134 
LHC HXT  H N N 135 
LYS N    N N N 136 
LYS CA   C N S 137 
LYS C    C N N 138 
LYS O    O N N 139 
LYS CB   C N N 140 
LYS CG   C N N 141 
LYS CD   C N N 142 
LYS CE   C N N 143 
LYS NZ   N N N 144 
LYS OXT  O N N 145 
LYS H    H N N 146 
LYS H2   H N N 147 
LYS HA   H N N 148 
LYS HB2  H N N 149 
LYS HB3  H N N 150 
LYS HG2  H N N 151 
LYS HG3  H N N 152 
LYS HD2  H N N 153 
LYS HD3  H N N 154 
LYS HE2  H N N 155 
LYS HE3  H N N 156 
LYS HZ1  H N N 157 
LYS HZ2  H N N 158 
LYS HZ3  H N N 159 
LYS HXT  H N N 160 
# 
loop_
_chem_comp_bond.comp_id 
_chem_comp_bond.atom_id_1 
_chem_comp_bond.atom_id_2 
_chem_comp_bond.value_order 
_chem_comp_bond.pdbx_aromatic_flag 
_chem_comp_bond.pdbx_stereo_config 
_chem_comp_bond.pdbx_ordinal 
AGD N1   C2   sing N N 1   
AGD C2   N2   sing N N 2   
AGD C2   N3   doub N N 3   
AGD C5   C4   doub Y N 4   
AGD C4   N3   sing N N 5   
AGD C4   N9   sing Y N 6   
AGD C6   C5   sing N N 7   
AGD N7   C5   sing Y N 8   
AGD O6   C6   doub N N 9   
AGD C6   N1   sing N N 10  
AGD CA   N    sing N N 11  
AGD N    H    sing N N 12  
AGD N    H2   sing N N 13  
AGD CB   CA   sing N N 14  
AGD HA   CA   sing N N 15  
AGD CA   C    sing N N 16  
AGD N9   CB   sing N N 17  
AGD HB   CB   sing N N 18  
AGD CB   HBA  sing N N 19  
AGD C8   N9   sing Y N 20  
AGD HN2A N2   sing N N 21  
AGD N2   HN2  sing N N 22  
AGD HN1  N1   sing N N 23  
AGD N7   C8   doub Y N 24  
AGD C8   H8   sing N N 25  
AGD O    C    doub N N 26  
AGD C    OXT  sing N N 27  
AGD OXT  HXT  sing N N 28  
CUD N3   C2   sing N N 29  
CUD N1   C2   sing N N 30  
CUD C2   O2   doub N N 31  
CUD N4   C4   sing N N 32  
CUD C5   C4   sing N N 33  
CUD C4   N3   doub N N 34  
CUD H5   C5   sing N N 35  
CUD C5   C6   doub N N 36  
CUD H6   C6   sing N N 37  
CUD C6   N1   sing N N 38  
CUD CA   N    sing N N 39  
CUD N    H    sing N N 40  
CUD N    H2   sing N N 41  
CUD HA   CA   sing N N 42  
CUD CA   CB   sing N N 43  
CUD CA   C    sing N N 44  
CUD N1   CB   sing N N 45  
CUD CB   HB   sing N N 46  
CUD CB   HBA  sing N N 47  
CUD HN4A N4   sing N N 48  
CUD N4   HN4  sing N N 49  
CUD OXT  C    sing N N 50  
CUD C    O    doub N N 51  
CUD OXT  HXT  sing N N 52  
DLY N    CA   sing N N 53  
DLY N    H    sing N N 54  
DLY N    H2   sing N N 55  
DLY CA   C    sing N N 56  
DLY CA   CB   sing N N 57  
DLY CA   HA   sing N N 58  
DLY C    O    doub N N 59  
DLY C    OXT  sing N N 60  
DLY CB   CG   sing N N 61  
DLY CB   HB2  sing N N 62  
DLY CB   HB3  sing N N 63  
DLY CG   CD   sing N N 64  
DLY CG   HG2  sing N N 65  
DLY CG   HG3  sing N N 66  
DLY CD   CE   sing N N 67  
DLY CD   HD2  sing N N 68  
DLY CD   HD3  sing N N 69  
DLY CE   NZ   sing N N 70  
DLY CE   HE2  sing N N 71  
DLY CE   HE3  sing N N 72  
DLY NZ   HZ1  sing N N 73  
DLY NZ   HZ2  sing N N 74  
DLY OXT  HXT  sing N N 75  
HGL N1   C2   sing N N 76  
HGL C2   N3   doub N N 77  
HGL C2   N2   sing N N 78  
HGL O6   C6   doub N N 79  
HGL C5   C4   doub Y N 80  
HGL C4   N9   sing Y N 81  
HGL C4   N3   sing N N 82  
HGL N7   C5   sing Y N 83  
HGL C6   C5   sing N N 84  
HGL C6   N1   sing N N 85  
HGL N7   C8   doub Y N 86  
HGL C8   H8   sing N N 87  
HGL C8   N9   sing Y N 88  
HGL CA   N    sing N N 89  
HGL H    N    sing N N 90  
HGL N    H2   sing N N 91  
HGL CB   CA   sing N N 92  
HGL C    CA   sing N N 93  
HGL CA   HA   sing N N 94  
HGL CG   CB   sing N N 95  
HGL HBA  CB   sing N N 96  
HGL CB   HB   sing N N 97  
HGL N9   CG   sing N N 98  
HGL HG   CG   sing N N 99  
HGL CG   HGA  sing N N 100 
HGL HN2A N2   sing N N 101 
HGL N2   HN2  sing N N 102 
HGL HN1  N1   sing N N 103 
HGL OXT  C    sing N N 104 
HGL O    C    doub N N 105 
HGL OXT  HXT  sing N N 106 
HOH O    H1   sing N N 107 
HOH O    H2   sing N N 108 
LHC N    H    sing N N 109 
LHC N    CA   sing N N 110 
LHC N    H2   sing N N 111 
LHC C    CA   sing N N 112 
LHC CA   HA   sing N N 113 
LHC CA   CB   sing N N 114 
LHC HBA  CB   sing N N 115 
LHC CB   HB   sing N N 116 
LHC CB   CG   sing N N 117 
LHC HG   CG   sing N N 118 
LHC CG   HGA  sing N N 119 
LHC CG   N1   sing N N 120 
LHC N1   C2   sing N N 121 
LHC N1   C6   sing N N 122 
LHC H6   C6   sing N N 123 
LHC C6   C5   doub N N 124 
LHC C5   C4   sing N N 125 
LHC C5   H5   sing N N 126 
LHC N3   C4   doub N N 127 
LHC C4   N4   sing N N 128 
LHC N4   HN4  sing N N 129 
LHC N4   HN4A sing N N 130 
LHC C2   N3   sing N N 131 
LHC O2   C2   doub N N 132 
LHC O    C    doub N N 133 
LHC C    OXT  sing N N 134 
LHC OXT  HXT  sing N N 135 
LYS N    CA   sing N N 136 
LYS N    H    sing N N 137 
LYS N    H2   sing N N 138 
LYS CA   C    sing N N 139 
LYS CA   CB   sing N N 140 
LYS CA   HA   sing N N 141 
LYS C    O    doub N N 142 
LYS C    OXT  sing N N 143 
LYS CB   CG   sing N N 144 
LYS CB   HB2  sing N N 145 
LYS CB   HB3  sing N N 146 
LYS CG   CD   sing N N 147 
LYS CG   HG2  sing N N 148 
LYS CG   HG3  sing N N 149 
LYS CD   CE   sing N N 150 
LYS CD   HD2  sing N N 151 
LYS CD   HD3  sing N N 152 
LYS CE   NZ   sing N N 153 
LYS CE   HE2  sing N N 154 
LYS CE   HE3  sing N N 155 
LYS NZ   HZ1  sing N N 156 
LYS NZ   HZ2  sing N N 157 
LYS NZ   HZ3  sing N N 158 
LYS OXT  HXT  sing N N 159 
# 
_atom_sites.entry_id                    3C1P 
_atom_sites.fract_transf_matrix[1][1]   -0.03588174 
_atom_sites.fract_transf_matrix[1][2]   0.00338341 
_atom_sites.fract_transf_matrix[1][3]   -0.01366039 
_atom_sites.fract_transf_matrix[2][1]   -0.01171668 
_atom_sites.fract_transf_matrix[2][2]   -0.00195371 
_atom_sites.fract_transf_matrix[2][3]   0.03029231 
_atom_sites.fract_transf_matrix[3][1]   -0.00285655 
_atom_sites.fract_transf_matrix[3][2]   0.03007612 
_atom_sites.fract_transf_matrix[3][3]   0.00083489 
_atom_sites.fract_transf_vector[1]      -0.302008 
_atom_sites.fract_transf_vector[2]      -0.212442 
_atom_sites.fract_transf_vector[3]      0.264427 
# 
loop_
_atom_type.symbol 
C 
H 
N 
O 
# 
loop_
_atom_site.group_PDB 
_atom_site.id 
_atom_site.type_symbol 
_atom_site.label_atom_id 
_atom_site.label_alt_id 
_atom_site.label_comp_id 
_atom_site.label_asym_id 
_atom_site.label_entity_id 
_atom_site.label_seq_id 
_atom_site.pdbx_PDB_ins_code 
_atom_site.Cartn_x 
_atom_site.Cartn_y 
_atom_site.Cartn_z 
_atom_site.occupancy 
_atom_site.B_iso_or_equiv 
_atom_site.pdbx_formal_charge 
_atom_site.auth_seq_id 
_atom_site.auth_comp_id 
_atom_site.auth_asym_id 
_atom_site.auth_atom_id 
_atom_site.pdbx_PDB_model_num 
HETATM 1   N N    . DLY A 1 1 ? -0.036  4.439   -14.976 1.00 17.42 ? 11  DLY A N    1 
HETATM 2   C CA   . DLY A 1 1 ? 0.890   4.705   -13.890 1.00 16.66 ? 11  DLY A CA   1 
HETATM 3   C C    . DLY A 1 1 ? 1.135   3.500   -12.982 1.00 16.31 ? 11  DLY A C    1 
HETATM 4   O O    . DLY A 1 1 ? 1.777   3.655   -11.938 1.00 16.30 ? 11  DLY A O    1 
HETATM 5   C CB   . DLY A 1 1 ? 2.265   5.210   -14.326 1.00 18.65 ? 11  DLY A CB   1 
HETATM 6   C CG   . DLY A 1 1 ? 3.101   4.087   -14.955 1.00 21.14 ? 11  DLY A CG   1 
HETATM 7   C CD   . DLY A 1 1 ? 4.531   4.509   -15.059 1.00 26.72 ? 11  DLY A CD   1 
HETATM 8   C CE   . DLY A 1 1 ? 5.412   3.485   -15.779 1.00 27.09 ? 11  DLY A CE   1 
HETATM 9   N NZ   . DLY A 1 1 ? 5.572   2.241   -14.945 1.00 43.27 ? 11  DLY A NZ   1 
HETATM 10  H H1   . DLY A 1 1 ? 0.282   3.778   -15.482 1.00 26.13 ? 11  DLY A H1   1 
HETATM 11  H H2   . DLY A 1 1 ? -0.133  5.172   -15.471 1.00 26.13 ? 11  DLY A H2   1 
HETATM 12  H H    . DLY A 1 1 ? -0.825  4.200   -14.642 1.00 26.13 ? 11  DLY A H    1 
HETATM 13  H HA   . DLY A 1 1 ? 0.488   5.407   -13.335 1.00 19.99 ? 11  DLY A HA   1 
HETATM 14  H HB2  . DLY A 1 1 ? 2.156   5.928   -14.970 1.00 22.38 ? 11  DLY A HB2  1 
HETATM 15  H HB3  . DLY A 1 1 ? 2.736   5.568   -13.557 1.00 22.38 ? 11  DLY A HB3  1 
HETATM 16  H HG2  . DLY A 1 1 ? 2.757   3.881   -15.838 1.00 25.36 ? 11  DLY A HG2  1 
HETATM 17  H HG3  . DLY A 1 1 ? 3.035   3.288   -14.410 1.00 25.36 ? 11  DLY A HG3  1 
HETATM 18  H HD2  . DLY A 1 1 ? 4.577   5.353   -15.534 1.00 32.06 ? 11  DLY A HD2  1 
HETATM 19  H HD3  . DLY A 1 1 ? 4.882   4.653   -14.165 1.00 32.06 ? 11  DLY A HD3  1 
HETATM 20  H HE2  . DLY A 1 1 ? 6.284   3.872   -15.952 1.00 32.51 ? 11  DLY A HE2  1 
HETATM 21  H HE3  . DLY A 1 1 ? 5.010   3.255   -16.630 1.00 32.51 ? 11  DLY A HE3  1 
HETATM 22  H HZ1  . DLY A 1 1 ? 6.069   1.650   -15.386 1.00 64.91 ? 11  DLY A HZ1  1 
HETATM 23  H HZ2  . DLY A 1 1 ? 5.969   2.447   -14.176 1.00 64.91 ? 11  DLY A HZ2  1 
HETATM 24  H HZ3  . DLY A 1 1 ? 4.770   1.890   -14.779 1.00 64.91 ? 11  DLY A HZ3  1 
HETATM 25  C C2   . HGL A 1 2 ? -3.287  -2.731  -11.079 1.00 19.84 ? 12  HGL A C2   1 
HETATM 26  O O6   . HGL A 1 2 ? -3.724  -5.381  -13.363 1.00 23.49 ? 12  HGL A O6   1 
HETATM 27  C C4   . HGL A 1 2 ? -1.514  -2.793  -12.366 1.00 18.94 ? 12  HGL A C4   1 
HETATM 28  C C5   . HGL A 1 2 ? -1.891  -3.867  -13.111 1.00 19.46 ? 12  HGL A C5   1 
HETATM 29  C C6   . HGL A 1 2 ? -3.144  -4.435  -12.823 1.00 20.66 ? 12  HGL A C6   1 
HETATM 30  C C8   . HGL A 1 2 ? -0.011  -3.265  -13.913 1.00 20.12 ? 12  HGL A C8   1 
HETATM 31  N N    . HGL A 1 2 ? 0.622   2.332   -13.319 1.00 16.51 ? 12  HGL A N    1 
HETATM 32  C CA   . HGL A 1 2 ? 0.861   1.160   -12.518 1.00 15.84 ? 12  HGL A CA   1 
HETATM 33  C CB   . HGL A 1 2 ? 0.189   -0.055  -13.135 1.00 20.15 ? 12  HGL A CB   1 
HETATM 34  C CG   . HGL A 1 2 ? 0.541   -1.321  -12.413 1.00 19.31 ? 12  HGL A CG   1 
HETATM 35  N N9   . HGL A 1 2 ? -0.280  -2.422  -12.857 1.00 19.03 ? 12  HGL A N9   1 
HETATM 36  N N3   . HGL A 1 2 ? -2.128  -2.181  -11.345 1.00 18.26 ? 12  HGL A N3   1 
HETATM 37  N N2   . HGL A 1 2 ? -4.041  -2.237  -10.092 1.00 20.08 ? 12  HGL A N2   1 
HETATM 38  N N1   . HGL A 1 2 ? -3.771  -3.796  -11.765 1.00 20.18 ? 12  HGL A N1   1 
HETATM 39  N N7   . HGL A 1 2 ? -0.898  -4.225  -14.028 1.00 21.80 ? 12  HGL A N7   1 
HETATM 40  C C    . HGL A 1 2 ? 2.382   0.930   -12.395 1.00 15.72 ? 12  HGL A C    1 
HETATM 41  O O    . HGL A 1 2 ? 3.078   0.896   -13.403 1.00 18.44 ? 12  HGL A O    1 
HETATM 42  H H2   . HGL A 1 2 ? 0.137   2.270   -14.027 1.00 19.82 ? 12  HGL A H2   1 
HETATM 43  H HN1  . HGL A 1 2 ? -4.536  -4.103  -11.521 1.00 24.21 ? 12  HGL A HN1  1 
HETATM 44  H HA   . HGL A 1 2 ? 0.490   1.307   -11.623 1.00 19.01 ? 12  HGL A HA   1 
HETATM 45  H HB   . HGL A 1 2 ? 0.458   -0.131  -14.063 1.00 24.18 ? 12  HGL A HB   1 
HETATM 46  H HBA  . HGL A 1 2 ? -0.773  0.068   -13.112 1.00 24.18 ? 12  HGL A HBA  1 
HETATM 47  H HG   . HGL A 1 2 ? 1.474   -1.531  -12.571 1.00 23.17 ? 12  HGL A HG   1 
HETATM 48  H HGA  . HGL A 1 2 ? 0.420   -1.192  -11.459 1.00 23.17 ? 12  HGL A HGA  1 
HETATM 49  H HN2  . HGL A 1 2 ? -4.804  -2.594  -9.913  1.00 24.10 ? 12  HGL A HN2  1 
HETATM 50  H HN2A . HGL A 1 2 ? -3.765  -1.562  -9.636  1.00 24.10 ? 12  HGL A HN2A 1 
HETATM 51  H H8   . HGL A 1 2 ? 0.718   -3.164  -14.482 1.00 24.15 ? 12  HGL A H8   1 
HETATM 52  C C2   . AGD A 1 3 ? 0.916   -2.943  -9.143  1.00 17.23 ? 13  AGD A C2   1 
HETATM 53  C C4   . AGD A 1 3 ? 2.788   -2.514  -10.205 1.00 16.34 ? 13  AGD A C4   1 
HETATM 54  C C5   . AGD A 1 3 ? 2.672   -3.572  -11.102 1.00 16.45 ? 13  AGD A C5   1 
HETATM 55  C C6   . AGD A 1 3 ? 1.579   -4.417  -10.997 1.00 17.33 ? 13  AGD A C6   1 
HETATM 56  N N    . AGD A 1 3 ? 2.845   0.774   -11.187 1.00 14.76 ? 13  AGD A N    1 
HETATM 57  C CA   . AGD A 1 3 ? 4.233   0.530   -10.860 1.00 15.18 ? 13  AGD A CA   1 
HETATM 58  C CB   . AGD A 1 3 ? 4.420   -0.671  -9.914  1.00 16.11 ? 13  AGD A CB   1 
HETATM 59  N N9   . AGD A 1 3 ? 3.915   -1.885  -10.553 1.00 16.38 ? 13  AGD A N9   1 
HETATM 60  N N3   . AGD A 1 3 ? 1.969   -2.164  -9.214  1.00 16.60 ? 13  AGD A N3   1 
HETATM 61  N N2   . AGD A 1 3 ? 0.008   -2.665  -8.220  1.00 18.48 ? 13  AGD A N2   1 
HETATM 62  N N1   . AGD A 1 3 ? 0.707   -4.036  -9.967  1.00 17.42 ? 13  AGD A N1   1 
HETATM 63  O O6   . AGD A 1 3 ? 1.291   -5.386  -11.700 1.00 18.78 ? 13  AGD A O6   1 
HETATM 64  N N7   . AGD A 1 3 ? 3.742   -3.623  -11.972 1.00 18.00 ? 13  AGD A N7   1 
HETATM 65  C C8   . AGD A 1 3 ? 4.454   -2.592  -11.624 1.00 17.60 ? 13  AGD A C8   1 
HETATM 66  C C    . AGD A 1 3 ? 4.890   1.767   -10.259 1.00 13.78 ? 13  AGD A C    1 
HETATM 67  O O    . AGD A 1 3 ? 5.981   1.634   -9.676  1.00 14.46 ? 13  AGD A O    1 
HETATM 68  H H2   . AGD A 1 3 ? 2.285   0.818   -10.536 1.00 17.71 ? 13  AGD A H2   1 
HETATM 69  H HN1  . AGD A 1 3 ? -0.001  -4.509  -9.839  1.00 20.90 ? 13  AGD A HN1  1 
HETATM 70  H HA   . AGD A 1 3 ? 4.701   0.324   -11.696 1.00 18.21 ? 13  AGD A HA   1 
HETATM 71  H HB   . AGD A 1 3 ? 5.361   -0.778  -9.704  1.00 19.33 ? 13  AGD A HB   1 
HETATM 72  H HBA  . AGD A 1 3 ? 3.940   -0.512  -9.085  1.00 19.33 ? 13  AGD A HBA  1 
HETATM 73  H HN2  . AGD A 1 3 ? -0.695  -3.156  -8.146  1.00 22.18 ? 13  AGD A HN2  1 
HETATM 74  H HN2A . AGD A 1 3 ? 0.121   -1.995  -7.693  1.00 22.18 ? 13  AGD A HN2A 1 
HETATM 75  H H8   . AGD A 1 3 ? 5.244   -2.350  -12.049 1.00 21.12 ? 13  AGD A H8   1 
HETATM 76  N N    . LHC A 1 4 ? 4.311   2.956   -10.389 1.00 13.76 ? 14  LHC A N    1 
HETATM 77  C CA   . LHC A 1 4 ? 4.963   4.122   -9.895  1.00 12.96 ? 14  LHC A CA   1 
HETATM 78  C CB   . LHC A 1 4 ? 4.083   5.357   -10.044 1.00 13.07 ? 14  LHC A CB   1 
HETATM 79  C CG   . LHC A 1 4 ? 4.693   6.573   -9.397  1.00 13.20 ? 14  LHC A CG   1 
HETATM 80  N N1   . LHC A 1 4 ? 3.925   7.803   -9.576  1.00 12.70 ? 14  LHC A N1   1 
HETATM 81  C C6   . LHC A 1 4 ? 4.311   8.761   -10.452 1.00 12.98 ? 14  LHC A C6   1 
HETATM 82  C C5   . LHC A 1 4 ? 3.623   9.876   -10.632 1.00 13.11 ? 14  LHC A C5   1 
HETATM 83  C C4   . LHC A 1 4 ? 2.451   10.052  -9.847  1.00 12.79 ? 14  LHC A C4   1 
HETATM 84  N N4   . LHC A 1 4 ? 1.705   11.127  -10.033 1.00 13.28 ? 14  LHC A N4   1 
HETATM 85  N N3   . LHC A 1 4 ? 2.059   9.144   -8.954  1.00 12.72 ? 14  LHC A N3   1 
HETATM 86  C C2   . LHC A 1 4 ? 2.770   7.979   -8.806  1.00 12.65 ? 14  LHC A C2   1 
HETATM 87  O O2   . LHC A 1 4 ? 2.481   7.125   -7.999  1.00 14.04 ? 14  LHC A O2   1 
HETATM 88  C C    . LHC A 1 4 ? 5.335   3.975   -8.434  1.00 12.75 ? 14  LHC A C    1 
HETATM 89  O O    . LHC A 1 4 ? 4.517   3.619   -7.618  1.00 14.27 ? 14  LHC A O    1 
HETATM 90  H H2   . LHC A 1 4 ? 3.542   3.021   -10.770 1.00 16.51 ? 14  LHC A H2   1 
HETATM 91  H HA   . LHC A 1 4 ? 5.784   4.261   -10.413 1.00 15.55 ? 14  LHC A HA   1 
HETATM 92  H HB   . LHC A 1 4 ? 3.218   5.183   -9.641  1.00 15.68 ? 14  LHC A HB   1 
HETATM 93  H HBA  . LHC A 1 4 ? 3.942   5.536   -10.987 1.00 15.68 ? 14  LHC A HBA  1 
HETATM 94  H HG   . LHC A 1 4 ? 4.791   6.403   -8.447  1.00 15.84 ? 14  LHC A HG   1 
HETATM 95  H HGA  . LHC A 1 4 ? 5.582   6.706   -9.763  1.00 15.84 ? 14  LHC A HGA  1 
HETATM 96  H H6   . LHC A 1 4 ? 5.088   8.630   -10.945 1.00 15.58 ? 14  LHC A H6   1 
HETATM 97  H H5   . LHC A 1 4 ? 3.894   10.519  -11.247 1.00 15.73 ? 14  LHC A H5   1 
HETATM 98  H HN4  . LHC A 1 4 ? 0.982   11.231  -9.581  1.00 15.93 ? 14  LHC A HN4  1 
HETATM 99  H HN4A . LHC A 1 4 ? 1.945   11.723  -10.606 1.00 15.93 ? 14  LHC A HN4A 1 
HETATM 100 C C2   . AGD A 1 5 ? 4.860   7.864   -5.442  1.00 12.35 ? 15  AGD A C2   1 
HETATM 101 C C4   . AGD A 1 5 ? 6.657   7.320   -6.590  1.00 12.24 ? 15  AGD A C4   1 
HETATM 102 C C5   . AGD A 1 5 ? 6.629   8.483   -7.399  1.00 12.02 ? 15  AGD A C5   1 
HETATM 103 C C6   . AGD A 1 5 ? 5.606   9.410   -7.201  1.00 11.81 ? 15  AGD A C6   1 
HETATM 104 N N    . AGD A 1 5 ? 6.619   4.240   -8.128  1.00 12.75 ? 15  AGD A N    1 
HETATM 105 C CA   . AGD A 1 5 ? 7.071   4.252   -6.761  1.00 13.38 ? 15  AGD A CA   1 
HETATM 106 C CB   . AGD A 1 5 ? 8.191   5.318   -6.579  1.00 13.68 ? 15  AGD A CB   1 
HETATM 107 N N9   . AGD A 1 5 ? 7.724   6.618   -7.041  1.00 12.90 ? 15  AGD A N9   1 
HETATM 108 N N3   . AGD A 1 5 ? 5.828   6.989   -5.616  1.00 12.31 ? 15  AGD A N3   1 
HETATM 109 N N2   . AGD A 1 5 ? 3.942   7.668   -4.495  1.00 13.90 ? 15  AGD A N2   1 
HETATM 110 N N1   . AGD A 1 5 ? 4.732   9.025   -6.165  1.00 12.03 ? 15  AGD A N1   1 
HETATM 111 O O6   . AGD A 1 5 ? 5.396   10.511  -7.762  1.00 12.36 ? 15  AGD A O6   1 
HETATM 112 N N7   . AGD A 1 5 ? 7.662   8.466   -8.308  1.00 13.03 ? 15  AGD A N7   1 
HETATM 113 C C8   . AGD A 1 5 ? 8.292   7.330   -8.076  1.00 13.40 ? 15  AGD A C8   1 
HETATM 114 C C    . AGD A 1 5 ? 7.578   2.906   -6.286  1.00 14.88 ? 15  AGD A C    1 
HETATM 115 O O    . AGD A 1 5 ? 8.136   2.815   -5.176  1.00 18.64 ? 15  AGD A O    1 
HETATM 116 H H2   . AGD A 1 5 ? 7.178   4.406   -8.759  1.00 15.30 ? 15  AGD A H2   1 
HETATM 117 H HN1  . AGD A 1 5 ? 4.078   9.550   -5.972  1.00 14.44 ? 15  AGD A HN1  1 
HETATM 118 H HA   . AGD A 1 5 ? 6.313   4.507   -6.195  1.00 16.05 ? 15  AGD A HA   1 
HETATM 119 H HB   . AGD A 1 5 ? 8.437   5.373   -5.643  1.00 16.42 ? 15  AGD A HB   1 
HETATM 120 H HBA  . AGD A 1 5 ? 8.976   5.054   -7.084  1.00 16.42 ? 15  AGD A HBA  1 
HETATM 121 H HN2  . AGD A 1 5 ? 3.310   8.241   -4.384  1.00 16.68 ? 15  AGD A HN2  1 
HETATM 122 H HN2A . AGD A 1 5 ? 3.983   6.970   -3.996  1.00 16.68 ? 15  AGD A HN2A 1 
HETATM 123 H H8   . AGD A 1 5 ? 9.034   7.042   -8.556  1.00 16.08 ? 15  AGD A H8   1 
HETATM 124 N N    . LHC A 1 6 ? 7.374   1.869   -7.068  1.00 14.17 ? 16  LHC A N    1 
HETATM 125 C CA   . LHC A 1 6 ? 7.790   0.527   -6.607  1.00 15.24 ? 16  LHC A CA   1 
HETATM 126 C CB   . LHC A 1 6 ? 7.240   -0.493  -7.596  1.00 14.72 ? 16  LHC A CB   1 
HETATM 127 C CG   . LHC A 1 6 ? 7.566   -1.878  -7.166  1.00 16.29 ? 16  LHC A CG   1 
HETATM 128 N N1   . LHC A 1 6 ? 7.069   -2.937  -8.112  1.00 16.57 ? 16  LHC A N1   1 
HETATM 129 C C6   . LHC A 1 6 ? 7.839   -3.348  -9.139  1.00 18.07 ? 16  LHC A C6   1 
HETATM 130 C C5   . LHC A 1 6 ? 7.380   -4.298  -9.979  1.00 17.71 ? 16  LHC A C5   1 
HETATM 131 C C4   . LHC A 1 6 ? 6.112   -4.851  -9.701  1.00 16.07 ? 16  LHC A C4   1 
HETATM 132 N N4   . LHC A 1 6 ? 5.689   -5.883  -10.451 1.00 18.08 ? 16  LHC A N4   1 
HETATM 133 N N3   . LHC A 1 6 ? 5.369   -4.430  -8.715  1.00 15.77 ? 16  LHC A N3   1 
HETATM 134 C C2   . LHC A 1 6 ? 5.799   -3.403  -7.906  1.00 16.12 ? 16  LHC A C2   1 
HETATM 135 O O2   . LHC A 1 6 ? 5.091   -2.945  -6.990  1.00 17.74 ? 16  LHC A O2   1 
HETATM 136 C C    . LHC A 1 6 ? 9.303   0.482   -6.537  1.00 17.60 ? 16  LHC A C    1 
HETATM 137 O O    . LHC A 1 6 ? 10.000  0.968   -7.423  1.00 21.84 ? 16  LHC A O    1 
HETATM 138 H H2   . LHC A 1 6 ? 7.004   1.971   -7.838  1.00 17.00 ? 16  LHC A H2   1 
HETATM 139 H HA   . LHC A 1 6 ? 7.416   0.355   -5.718  1.00 18.29 ? 16  LHC A HA   1 
HETATM 140 H HB   . LHC A 1 6 ? 7.619   -0.330  -8.474  1.00 17.67 ? 16  LHC A HB   1 
HETATM 141 H HBA  . LHC A 1 6 ? 6.277   -0.393  -7.662  1.00 17.67 ? 16  LHC A HBA  1 
HETATM 142 H HG   . LHC A 1 6 ? 7.178   -2.034  -6.291  1.00 19.55 ? 16  LHC A HG   1 
HETATM 143 H HGA  . LHC A 1 6 ? 8.528   -1.961  -7.080  1.00 19.55 ? 16  LHC A HGA  1 
HETATM 144 H H6   . LHC A 1 6 ? 8.684   -2.979  -9.266  1.00 21.68 ? 16  LHC A H6   1 
HETATM 145 H H5   . LHC A 1 6 ? 7.878   -4.577  -10.712 1.00 21.26 ? 16  LHC A H5   1 
HETATM 146 H HN4  . LHC A 1 6 ? 4.936   -6.260  -10.278 1.00 21.70 ? 16  LHC A HN4  1 
HETATM 147 H HN4A . LHC A 1 6 ? 6.173   -6.168  -11.103 1.00 21.70 ? 16  LHC A HN4A 1 
HETATM 148 C C2   . CUD A 1 7 ? 10.195  -3.432  -5.616  1.00 18.31 ? 17  CUD A C2   1 
HETATM 149 C C4   . CUD A 1 7 ? 10.840  -4.558  -7.541  1.00 18.35 ? 17  CUD A C4   1 
HETATM 150 C C5   . CUD A 1 7 ? 12.052  -3.780  -7.645  1.00 20.76 ? 17  CUD A C5   1 
HETATM 151 C C6   . CUD A 1 7 ? 12.212  -2.838  -6.713  1.00 21.41 ? 17  CUD A C6   1 
HETATM 152 N N    . CUD A 1 7 ? 9.773   -0.137  -5.448  1.00 20.07 ? 17  CUD A N    1 
HETATM 153 C CA   A CUD A 1 7 ? 11.137  -0.194  -5.036  0.55 22.43 ? 17  CUD A CA   1 
HETATM 154 C CA   B CUD A 1 7 ? 11.228  -0.265  -5.391  0.45 24.19 ? 17  CUD A CA   1 
HETATM 155 C CB   . CUD A 1 7 ? 11.580  -1.609  -4.686  1.00 23.65 ? 17  CUD A CB   1 
HETATM 156 N N1   . CUD A 1 7 ? 11.325  -2.662  -5.709  1.00 21.04 ? 17  CUD A N1   1 
HETATM 157 N N4   . CUD A 1 7 ? 10.625  -5.504  -8.443  1.00 18.23 ? 17  CUD A N4   1 
HETATM 158 N N3   . CUD A 1 7 ? 9.969   -4.400  -6.568  1.00 17.79 ? 17  CUD A N3   1 
HETATM 159 O O2   . CUD A 1 7 ? 9.430   -3.255  -4.680  1.00 20.44 ? 17  CUD A O2   1 
HETATM 160 C C    A CUD A 1 7 ? 11.420  0.712   -3.792  0.55 30.66 ? 17  CUD A C    1 
HETATM 161 C C    B CUD A 1 7 ? 11.902  0.890   -4.674  0.45 29.59 ? 17  CUD A C    1 
HETATM 162 O O    A CUD A 1 7 ? 12.434  0.514   -3.132  0.55 34.54 ? 17  CUD A O    1 
HETATM 163 H H2   A CUD A 1 7 ? 9.198   -0.538  -4.950  1.00 24.09 ? 17  CUD A H2   1 
HETATM 164 H HA   A CUD A 1 7 ? 11.693  0.124   -5.777  0.55 26.91 ? 17  CUD A HA   1 
HETATM 165 H HA   B CUD A 1 7 ? 11.570  -0.300  -6.309  0.45 29.02 ? 17  CUD A HA   1 
HETATM 166 H HB   A CUD A 1 7 ? 12.533  -1.590  -4.504  1.00 28.38 ? 17  CUD A HB   1 
HETATM 167 H HBA  A CUD A 1 7 ? 11.135  -1.871  -3.866  1.00 28.38 ? 17  CUD A HBA  1 
HETATM 168 H H6   . CUD A 1 7 ? 12.958  -2.285  -6.756  1.00 25.69 ? 17  CUD A H6   1 
HETATM 169 H H5   . CUD A 1 7 ? 12.679  -3.926  -8.316  1.00 24.91 ? 17  CUD A H5   1 
HETATM 170 H HN4  . CUD A 1 7 ? 11.184  -5.619  -9.086  1.00 21.87 ? 17  CUD A HN4  1 
HETATM 171 H HN4A . CUD A 1 7 ? 9.926   -6.001  -8.387  1.00 21.87 ? 17  CUD A HN4A 1 
ATOM   172 N N    A LYS A 1 8 ? 10.516  1.648   -3.524  0.55 32.79 ? 18  LYS A N    1 
HETATM 173 N N    . DLY B 1 1 ? 0.412   -9.818  1.120   1.00 25.57 ? 21  DLY B N    1 
HETATM 174 C CA   . DLY B 1 1 ? 1.609   -9.373  0.437   1.00 20.91 ? 21  DLY B CA   1 
HETATM 175 C C    . DLY B 1 1 ? 1.257   -8.959  -0.996  1.00 21.48 ? 21  DLY B C    1 
HETATM 176 O O    . DLY B 1 1 ? 0.173   -8.437  -1.253  1.00 21.23 ? 21  DLY B O    1 
HETATM 177 C CB   . DLY B 1 1 ? 2.286   -8.174  1.124   1.00 23.24 ? 21  DLY B CB   1 
HETATM 178 C CG   . DLY B 1 1 ? 2.791   -8.317  2.551   1.00 24.29 ? 21  DLY B CG   1 
HETATM 179 C CD   . DLY B 1 1 ? 3.739   -7.145  2.802   1.00 26.79 ? 21  DLY B CD   1 
HETATM 180 C CE   . DLY B 1 1 ? 4.437   -7.262  4.146   1.00 27.60 ? 21  DLY B CE   1 
HETATM 181 N NZ   . DLY B 1 1 ? 3.529   -6.930  5.246   1.00 24.37 ? 21  DLY B NZ   1 
HETATM 182 H HA   . DLY B 1 1 ? 2.247   -10.116 0.402   1.00 25.09 ? 21  DLY B HA   1 
HETATM 183 H HB2  . DLY B 1 1 ? 1.656   -7.437  1.111   1.00 27.88 ? 21  DLY B HB2  1 
HETATM 184 H HB3  . DLY B 1 1 ? 3.040   -7.911  0.573   1.00 27.88 ? 21  DLY B HB3  1 
HETATM 185 H HG2  . DLY B 1 1 ? 2.050   -8.293  3.175   1.00 29.15 ? 21  DLY B HG2  1 
HETATM 186 H HG3  . DLY B 1 1 ? 3.259   -9.160  2.660   1.00 29.15 ? 21  DLY B HG3  1 
HETATM 187 H HD2  . DLY B 1 1 ? 3.237   -6.316  2.773   1.00 32.15 ? 21  DLY B HD2  1 
HETATM 188 H HD3  . DLY B 1 1 ? 4.406   -7.115  2.097   1.00 32.15 ? 21  DLY B HD3  1 
HETATM 189 H HE2  . DLY B 1 1 ? 5.200   -6.661  4.166   1.00 33.12 ? 21  DLY B HE2  1 
HETATM 190 H HE3  . DLY B 1 1 ? 4.766   -8.167  4.261   1.00 33.12 ? 21  DLY B HE3  1 
HETATM 191 H HZ1  . DLY B 1 1 ? 3.954   -7.027  6.021   1.00 36.56 ? 21  DLY B HZ1  1 
HETATM 192 H HZ2  . DLY B 1 1 ? 2.825   -7.474  5.223   1.00 36.56 ? 21  DLY B HZ2  1 
HETATM 193 H HZ3  . DLY B 1 1 ? 3.255   -6.087  5.161   1.00 36.56 ? 21  DLY B HZ3  1 
HETATM 194 C C2   . HGL B 1 2 ? 6.642   -5.640  -5.424  1.00 15.94 ? 22  HGL B C2   1 
HETATM 195 O O6   . HGL B 1 2 ? 8.326   -7.151  -8.173  1.00 16.39 ? 22  HGL B O6   1 
HETATM 196 C C4   . HGL B 1 2 ? 5.352   -7.256  -6.161  1.00 15.67 ? 22  HGL B C4   1 
HETATM 197 C C5   . HGL B 1 2 ? 6.198   -7.616  -7.141  1.00 15.00 ? 22  HGL B C5   1 
HETATM 198 C C6   . HGL B 1 2 ? 7.421   -6.938  -7.349  1.00 14.74 ? 22  HGL B C6   1 
HETATM 199 C C8   . HGL B 1 2 ? 4.563   -8.939  -7.281  1.00 16.42 ? 22  HGL B C8   1 
HETATM 200 N N    . HGL B 1 2 ? 2.211   -9.089  -1.924  1.00 21.09 ? 22  HGL B N    1 
HETATM 201 C CA   . HGL B 1 2 ? 2.063   -8.541  -3.261  1.00 18.89 ? 22  HGL B CA   1 
HETATM 202 C CB   . HGL B 1 2 ? 3.314   -8.746  -4.094  1.00 19.56 ? 22  HGL B CB   1 
HETATM 203 C CG   . HGL B 1 2 ? 3.119   -8.066  -5.401  1.00 18.39 ? 22  HGL B CG   1 
HETATM 204 N N9   . HGL B 1 2 ? 4.284   -8.093  -6.240  1.00 16.32 ? 22  HGL B N9   1 
HETATM 205 N N3   . HGL B 1 2 ? 5.506   -6.259  -5.269  1.00 17.09 ? 22  HGL B N3   1 
HETATM 206 N N2   . HGL B 1 2 ? 6.999   -4.628  -4.560  1.00 18.00 ? 22  HGL B N2   1 
HETATM 207 N N1   . HGL B 1 2 ? 7.594   -5.903  -6.376  1.00 15.50 ? 22  HGL B N1   1 
HETATM 208 N N7   . HGL B 1 2 ? 5.677   -8.705  -7.865  1.00 15.55 ? 22  HGL B N7   1 
HETATM 209 C C    . HGL B 1 2 ? 0.812   -9.034  -3.977  1.00 19.36 ? 22  HGL B C    1 
HETATM 210 O O    . HGL B 1 2 ? 0.651   -10.245 -4.248  1.00 21.53 ? 22  HGL B O    1 
HETATM 211 H H2   . HGL B 1 2 ? 2.933   -9.511  -1.724  1.00 25.31 ? 22  HGL B H2   1 
HETATM 212 H HN1  . HGL B 1 2 ? 8.314   -5.432  -6.388  1.00 18.60 ? 22  HGL B HN1  1 
HETATM 213 H HA   . HGL B 1 2 ? 1.958   -7.572  -3.153  1.00 22.66 ? 22  HGL B HA   1 
HETATM 214 H HB   . HGL B 1 2 ? 3.470   -9.693  -4.233  1.00 23.47 ? 22  HGL B HB   1 
HETATM 215 H HBA  . HGL B 1 2 ? 4.084   -8.372  -3.637  1.00 23.47 ? 22  HGL B HBA  1 
HETATM 216 H HG   . HGL B 1 2 ? 2.385   -8.493  -5.869  1.00 22.07 ? 22  HGL B HG   1 
HETATM 217 H HGA  . HGL B 1 2 ? 2.869   -7.143  -5.240  1.00 22.07 ? 22  HGL B HGA  1 
HETATM 218 H HN2  . HGL B 1 2 ? 7.749   -4.220  -4.663  1.00 21.60 ? 22  HGL B HN2  1 
HETATM 219 H HN2A . HGL B 1 2 ? 6.472   -4.406  -3.917  1.00 21.60 ? 22  HGL B HN2A 1 
HETATM 220 H H8   . HGL B 1 2 ? 3.992   -9.625  -7.541  1.00 19.71 ? 22  HGL B H8   1 
HETATM 221 C C2   . AGD B 1 3 ? 2.070   -5.187  -7.008  1.00 17.53 ? 23  AGD B C2   1 
HETATM 222 C C4   . AGD B 1 3 ? 0.616   -6.809  -7.364  1.00 17.53 ? 23  AGD B C4   1 
HETATM 223 C C5   . AGD B 1 3 ? 1.281   -7.348  -8.458  1.00 17.57 ? 23  AGD B C5   1 
HETATM 224 C C6   . AGD B 1 3 ? 2.465   -6.735  -8.881  1.00 16.78 ? 23  AGD B C6   1 
HETATM 225 N N    . AGD B 1 3 ? -0.078  -8.114  -4.298  1.00 19.11 ? 23  AGD B N    1 
HETATM 226 C CA   . AGD B 1 3 ? -1.281  -8.450  -5.008  1.00 19.26 ? 23  AGD B CA   1 
HETATM 227 C CB   . AGD B 1 3 ? -1.490  -7.454  -6.153  1.00 19.36 ? 23  AGD B CB   1 
HETATM 228 N N9   . AGD B 1 3 ? -0.490  -7.620  -7.198  1.00 19.40 ? 23  AGD B N9   1 
HETATM 229 N N3   . AGD B 1 3 ? 0.933   -5.749  -6.625  1.00 18.49 ? 23  AGD B N3   1 
HETATM 230 N N2   . AGD B 1 3 ? 2.587   -4.124  -6.324  1.00 18.85 ? 23  AGD B N2   1 
HETATM 231 N N1   . AGD B 1 3 ? 2.829   -5.641  -8.056  1.00 17.19 ? 23  AGD B N1   1 
HETATM 232 O O6   . AGD B 1 3 ? 3.215   -7.062  -9.807  1.00 18.13 ? 23  AGD B O6   1 
HETATM 233 N N7   . AGD B 1 3 ? 0.650   -8.464  -8.913  1.00 18.63 ? 23  AGD B N7   1 
HETATM 234 C C8   . AGD B 1 3 ? -0.421  -8.542  -8.196  1.00 19.26 ? 23  AGD B C8   1 
HETATM 235 C C    . AGD B 1 3 ? -2.499  -8.468  -4.067  1.00 19.49 ? 23  AGD B C    1 
HETATM 236 O O    . AGD B 1 3 ? -3.609  -8.294  -4.505  1.00 20.79 ? 23  AGD B O    1 
HETATM 237 H H2   . AGD B 1 3 ? 0.066   -7.296  -4.078  1.00 22.94 ? 23  AGD B H2   1 
HETATM 238 H HN1  . AGD B 1 3 ? 3.570   -5.238  -8.224  1.00 20.63 ? 23  AGD B HN1  1 
HETATM 239 H HA   . AGD B 1 3 ? -1.174  -9.346  -5.393  1.00 23.12 ? 23  AGD B HA   1 
HETATM 240 H HB   . AGD B 1 3 ? -2.373  -7.582  -6.532  1.00 23.24 ? 23  AGD B HB   1 
HETATM 241 H HBA  . AGD B 1 3 ? -1.442  -6.551  -5.804  1.00 23.24 ? 23  AGD B HBA  1 
HETATM 242 H HN2  . AGD B 1 3 ? 3.326   -3.766  -6.579  1.00 22.62 ? 23  AGD B HN2  1 
HETATM 243 H HN2A . AGD B 1 3 ? 2.172   -3.812  -5.638  1.00 22.62 ? 23  AGD B HN2A 1 
HETATM 244 H H8   . AGD B 1 3 ? -1.087  -9.173  -8.348  1.00 23.11 ? 23  AGD B H8   1 
HETATM 245 N N    . LHC B 1 4 ? -2.254  -8.757  -2.774  1.00 20.95 ? 24  LHC B N    1 
HETATM 246 C CA   . LHC B 1 4 ? -3.386  -8.929  -1.874  1.00 20.73 ? 24  LHC B CA   1 
HETATM 247 C CB   . LHC B 1 4 ? -2.943  -9.378  -0.474  1.00 20.88 ? 24  LHC B CB   1 
HETATM 248 C CG   . LHC B 1 4 ? -4.055  -9.385  0.481   1.00 20.00 ? 24  LHC B CG   1 
HETATM 249 N N1   . LHC B 1 4 ? -3.879  -9.954  1.811   1.00 20.11 ? 24  LHC B N1   1 
HETATM 250 C C6   . LHC B 1 4 ? -4.526  -11.131 2.163   1.00 20.59 ? 24  LHC B C6   1 
HETATM 251 C C5   . LHC B 1 4 ? -4.425  -11.646 3.383   1.00 20.07 ? 24  LHC B C5   1 
HETATM 252 C C4   . LHC B 1 4 ? -3.579  -10.932 4.313   1.00 17.97 ? 24  LHC B C4   1 
HETATM 253 N N4   . LHC B 1 4 ? -3.463  -11.353 5.572   1.00 18.12 ? 24  LHC B N4   1 
HETATM 254 N N3   . LHC B 1 4 ? -2.924  -9.811  3.949   1.00 17.35 ? 24  LHC B N3   1 
HETATM 255 C C2   . LHC B 1 4 ? -3.033  -9.326  2.708   1.00 18.28 ? 24  LHC B C2   1 
HETATM 256 O O2   . LHC B 1 4 ? -2.439  -8.287  2.340   1.00 18.97 ? 24  LHC B O2   1 
HETATM 257 C C    . LHC B 1 4 ? -4.167  -7.625  -1.785  1.00 19.85 ? 24  LHC B C    1 
HETATM 258 O O    . LHC B 1 4 ? -3.557  -6.583  -1.546  1.00 21.96 ? 24  LHC B O    1 
HETATM 259 H H2   . LHC B 1 4 ? -1.447  -8.838  -2.487  1.00 25.15 ? 24  LHC B H2   1 
HETATM 260 H HA   . LHC B 1 4 ? -3.977  -9.617  -2.246  1.00 24.87 ? 24  LHC B HA   1 
HETATM 261 H HB   . LHC B 1 4 ? -2.251  -8.780  -0.151  1.00 25.06 ? 24  LHC B HB   1 
HETATM 262 H HBA  . LHC B 1 4 ? -2.565  -10.269 -0.530  1.00 25.06 ? 24  LHC B HBA  1 
HETATM 263 H HG   . LHC B 1 4 ? -4.341  -8.465  0.597   1.00 24.00 ? 24  LHC B HG   1 
HETATM 264 H HGA  . LHC B 1 4 ? -4.791  -9.858  0.061   1.00 24.00 ? 24  LHC B HGA  1 
HETATM 265 H H6   . LHC B 1 4 ? -5.045  -11.570 1.527   1.00 24.71 ? 24  LHC B H6   1 
HETATM 266 H H5   . LHC B 1 4 ? -4.873  -12.423 3.627   1.00 24.09 ? 24  LHC B H5   1 
HETATM 267 H HN4  . LHC B 1 4 ? -2.980  -10.912 6.130   1.00 21.74 ? 24  LHC B HN4  1 
HETATM 268 H HN4A . LHC B 1 4 ? -3.873  -12.065 5.826   1.00 21.74 ? 24  LHC B HN4A 1 
HETATM 269 C C2   . AGD B 1 5 ? -5.850  -6.589  2.590   1.00 22.60 ? 25  AGD B C2   1 
HETATM 270 C C4   . AGD B 1 5 ? -7.039  -7.548  0.982   1.00 22.75 ? 25  AGD B C4   1 
HETATM 271 C C5   . AGD B 1 5 ? -7.349  -8.674  1.725   1.00 24.10 ? 25  AGD B C5   1 
HETATM 272 C C6   . AGD B 1 5 ? -6.873  -8.776  3.068   1.00 21.73 ? 25  AGD B C6   1 
HETATM 273 N N    . AGD B 1 5 ? -5.463  -7.653  -2.049  1.00 20.45 ? 25  AGD B N    1 
HETATM 274 C CA   . AGD B 1 5 ? -6.302  -6.508  -1.905  1.00 21.59 ? 25  AGD B CA   1 
HETATM 275 C CB   . AGD B 1 5 ? -7.685  -6.919  -1.397  1.00 24.95 ? 25  AGD B CB   1 
HETATM 276 N N9   . AGD B 1 5 ? -7.650  -7.741  -0.213  1.00 25.03 ? 25  AGD B N9   1 
HETATM 277 N N3   . AGD B 1 5 ? -6.300  -6.466  1.344   1.00 22.65 ? 25  AGD B N3   1 
HETATM 278 N N2   . AGD B 1 5 ? -5.027  -5.726  3.139   1.00 24.26 ? 25  AGD B N2   1 
HETATM 279 N N1   . AGD B 1 5 ? -6.051  -7.730  3.345   1.00 21.97 ? 25  AGD B N1   1 
HETATM 280 O O6   . AGD B 1 5 ? -7.099  -9.727  3.843   1.00 23.61 ? 25  AGD B O6   1 
HETATM 281 N N7   . AGD B 1 5 ? -8.117  -9.580  1.014   1.00 28.78 ? 25  AGD B N7   1 
HETATM 282 C C8   . AGD B 1 5 ? -8.239  -8.973  -0.135  1.00 25.13 ? 25  AGD B C8   1 
HETATM 283 C C    . AGD B 1 5 ? -6.444  -5.704  -3.191  1.00 22.53 ? 25  AGD B C    1 
HETATM 284 O O    . AGD B 1 5 ? -7.175  -4.700  -3.319  1.00 31.42 ? 25  AGD B O    1 
HETATM 285 H H2   . AGD B 1 5 ? -5.815  -8.391  -2.317  1.00 24.54 ? 25  AGD B H2   1 
HETATM 286 H HN1  . AGD B 1 5 ? -5.603  -7.784  4.077   1.00 26.36 ? 25  AGD B HN1  1 
HETATM 287 H HA   . AGD B 1 5 ? -5.897  -5.923  -1.230  1.00 25.90 ? 25  AGD B HA   1 
HETATM 288 H HB   . AGD B 1 5 ? -8.199  -6.118  -1.207  1.00 29.94 ? 25  AGD B HB   1 
HETATM 289 H HBA  . AGD B 1 5 ? -8.145  -7.403  -2.101  1.00 29.94 ? 25  AGD B HBA  1 
HETATM 290 H HN2  . AGD B 1 5 ? -4.759  -5.840  3.947   1.00 29.11 ? 25  AGD B HN2  1 
HETATM 291 H HN2A . AGD B 1 5 ? -4.756  -5.044  2.688   1.00 29.11 ? 25  AGD B HN2A 1 
HETATM 292 H H8   . AGD B 1 5 ? -8.696  -9.352  -0.850  1.00 30.16 ? 25  AGD B H8   1 
HETATM 293 N N    . LHC B 1 6 ? -5.780  -6.151  -4.263  1.00 20.17 ? 26  LHC B N    1 
HETATM 294 C CA   . LHC B 1 6 ? -5.851  -5.471  -5.532  1.00 19.72 ? 26  LHC B CA   1 
HETATM 295 C CB   . LHC B 1 6 ? -4.793  -5.993  -6.477  1.00 20.06 ? 26  LHC B CB   1 
HETATM 296 C CG   . LHC B 1 6 ? -4.885  -5.405  -7.841  1.00 21.71 ? 26  LHC B CG   1 
HETATM 297 N N1   . LHC B 1 6 ? -3.870  -5.846  -8.797  1.00 21.91 ? 26  LHC B N1   1 
HETATM 298 C C6   . LHC B 1 6 ? -4.118  -6.875  -9.675  1.00 22.42 ? 26  LHC B C6   1 
HETATM 299 C C5   . LHC B 1 6 ? -3.228  -7.298  -10.576 1.00 23.27 ? 26  LHC B C5   1 
HETATM 300 C C4   . LHC B 1 6 ? -1.976  -6.604  -10.603 1.00 19.57 ? 26  LHC B C4   1 
HETATM 301 N N4   . LHC B 1 6 ? -1.018  -6.968  -11.467 1.00 21.49 ? 26  LHC B N4   1 
HETATM 302 N N3   . LHC B 1 6 ? -1.720  -5.634  -9.746  1.00 20.24 ? 26  LHC B N3   1 
HETATM 303 C C2   . LHC B 1 6 ? -2.604  -5.234  -8.830  1.00 19.25 ? 26  LHC B C2   1 
HETATM 304 O O2   . LHC B 1 6 ? -2.355  -4.388  -7.969  1.00 20.42 ? 26  LHC B O2   1 
HETATM 305 C C    . LHC B 1 6 ? -7.221  -5.684  -6.177  1.00 19.97 ? 26  LHC B C    1 
HETATM 306 O O    . LHC B 1 6 ? -7.723  -6.812  -6.214  1.00 25.58 ? 26  LHC B O    1 
HETATM 307 H H2   . LHC B 1 6 ? -5.299  -6.861  -4.193  1.00 24.20 ? 26  LHC B H2   1 
HETATM 308 H HA   . LHC B 1 6 ? -5.709  -4.512  -5.391  1.00 23.66 ? 26  LHC B HA   1 
HETATM 309 H HB   . LHC B 1 6 ? -4.879  -6.957  -6.543  1.00 24.07 ? 26  LHC B HB   1 
HETATM 310 H HBA  . LHC B 1 6 ? -3.917  -5.799  -6.108  1.00 24.07 ? 26  LHC B HBA  1 
HETATM 311 H HG   . LHC B 1 6 ? -5.760  -5.615  -8.206  1.00 26.06 ? 26  LHC B HG   1 
HETATM 312 H HGA  . LHC B 1 6 ? -4.830  -4.440  -7.760  1.00 26.06 ? 26  LHC B HGA  1 
HETATM 313 H H6   . LHC B 1 6 ? -4.946  -7.295  -9.640  1.00 26.91 ? 26  LHC B H6   1 
HETATM 314 H H5   . LHC B 1 6 ? -3.411  -8.003  -11.154 1.00 27.93 ? 26  LHC B H5   1 
HETATM 315 H HN4  . LHC B 1 6 ? -0.255  -6.570  -11.456 1.00 25.79 ? 26  LHC B HN4  1 
HETATM 316 H HN4A . LHC B 1 6 ? -1.165  -7.598  -12.033 1.00 25.79 ? 26  LHC B HN4A 1 
HETATM 317 C C2   . CUD B 1 7 ? -7.058  -4.161  -10.114 1.00 22.03 ? 27  CUD B C2   1 
HETATM 318 C C4   . CUD B 1 7 ? -6.843  -5.996  -11.527 1.00 23.20 ? 27  CUD B C4   1 
HETATM 319 C C5   . CUD B 1 7 ? -8.044  -6.604  -11.079 1.00 25.38 ? 27  CUD B C5   1 
HETATM 320 C C6   . CUD B 1 7 ? -8.733  -5.906  -10.155 1.00 24.89 ? 27  CUD B C6   1 
HETATM 321 N N    . CUD B 1 7 ? -7.813  -4.650  -6.694  1.00 22.03 ? 27  CUD B N    1 
HETATM 322 C CA   . CUD B 1 7 ? -9.127  -4.777  -7.341  1.00 25.04 ? 27  CUD B CA   1 
HETATM 323 C CB   . CUD B 1 7 ? -9.026  -4.004  -8.660  1.00 23.39 ? 27  CUD B CB   1 
HETATM 324 N N1   . CUD B 1 7 ? -8.257  -4.721  -9.680  1.00 22.70 ? 27  CUD B N1   1 
HETATM 325 N N4   . CUD B 1 7 ? -6.155  -6.553  -12.519 1.00 24.82 ? 27  CUD B N4   1 
HETATM 326 N N3   . CUD B 1 7 ? -6.313  -4.854  -11.014 1.00 22.78 ? 27  CUD B N3   1 
HETATM 327 O O2   . CUD B 1 7 ? -6.672  -3.091  -9.657  1.00 22.79 ? 27  CUD B O2   1 
HETATM 328 C C    . CUD B 1 7 ? -10.205 -4.118  -6.482  1.00 27.25 ? 27  CUD B C    1 
HETATM 329 O O    . CUD B 1 7 ? -9.907  -3.208  -5.710  1.00 34.80 ? 27  CUD B O    1 
HETATM 330 H H2   . CUD B 1 7 ? -7.431  -3.881  -6.656  1.00 26.44 ? 27  CUD B H2   1 
HETATM 331 H HA   . CUD B 1 7 ? -9.344  -5.719  -7.506  1.00 30.05 ? 27  CUD B HA   1 
HETATM 332 H HB   . CUD B 1 7 ? -9.920  -3.836  -8.999  1.00 28.07 ? 27  CUD B HB   1 
HETATM 333 H HBA  . CUD B 1 7 ? -8.607  -3.145  -8.493  1.00 28.07 ? 27  CUD B HBA  1 
HETATM 334 H H6   . CUD B 1 7 ? -9.542  -6.237  -9.838  1.00 29.87 ? 27  CUD B H6   1 
HETATM 335 H H5   . CUD B 1 7 ? -8.336  -7.426  -11.399 1.00 30.46 ? 27  CUD B H5   1 
HETATM 336 H HN4  . CUD B 1 7 ? -6.439  -7.277  -12.886 1.00 29.78 ? 27  CUD B HN4  1 
HETATM 337 H HN4A . CUD B 1 7 ? -5.426  -6.189  -12.793 1.00 29.78 ? 27  CUD B HN4A 1 
ATOM   338 N N    . LYS B 1 8 ? -11.413 -4.593  -6.683  1.00 32.18 ? 28  LYS B N    1 
HETATM 339 N N    . DLY C 1 1 ? 3.060   10.459  -1.446  1.00 17.58 ? 31  DLY C N    1 
HETATM 340 C CA   . DLY C 1 1 ? 3.459   9.869   -0.160  1.00 18.79 ? 31  DLY C CA   1 
HETATM 341 C C    . DLY C 1 1 ? 2.259   9.565   0.702   1.00 14.80 ? 31  DLY C C    1 
HETATM 342 O O    . DLY C 1 1 ? 1.237   9.171   0.127   1.00 14.82 ? 31  DLY C O    1 
HETATM 343 C CB   . DLY C 1 1 ? 4.294   8.571   -0.322  1.00 25.72 ? 31  DLY C CB   1 
HETATM 344 C CG   . DLY C 1 1 ? 5.651   8.539   -0.934  1.00 17.71 ? 31  DLY C CG   1 
HETATM 345 C CD   . DLY C 1 1 ? 6.297   7.166   -0.771  1.00 21.74 ? 31  DLY C CD   1 
HETATM 346 C CE   . DLY C 1 1 ? 7.705   7.126   -1.387  1.00 21.43 ? 31  DLY C CE   1 
HETATM 347 N NZ   . DLY C 1 1 ? 7.550   6.890   -2.799  1.00 18.78 ? 31  DLY C NZ   1 
HETATM 348 H HA   . DLY C 1 1 ? 4.011   10.525  0.314   1.00 22.55 ? 31  DLY C HA   1 
HETATM 349 H HB2  . DLY C 1 1 ? 3.747   7.955   -0.834  1.00 30.86 ? 31  DLY C HB2  1 
HETATM 350 H HB3  . DLY C 1 1 ? 4.383   8.189   0.565   1.00 30.86 ? 31  DLY C HB3  1 
HETATM 351 H HG2  . DLY C 1 1 ? 5.584   8.754   -1.877  1.00 21.25 ? 31  DLY C HG2  1 
HETATM 352 H HG3  . DLY C 1 1 ? 6.210   9.211   -0.512  1.00 21.25 ? 31  DLY C HG3  1 
HETATM 353 H HD2  . DLY C 1 1 ? 6.353   6.948   0.172   1.00 26.09 ? 31  DLY C HD2  1 
HETATM 354 H HD3  . DLY C 1 1 ? 5.740   6.498   -1.200  1.00 26.09 ? 31  DLY C HD3  1 
HETATM 355 H HE2  . DLY C 1 1 ? 8.227   6.415   -0.984  1.00 25.71 ? 31  DLY C HE2  1 
HETATM 356 H HE3  . DLY C 1 1 ? 8.162   7.968   -1.236  1.00 25.71 ? 31  DLY C HE3  1 
HETATM 357 H HZ1  . DLY C 1 1 ? 8.351   6.847   -3.182  1.00 28.16 ? 31  DLY C HZ1  1 
HETATM 358 H HZ2  . DLY C 1 1 ? 7.082   7.555   -3.161  1.00 28.16 ? 31  DLY C HZ2  1 
HETATM 359 H HZ3  . DLY C 1 1 ? 7.118   6.122   -2.925  1.00 28.16 ? 31  DLY C HZ3  1 
HETATM 360 C C2   . HGL C 1 2 ? 3.181   5.592   7.386   1.00 12.32 ? 32  HGL C C2   1 
HETATM 361 O O6   . HGL C 1 2 ? 2.814   6.968   10.630  1.00 12.17 ? 32  HGL C O6   1 
HETATM 362 C C4   . HGL C 1 2 ? 1.933   7.415   7.199   1.00 12.09 ? 32  HGL C C4   1 
HETATM 363 C C5   . HGL C 1 2 ? 1.977   7.708   8.539   1.00 11.67 ? 32  HGL C C5   1 
HETATM 364 C C6   . HGL C 1 2 ? 2.667   6.855   9.408   1.00 11.64 ? 32  HGL C C6   1 
HETATM 365 C C8   . HGL C 1 2 ? 0.812   9.255   7.623   1.00 12.31 ? 32  HGL C C8   1 
HETATM 366 N N    . HGL C 1 2 ? 2.370   9.655   2.016   1.00 13.61 ? 32  HGL C N    1 
HETATM 367 C CA   . HGL C 1 2 ? 1.373   9.025   2.872   1.00 12.79 ? 32  HGL C CA   1 
HETATM 368 C CB   . HGL C 1 2 ? 1.774   9.129   4.330   1.00 12.74 ? 32  HGL C CB   1 
HETATM 369 C CG   . HGL C 1 2 ? 0.793   8.498   5.213   1.00 12.93 ? 32  HGL C CG   1 
HETATM 370 N N9   . HGL C 1 2 ? 1.175   8.386   6.607   1.00 12.27 ? 32  HGL C N9   1 
HETATM 371 N N3   . HGL C 1 2 ? 2.507   6.360   6.569   1.00 12.90 ? 32  HGL C N3   1 
HETATM 372 N N2   . HGL C 1 2 ? 3.818   4.507   6.927   1.00 14.03 ? 32  HGL C N2   1 
HETATM 373 N N1   . HGL C 1 2 ? 3.281   5.798   8.720   1.00 11.88 ? 32  HGL C N1   1 
HETATM 374 N N7   . HGL C 1 2 ? 1.260   8.886   8.787   1.00 12.26 ? 32  HGL C N7   1 
HETATM 375 C C    . HGL C 1 2 ? 0.014   9.698   2.667   1.00 12.10 ? 32  HGL C C    1 
HETATM 376 O O    . HGL C 1 2 ? -0.124  10.906  2.829   1.00 14.00 ? 32  HGL C O    1 
HETATM 377 H H2   . HGL C 1 2 ? 3.029   10.084  2.365   1.00 16.33 ? 32  HGL C H2   1 
HETATM 378 H HN1  . HGL C 1 2 ? 3.753   5.244   9.176   1.00 14.26 ? 32  HGL C HN1  1 
HETATM 379 H HA   . HGL C 1 2 ? 1.299   8.078   2.629   1.00 15.34 ? 32  HGL C HA   1 
HETATM 380 H HB   . HGL C 1 2 ? 1.865   10.064  4.570   1.00 15.29 ? 32  HGL C HB   1 
HETATM 381 H HBA  . HGL C 1 2 ? 2.636   8.703   4.455   1.00 15.29 ? 32  HGL C HBA  1 
HETATM 382 H HG   . HGL C 1 2 ? -0.032  9.005   5.162   1.00 15.52 ? 32  HGL C HG   1 
HETATM 383 H HGA  . HGL C 1 2 ? 0.607   7.608   4.875   1.00 15.52 ? 32  HGL C HGA  1 
HETATM 384 H HN2  . HGL C 1 2 ? 4.260   4.007   7.469   1.00 16.84 ? 32  HGL C HN2  1 
HETATM 385 H HN2A . HGL C 1 2 ? 3.786   4.311   6.090   1.00 16.84 ? 32  HGL C HN2A 1 
HETATM 386 H H8   . HGL C 1 2 ? 0.303   10.021  7.488   1.00 14.77 ? 32  HGL C H8   1 
HETATM 387 C C2   . AGD C 1 3 ? -1.377  5.877   5.624   1.00 13.35 ? 33  AGD C C2   1 
HETATM 388 C C4   . AGD C 1 3 ? -2.579  7.631   4.990   1.00 13.39 ? 33  AGD C C4   1 
HETATM 389 C C5   . AGD C 1 3 ? -2.723  8.140   6.260   1.00 12.95 ? 33  AGD C C5   1 
HETATM 390 C C6   . AGD C 1 3 ? -2.125  7.453   7.338   1.00 12.31 ? 33  AGD C C6   1 
HETATM 391 N N    . AGD C 1 3 ? -0.978  8.875   2.303   1.00 12.57 ? 33  AGD C N    1 
HETATM 392 C CA   . AGD C 1 3 ? -2.331  9.377   2.053   1.00 13.44 ? 33  AGD C CA   1 
HETATM 393 C CB   . AGD C 1 3 ? -3.357  8.451   2.718   1.00 14.53 ? 33  AGD C CB   1 
HETATM 394 N N9   . AGD C 1 3 ? -3.236  8.509   4.165   1.00 13.71 ? 33  AGD C N9   1 
HETATM 395 N N3   . AGD C 1 3 ? -1.963  6.491   4.624   1.00 13.55 ? 33  AGD C N3   1 
HETATM 396 N N2   . AGD C 1 3 ? -0.705  4.784   5.415   1.00 14.96 ? 33  AGD C N2   1 
HETATM 397 N N1   . AGD C 1 3 ? -1.462  6.296   6.936   1.00 12.78 ? 33  AGD C N1   1 
HETATM 398 O O6   . AGD C 1 3 ? -2.140  7.740   8.540   1.00 13.00 ? 33  AGD C O6   1 
HETATM 399 N N7   . AGD C 1 3 ? -3.465  9.298   6.220   1.00 13.78 ? 33  AGD C N7   1 
HETATM 400 C C8   . AGD C 1 3 ? -3.748  9.503   4.970   1.00 14.08 ? 33  AGD C C8   1 
HETATM 401 C C    . AGD C 1 3 ? -2.642  9.557   0.575   1.00 12.65 ? 33  AGD C C    1 
HETATM 402 O O    . AGD C 1 3 ? -3.785  9.499   0.186   1.00 14.34 ? 33  AGD C O    1 
HETATM 403 H H2   . AGD C 1 3 ? -0.817  8.034   2.214   1.00 15.09 ? 33  AGD C H2   1 
HETATM 404 H HN1  . AGD C 1 3 ? -1.086  5.814   7.541   1.00 15.34 ? 33  AGD C HN1  1 
HETATM 405 H HA   . AGD C 1 3 ? -2.404  10.256  2.480   1.00 16.13 ? 33  AGD C HA   1 
HETATM 406 H HB   . AGD C 1 3 ? -4.252  8.718   2.456   1.00 17.43 ? 33  AGD C HB   1 
HETATM 407 H HBA  . AGD C 1 3 ? -3.214  7.540   2.417   1.00 17.43 ? 33  AGD C HBA  1 
HETATM 408 H HN2  . AGD C 1 3 ? -0.323  4.383   6.072   1.00 17.95 ? 33  AGD C HN2  1 
HETATM 409 H HN2A . AGD C 1 3 ? -0.644  4.463   4.620   1.00 17.95 ? 33  AGD C HN2A 1 
HETATM 410 H H8   . AGD C 1 3 ? -4.237  10.229  4.657   1.00 16.89 ? 33  AGD C H8   1 
HETATM 411 N N    . LHC C 1 4 ? -1.634  9.774   -0.240  1.00 13.56 ? 34  LHC C N    1 
HETATM 412 C CA   . LHC C 1 4 ? -1.871  10.053  -1.640  1.00 12.53 ? 34  LHC C CA   1 
HETATM 413 C CB   . LHC C 1 4 ? -0.591  10.460  -2.356  1.00 12.82 ? 34  LHC C CB   1 
HETATM 414 C CG   . LHC C 1 4 ? -0.780  10.528  -3.820  1.00 12.33 ? 34  LHC C CG   1 
HETATM 415 N N1   . LHC C 1 4 ? 0.304   11.037  -4.655  1.00 12.04 ? 34  LHC C N1   1 
HETATM 416 C C6   . LHC C 1 4 ? 0.170   12.256  -5.250  1.00 12.80 ? 34  LHC C C6   1 
HETATM 417 C C5   . LHC C 1 4 ? 1.101   12.704  -6.085  1.00 12.70 ? 34  LHC C C5   1 
HETATM 418 C C4   . LHC C 1 4 ? 2.217   11.881  -6.339  1.00 11.98 ? 34  LHC C C4   1 
HETATM 419 N N4   . LHC C 1 4 ? 3.177   12.244  -7.195  1.00 12.55 ? 34  LHC C N4   1 
HETATM 420 N N3   . LHC C 1 4 ? 2.400   10.727  -5.689  1.00 11.73 ? 34  LHC C N3   1 
HETATM 421 C C2   . LHC C 1 4 ? 1.445   10.323  -4.810  1.00 11.98 ? 34  LHC C C2   1 
HETATM 422 O O2   . LHC C 1 4 ? 1.570   9.221   -4.220  1.00 13.29 ? 34  LHC C O2   1 
HETATM 423 C C    . LHC C 1 4 ? -2.497  8.850   -2.318  1.00 12.29 ? 34  LHC C C    1 
HETATM 424 O O    . LHC C 1 4 ? -2.016  7.727   -2.200  1.00 14.05 ? 34  LHC C O    1 
HETATM 425 H H2   . LHC C 1 4 ? -0.829  9.751   0.061   1.00 16.27 ? 34  LHC C H2   1 
HETATM 426 H HA   . LHC C 1 4 ? -2.503  10.800  -1.699  1.00 15.04 ? 34  LHC C HA   1 
HETATM 427 H HB   . LHC C 1 4 ? 0.106   9.817   -2.154  1.00 15.38 ? 34  LHC C HB   1 
HETATM 428 H HBA  . LHC C 1 4 ? -0.303  11.326  -2.030  1.00 15.38 ? 34  LHC C HBA  1 
HETATM 429 H HG   . LHC C 1 4 ? -0.991  9.632   -4.129  1.00 14.80 ? 34  LHC C HG   1 
HETATM 430 H HGA  . LHC C 1 4 ? -1.562  11.077  -3.989  1.00 14.80 ? 34  LHC C HGA  1 
HETATM 431 H H6   . LHC C 1 4 ? -0.578  12.778  -5.071  1.00 15.36 ? 34  LHC C H6   1 
HETATM 432 H H5   . LHC C 1 4 ? 1.018   13.537  -6.490  1.00 15.23 ? 34  LHC C H5   1 
HETATM 433 H HN4  . LHC C 1 4 ? 3.867   11.743  -7.306  1.00 15.06 ? 34  LHC C HN4  1 
HETATM 434 H HN4A . LHC C 1 4 ? 3.104   12.978  -7.637  1.00 15.06 ? 34  LHC C HN4A 1 
HETATM 435 C C2   . AGD C 1 5 ? -0.899  8.190   -6.853  1.00 13.34 ? 35  AGD C C2   1 
HETATM 436 C C4   . AGD C 1 5 ? -2.777  9.292   -6.390  1.00 13.62 ? 35  AGD C C4   1 
HETATM 437 C C5   . AGD C 1 5 ? -2.428  10.418  -7.116  1.00 13.35 ? 35  AGD C C5   1 
HETATM 438 C C6   . AGD C 1 5 ? -1.210  10.450  -7.793  1.00 12.90 ? 35  AGD C C6   1 
HETATM 439 N N    . AGD C 1 5 ? -3.570  9.106   -3.077  1.00 12.78 ? 35  AGD C N    1 
HETATM 440 C CA   . AGD C 1 5 ? -4.173  8.042   -3.883  1.00 14.01 ? 35  AGD C CA   1 
HETATM 441 C CB   . AGD C 1 5 ? -4.843  8.647   -5.095  1.00 15.50 ? 35  AGD C CB   1 
HETATM 442 N N9   . AGD C 1 5 ? -4.009  9.526   -5.873  1.00 14.53 ? 35  AGD C N9   1 
HETATM 443 N N3   . AGD C 1 5 ? -2.064  8.165   -6.242  1.00 13.57 ? 35  AGD C N3   1 
HETATM 444 N N2   . AGD C 1 5 ? -0.069  7.157   -6.751  1.00 14.54 ? 35  AGD C N2   1 
HETATM 445 N N1   . AGD C 1 5 ? -0.476  9.261   -7.591  1.00 12.99 ? 35  AGD C N1   1 
HETATM 446 O O6   . AGD C 1 5 ? -0.740  11.307  -8.544  1.00 14.03 ? 35  AGD C O6   1 
HETATM 447 N N7   . AGD C 1 5 ? -3.435  11.361  -7.026  1.00 14.53 ? 35  AGD C N7   1 
HETATM 448 C C8   . AGD C 1 5 ? -4.366  10.808  -6.241  1.00 15.27 ? 35  AGD C C8   1 
HETATM 449 C C    . AGD C 1 5 ? -5.187  7.212   -3.125  1.00 14.34 ? 35  AGD C C    1 
HETATM 450 O O    . AGD C 1 5 ? -5.798  6.302   -3.687  1.00 16.50 ? 35  AGD C O    1 
HETATM 451 H H2   . AGD C 1 5 ? -3.906  9.898   -3.092  1.00 15.34 ? 35  AGD C H2   1 
HETATM 452 H HN1  . AGD C 1 5 ? 0.299   9.206   -7.961  1.00 15.58 ? 35  AGD C HN1  1 
HETATM 453 H HA   . AGD C 1 5 ? -3.458  7.447   -4.191  1.00 16.81 ? 35  AGD C HA   1 
HETATM 454 H HB   . AGD C 1 5 ? -5.151  7.927   -5.669  1.00 18.60 ? 35  AGD C HB   1 
HETATM 455 H HBA  . AGD C 1 5 ? -5.624  9.141   -4.803  1.00 18.60 ? 35  AGD C HBA  1 
HETATM 456 H HN2  . AGD C 1 5 ? 0.692   7.176   -7.152  1.00 17.45 ? 35  AGD C HN2  1 
HETATM 457 H HN2A . AGD C 1 5 ? -0.293  6.469   -6.286  1.00 17.45 ? 35  AGD C HN2A 1 
HETATM 458 H H8   . AGD C 1 5 ? -5.151  11.232  -5.977  1.00 18.33 ? 35  AGD C H8   1 
HETATM 459 N N    . LHC C 1 6 ? -5.445  7.577   -1.875  1.00 14.51 ? 36  LHC C N    1 
HETATM 460 C CA   . LHC C 1 6 ? -6.446  6.914   -1.068  1.00 14.76 ? 36  LHC C CA   1 
HETATM 461 C CB   . LHC C 1 6 ? -6.486  7.520   0.311   1.00 15.44 ? 36  LHC C CB   1 
HETATM 462 C CG   . LHC C 1 6 ? -7.483  6.904   1.221   1.00 17.20 ? 36  LHC C CG   1 
HETATM 463 N N1   . LHC C 1 6 ? -7.298  7.341   2.611   1.00 16.35 ? 36  LHC C N1   1 
HETATM 464 C C6   . LHC C 1 6 ? -7.922  8.452   3.035   1.00 16.70 ? 36  LHC C C6   1 
HETATM 465 C C5   . LHC C 1 6 ? -7.777  8.886   4.286   1.00 16.25 ? 36  LHC C C5   1 
HETATM 466 C C4   . LHC C 1 6 ? -6.942  8.126   5.150   1.00 14.95 ? 36  LHC C C4   1 
HETATM 467 N N4   . LHC C 1 6 ? -6.790  8.438   6.445   1.00 15.31 ? 36  LHC C N4   1 
HETATM 468 N N3   . LHC C 1 6 ? -6.295  7.030   4.724   1.00 15.18 ? 36  LHC C N3   1 
HETATM 469 C C2   . LHC C 1 6 ? -6.426  6.647   3.441   1.00 15.42 ? 36  LHC C C2   1 
HETATM 470 O O2   . LHC C 1 6 ? -5.824  5.661   2.999   1.00 18.11 ? 36  LHC C O2   1 
HETATM 471 C C    . LHC C 1 6 ? -7.782  6.930   -1.777  1.00 14.67 ? 36  LHC C C    1 
HETATM 472 O O    . LHC C 1 6 ? -8.232  8.001   -2.189  1.00 16.50 ? 36  LHC C O    1 
HETATM 473 H H2   . LHC C 1 6 ? -5.003  8.230   -1.533  1.00 17.41 ? 36  LHC C H2   1 
HETATM 474 H HA   . LHC C 1 6 ? -6.174  5.977   -0.971  1.00 17.72 ? 36  LHC C HA   1 
HETATM 475 H HB   . LHC C 1 6 ? -6.683  8.466   0.229   1.00 18.53 ? 36  LHC C HB   1 
HETATM 476 H HBA  . LHC C 1 6 ? -5.607  7.437   0.712   1.00 18.53 ? 36  LHC C HBA  1 
HETATM 477 H HG   . LHC C 1 6 ? -8.376  7.144   0.927   1.00 20.65 ? 36  LHC C HG   1 
HETATM 478 H HGA  . LHC C 1 6 ? -7.404  5.938   1.176   1.00 20.65 ? 36  LHC C HGA  1 
HETATM 479 H H6   . LHC C 1 6 ? -8.464  8.927   2.446   1.00 20.04 ? 36  LHC C H6   1 
HETATM 480 H H5   . LHC C 1 6 ? -8.205  9.656   4.584   1.00 19.51 ? 36  LHC C H5   1 
HETATM 481 H HN4  . LHC C 1 6 ? -6.299  7.946   6.951   1.00 18.37 ? 36  LHC C HN4  1 
HETATM 482 H HN4A . LHC C 1 6 ? -7.183  9.130   6.769   1.00 18.37 ? 36  LHC C HN4A 1 
HETATM 483 C C2   . CUD C 1 7 ? -10.578 5.334   0.424   1.00 16.19 ? 37  CUD C C2   1 
HETATM 484 C C4   . CUD C 1 7 ? -11.399 7.212   1.498   1.00 16.00 ? 37  CUD C C4   1 
HETATM 485 C C5   . CUD C 1 7 ? -11.933 7.719   0.282   1.00 16.72 ? 37  CUD C C5   1 
HETATM 486 C C6   . CUD C 1 7 ? -11.730 6.972   -0.811  1.00 17.24 ? 37  CUD C C6   1 
HETATM 487 N N    . CUD C 1 7 ? -8.457  5.805   -1.939  1.00 16.06 ? 37  CUD C N    1 
HETATM 488 C CA   . CUD C 1 7 ? -9.639  5.645   -2.779  1.00 16.84 ? 37  CUD C CA   1 
HETATM 489 C CB   . CUD C 1 7 ? -10.817 5.042   -1.999  1.00 17.59 ? 37  CUD C CB   1 
HETATM 490 N N1   . CUD C 1 7 ? -11.048 5.810   -0.792  1.00 16.84 ? 37  CUD C N1   1 
HETATM 491 N N4   . CUD C 1 7 ? -11.522 7.867   2.627   1.00 16.93 ? 37  CUD C N4   1 
HETATM 492 N N3   . CUD C 1 7 ? -10.743 6.018   1.565   1.00 16.02 ? 37  CUD C N3   1 
HETATM 493 O O2   . CUD C 1 7 ? -9.959  4.263   0.452   1.00 17.85 ? 37  CUD C O2   1 
HETATM 494 C C    . CUD C 1 7 ? -9.342  4.776   -4.016  1.00 21.45 ? 37  CUD C C    1 
HETATM 495 O O    . CUD C 1 7 ? -10.268 4.584   -4.794  1.00 31.27 ? 37  CUD C O    1 
HETATM 496 H H2   . CUD C 1 7 ? -8.178  5.112   -1.514  1.00 19.27 ? 37  CUD C H2   1 
HETATM 497 H HA   . CUD C 1 7 ? -9.909  6.533   -3.092  1.00 20.21 ? 37  CUD C HA   1 
HETATM 498 H HB   . CUD C 1 7 ? -11.615 5.052   -2.551  1.00 21.11 ? 37  CUD C HB   1 
HETATM 499 H HBA  . CUD C 1 7 ? -10.619 4.121   -1.768  1.00 21.11 ? 37  CUD C HBA  1 
HETATM 500 H H6   . CUD C 1 7 ? -12.076 7.271   -1.622  1.00 20.69 ? 37  CUD C H6   1 
HETATM 501 H H5   . CUD C 1 7 ? -12.397 8.525   0.248   1.00 20.06 ? 37  CUD C H5   1 
HETATM 502 H HN4  . CUD C 1 7 ? -11.929 8.626   2.641   1.00 20.31 ? 37  CUD C HN4  1 
HETATM 503 H HN4A . CUD C 1 7 ? -11.198 7.540   3.352   1.00 20.31 ? 37  CUD C HN4A 1 
ATOM   504 N N    . LYS C 1 8 ? -8.149  4.301   -4.193  1.00 28.42 ? 38  LYS C N    1 
HETATM 505 N N    A DLY D 1 1 ? -8.251  -3.494  10.186  0.63 46.82 ? 41  DLY D N    1 
HETATM 506 N N    B DLY D 1 1 ? -9.111  -3.145  6.670   0.37 36.99 ? 41  DLY D N    1 
HETATM 507 C CA   A DLY D 1 1 ? -8.051  -3.420  8.745   0.63 33.17 ? 41  DLY D CA   1 
HETATM 508 C CA   B DLY D 1 1 ? -7.681  -3.378  6.525   0.37 31.04 ? 41  DLY D CA   1 
HETATM 509 C C    A DLY D 1 1 ? -7.148  -2.259  8.329   0.63 27.03 ? 41  DLY D C    1 
HETATM 510 C C    B DLY D 1 1 ? -6.848  -2.216  7.062   0.37 25.77 ? 41  DLY D C    1 
HETATM 511 O O    A DLY D 1 1 ? -5.957  -2.516  8.158   0.63 29.29 ? 41  DLY D O    1 
HETATM 512 O O    B DLY D 1 1 ? -5.626  -2.309  7.038   0.37 23.85 ? 41  DLY D O    1 
HETATM 513 C CB   A DLY D 1 1 ? -7.358  -4.700  8.261   0.63 38.44 ? 41  DLY D CB   1 
HETATM 514 C CB   B DLY D 1 1 ? -7.233  -4.675  7.203   0.37 24.94 ? 41  DLY D CB   1 
HETATM 515 H HA   A DLY D 1 1 ? -8.920  -3.332  8.300   0.63 39.80 ? 41  DLY D HA   1 
HETATM 516 H HA   B DLY D 1 1 ? -7.489  -3.463  5.568   0.37 37.25 ? 41  DLY D HA   1 
HETATM 517 C C2   . HGL D 1 2 ? -8.644  3.842   3.828   1.00 17.01 ? 42  HGL D C2   1 
HETATM 518 O O6   . HGL D 1 2 ? -10.251 6.782   5.013   1.00 16.53 ? 42  HGL D O6   1 
HETATM 519 C C4   . HGL D 1 2 ? -8.173  4.047   5.979   1.00 15.91 ? 42  HGL D C4   1 
HETATM 520 C C5   . HGL D 1 2 ? -8.880  5.214   6.156   1.00 15.71 ? 42  HGL D C5   1 
HETATM 521 C C6   . HGL D 1 2 ? -9.542  5.775   5.049   1.00 15.48 ? 42  HGL D C6   1 
HETATM 522 C C8   . HGL D 1 2 ? -8.044  4.748   8.044   1.00 16.74 ? 42  HGL D C8   1 
HETATM 523 N N    A HGL D 1 2 ? -7.635  -1.056  8.143   0.63 22.42 ? 42  HGL D N    1 
HETATM 524 N N    B HGL D 1 2 ? -7.447  -1.126  7.519   0.37 22.85 ? 42  HGL D N    1 
HETATM 525 C CA   A HGL D 1 2 ? -6.794  0.096   7.751   0.63 19.12 ? 42  HGL D CA   1 
HETATM 526 C CA   B HGL D 1 2 ? -6.794  0.118   7.757   0.37 18.97 ? 42  HGL D CA   1 
HETATM 527 C CB   . HGL D 1 2 ? -7.640  1.353   7.708   1.00 16.67 ? 42  HGL D CB   1 
HETATM 528 C CG   . HGL D 1 2 ? -6.828  2.566   7.536   1.00 16.51 ? 42  HGL D CG   1 
HETATM 529 N N9   . HGL D 1 2 ? -7.656  3.746   7.211   1.00 16.60 ? 42  HGL D N9   1 
HETATM 530 N N3   . HGL D 1 2 ? -8.020  3.319   4.864   1.00 17.05 ? 42  HGL D N3   1 
HETATM 531 N N2   . HGL D 1 2 ? -8.598  3.246   2.617   1.00 19.73 ? 42  HGL D N2   1 
HETATM 532 N N1   . HGL D 1 2 ? -9.386  5.005   3.912   1.00 16.32 ? 42  HGL D N1   1 
HETATM 533 N N7   . HGL D 1 2 ? -8.774  5.657   7.474   1.00 15.65 ? 42  HGL D N7   1 
HETATM 534 C C    . HGL D 1 2 ? -5.666  0.193   8.777   1.00 17.15 ? 42  HGL D C    1 
HETATM 535 O O    . HGL D 1 2 ? -5.917  0.142   9.985   1.00 20.29 ? 42  HGL D O    1 
HETATM 536 H H2   A HGL D 1 2 ? -8.479  -0.931  8.255   0.63 26.90 ? 42  HGL D H2   1 
HETATM 537 H H2   B HGL D 1 2 ? -8.290  -1.173  7.683   0.37 27.42 ? 42  HGL D H2   1 
HETATM 538 H HN1  . HGL D 1 2 ? -9.783  5.271   3.196   1.00 19.59 ? 42  HGL D HN1  1 
HETATM 539 H HA   A HGL D 1 2 ? -6.412  -0.068  6.864   0.63 22.95 ? 42  HGL D HA   1 
HETATM 540 H HA   B HGL D 1 2 ? -6.287  0.215   6.924   0.37 22.76 ? 42  HGL D HA   1 
HETATM 541 H HB   A HGL D 1 2 ? -8.147  1.424   8.533   1.00 20.01 ? 42  HGL D HB   1 
HETATM 542 H HBA  A HGL D 1 2 ? -8.272  1.286   6.976   1.00 20.01 ? 42  HGL D HBA  1 
HETATM 543 H HG   . HGL D 1 2 ? -6.186  2.420   6.824   1.00 19.81 ? 42  HGL D HG   1 
HETATM 544 H HGA  . HGL D 1 2 ? -6.335  2.738   8.353   1.00 19.81 ? 42  HGL D HGA  1 
HETATM 545 H HN2  . HGL D 1 2 ? -9.009  3.597   1.949   1.00 23.68 ? 42  HGL D HN2  1 
HETATM 546 H HN2A . HGL D 1 2 ? -8.158  2.513   2.515   1.00 23.68 ? 42  HGL D HN2A 1 
HETATM 547 H H8   . HGL D 1 2 ? -7.809  4.780   8.942   1.00 20.09 ? 42  HGL D H8   1 
HETATM 548 C C2   . AGD D 1 3 ? -4.161  4.139   5.967   1.00 15.95 ? 43  AGD D C2   1 
HETATM 549 C C4   . AGD D 1 3 ? -3.540  3.543   7.997   1.00 14.98 ? 43  AGD D C4   1 
HETATM 550 C C5   . AGD D 1 3 ? -4.064  4.652   8.616   1.00 14.47 ? 43  AGD D C5   1 
HETATM 551 C C6   . AGD D 1 3 ? -4.753  5.608   7.821   1.00 14.17 ? 43  AGD D C6   1 
HETATM 552 N N    . AGD D 1 3 ? -4.442  0.334   8.348   1.00 17.15 ? 43  AGD D N    1 
HETATM 553 C CA   . AGD D 1 3 ? -3.263  0.372   9.220   1.00 17.10 ? 43  AGD D CA   1 
HETATM 554 C CB   . AGD D 1 3 ? -2.317  1.506   8.870   1.00 17.27 ? 43  AGD D CB   1 
HETATM 555 N N9   . AGD D 1 3 ? -2.988  2.786   8.991   1.00 16.01 ? 43  AGD D N9   1 
HETATM 556 N N3   . AGD D 1 3 ? -3.522  3.251   6.693   1.00 16.40 ? 43  AGD D N3   1 
HETATM 557 N N2   . AGD D 1 3 ? -4.304  3.980   4.646   1.00 17.26 ? 43  AGD D N2   1 
HETATM 558 N N1   . AGD D 1 3 ? -4.752  5.266   6.470   1.00 14.91 ? 43  AGD D N1   1 
HETATM 559 O O6   . AGD D 1 3 ? -5.325  6.640   8.179   1.00 14.48 ? 43  AGD D O6   1 
HETATM 560 N N7   . AGD D 1 3 ? -3.869  4.569   10.005  1.00 15.24 ? 43  AGD D N7   1 
HETATM 561 C C8   . AGD D 1 3 ? -3.223  3.459   10.163  1.00 15.59 ? 43  AGD D C8   1 
HETATM 562 C C    . AGD D 1 3 ? -2.505  -0.951  9.154   1.00 16.30 ? 43  AGD D C    1 
HETATM 563 O O    . AGD D 1 3 ? -1.329  -0.978  9.496   1.00 16.74 ? 43  AGD D O    1 
HETATM 564 H H2   . AGD D 1 3 ? -4.320  0.409   7.500   1.00 20.58 ? 43  AGD D H2   1 
HETATM 565 H HN1  . AGD D 1 3 ? -5.144  5.795   5.918   1.00 17.89 ? 43  AGD D HN1  1 
HETATM 566 H HA   . AGD D 1 3 ? -3.569  0.503   10.142  1.00 20.52 ? 43  AGD D HA   1 
HETATM 567 H HB   . AGD D 1 3 ? -1.550  1.485   9.464   1.00 20.72 ? 43  AGD D HB   1 
HETATM 568 H HBA  . AGD D 1 3 ? -1.997  1.393   7.961   1.00 20.72 ? 43  AGD D HBA  1 
HETATM 569 H HN2  . AGD D 1 3 ? -4.726  4.571   4.185   1.00 20.71 ? 43  AGD D HN2  1 
HETATM 570 H HN2A . AGD D 1 3 ? -3.973  3.287   4.259   1.00 20.71 ? 43  AGD D HN2A 1 
HETATM 571 H H8   . AGD D 1 3 ? -2.945  3.147   10.993  1.00 18.71 ? 43  AGD D H8   1 
HETATM 572 N N    . LHC D 1 4 ? -3.164  -2.029  8.765   1.00 17.75 ? 44  LHC D N    1 
HETATM 573 C CA   . LHC D 1 4 ? -2.541  -3.338  8.821   1.00 17.48 ? 44  LHC D CA   1 
HETATM 574 C CB   . LHC D 1 4 ? -3.491  -4.406  8.288   1.00 19.23 ? 44  LHC D CB   1 
HETATM 575 C CG   . LHC D 1 4 ? -2.815  -5.737  8.154   1.00 17.52 ? 44  LHC D CG   1 
HETATM 576 N N1   . LHC D 1 4 ? -3.771  -6.797  7.782   1.00 17.78 ? 44  LHC D N1   1 
HETATM 577 C C6   . LHC D 1 4 ? -4.215  -7.662  8.714   1.00 20.25 ? 44  LHC D C6   1 
HETATM 578 C C5   . LHC D 1 4 ? -5.087  -8.629  8.386   1.00 19.92 ? 44  LHC D C5   1 
HETATM 579 C C4   . LHC D 1 4 ? -5.523  -8.708  7.039   1.00 19.12 ? 44  LHC D C4   1 
HETATM 580 N N4   . LHC D 1 4 ? -6.394  -9.623  6.687   1.00 21.45 ? 44  LHC D N4   1 
HETATM 581 N N3   . LHC D 1 4 ? -5.088  -7.852  6.098   1.00 18.54 ? 44  LHC D N3   1 
HETATM 582 C C2   . LHC D 1 4 ? -4.176  -6.905  6.440   1.00 17.91 ? 44  LHC D C2   1 
HETATM 583 O O2   . LHC D 1 4 ? -3.760  -6.067  5.640   1.00 20.15 ? 44  LHC D O2   1 
HETATM 584 C C    . LHC D 1 4 ? -1.277  -3.338  8.050   1.00 16.37 ? 44  LHC D C    1 
HETATM 585 O O    . LHC D 1 4 ? -1.232  -2.912  6.876   1.00 18.34 ? 44  LHC D O    1 
HETATM 586 H H2   . LHC D 1 4 ? -3.970  -1.954  8.476   1.00 21.30 ? 44  LHC D H2   1 
HETATM 587 H HA   . LHC D 1 4 ? -2.335  -3.544  9.757   1.00 20.98 ? 44  LHC D HA   1 
HETATM 588 H HB   . LHC D 1 4 ? -3.829  -4.129  7.423   1.00 23.07 ? 44  LHC D HB   1 
HETATM 589 H HBA  . LHC D 1 4 ? -4.247  -4.490  8.891   1.00 23.07 ? 44  LHC D HBA  1 
HETATM 590 H HG   . LHC D 1 4 ? -2.122  -5.679  7.477   1.00 21.02 ? 44  LHC D HG   1 
HETATM 591 H HGA  . LHC D 1 4 ? -2.392  -5.969  8.995   1.00 21.02 ? 44  LHC D HGA  1 
HETATM 592 H H6   . LHC D 1 4 ? -3.914  -7.588  9.591   1.00 24.30 ? 44  LHC D H6   1 
HETATM 593 H H5   . LHC D 1 4 ? -5.397  -9.229  9.024   1.00 23.90 ? 44  LHC D H5   1 
HETATM 594 H HN4  . LHC D 1 4 ? -6.671  -9.663  5.874   1.00 25.74 ? 44  LHC D HN4  1 
HETATM 595 H HN4A . LHC D 1 4 ? -6.688  -10.183 7.270   1.00 25.74 ? 44  LHC D HN4A 1 
HETATM 596 C C2   . AGD D 1 5 ? -0.426  -7.369  5.361   1.00 16.14 ? 45  AGD D C2   1 
HETATM 597 C C4   . AGD D 1 5 ? 0.278   -7.000  7.437   1.00 15.41 ? 45  AGD D C4   1 
HETATM 598 C C5   . AGD D 1 5 ? -0.423  -8.053  7.996   1.00 16.04 ? 45  AGD D C5   1 
HETATM 599 C C6   . AGD D 1 5 ? -1.213  -8.839  7.135   1.00 15.74 ? 45  AGD D C6   1 
HETATM 600 N N    . AGD D 1 5 ? -0.200  -3.836  8.667   1.00 16.01 ? 45  AGD D N    1 
HETATM 601 C CA   . AGD D 1 5 ? 1.051   -4.004  7.940   1.00 16.33 ? 45  AGD D CA   1 
HETATM 602 C CB   . AGD D 1 5 ? 1.798   -5.247  8.417   1.00 16.70 ? 45  AGD D CB   1 
HETATM 603 N N9   . AGD D 1 5 ? 0.942   -6.410  8.484   1.00 16.00 ? 45  AGD D N9   1 
HETATM 604 N N3   . AGD D 1 5 ? 0.303   -6.620  6.143   1.00 16.29 ? 45  AGD D N3   1 
HETATM 605 N N2   . AGD D 1 5 ? -0.477  -7.083  4.040   1.00 17.76 ? 45  AGD D N2   1 
HETATM 606 N N1   . AGD D 1 5 ? -1.143  -8.428  5.814   1.00 16.24 ? 45  AGD D N1   1 
HETATM 607 O O6   . AGD D 1 5 ? -1.890  -9.855  7.452   1.00 16.75 ? 45  AGD D O6   1 
HETATM 608 N N7   . AGD D 1 5 ? -0.206  -8.080  9.363   1.00 16.16 ? 45  AGD D N7   1 
HETATM 609 C C8   . AGD D 1 5 ? 0.575   -7.102  9.613   1.00 16.65 ? 45  AGD D C8   1 
HETATM 610 C C    . AGD D 1 5 ? 1.973   -2.803  8.080   1.00 14.94 ? 45  AGD D C    1 
HETATM 611 O O    . AGD D 1 5 ? 3.130   -2.879  7.669   1.00 19.13 ? 45  AGD D O    1 
HETATM 612 H H2   . AGD D 1 5 ? -0.246  -4.058  9.496   1.00 19.22 ? 45  AGD D H2   1 
HETATM 613 H HN1  . AGD D 1 5 ? -1.590  -8.880  5.235   1.00 19.49 ? 45  AGD D HN1  1 
HETATM 614 H HA   . AGD D 1 5 ? 0.840   -4.119  6.989   1.00 19.59 ? 45  AGD D HA   1 
HETATM 615 H HB   . AGD D 1 5 ? 2.533   -5.429  7.812   1.00 20.05 ? 45  AGD D HB   1 
HETATM 616 H HBA  . AGD D 1 5 ? 2.170   -5.077  9.296   1.00 20.05 ? 45  AGD D HBA  1 
HETATM 617 H HN2  . AGD D 1 5 ? -0.954  -7.568  3.513   1.00 21.32 ? 45  AGD D HN2  1 
HETATM 618 H HN2A . AGD D 1 5 ? -0.034  -6.416  3.727   1.00 21.32 ? 45  AGD D HN2A 1 
HETATM 619 H H8   . AGD D 1 5 ? 0.865   -6.881  10.469  1.00 19.98 ? 45  AGD D H8   1 
HETATM 620 N N    . LHC D 1 6 ? 1.484   -1.682  8.575   1.00 14.91 ? 46  LHC D N    1 
HETATM 621 C CA   . LHC D 1 6 ? 2.256   -0.482  8.680   1.00 13.76 ? 46  LHC D CA   1 
HETATM 622 C CB   . LHC D 1 6 ? 1.385   0.670   9.142   1.00 14.05 ? 46  LHC D CB   1 
HETATM 623 C CG   . LHC D 1 6 ? 2.146   1.928   9.293   1.00 14.94 ? 46  LHC D CG   1 
HETATM 624 N N1   . LHC D 1 6 ? 1.282   3.067   9.684   1.00 13.94 ? 46  LHC D N1   1 
HETATM 625 C C6   . LHC D 1 6 ? 1.181   3.380   11.003  1.00 14.09 ? 46  LHC D C6   1 
HETATM 626 C C5   . LHC D 1 6 ? 0.437   4.454   11.387  1.00 13.98 ? 46  LHC D C5   1 
HETATM 627 C C4   . LHC D 1 6 ? -0.221  5.160   10.374  1.00 12.60 ? 46  LHC D C4   1 
HETATM 628 N N4   . LHC D 1 6 ? -0.937  6.262   10.680  1.00 13.52 ? 46  LHC D N4   1 
HETATM 629 N N3   . LHC D 1 6 ? -0.146  4.835   9.099   1.00 12.54 ? 46  LHC D N3   1 
HETATM 630 C C2   . LHC D 1 6 ? 0.560   3.739   8.736   1.00 13.49 ? 46  LHC D C2   1 
HETATM 631 O O2   . LHC D 1 6 ? 0.630   3.368   7.541   1.00 15.43 ? 46  LHC D O2   1 
HETATM 632 C C    . LHC D 1 6 ? 3.480   -0.697  9.576   1.00 14.69 ? 46  LHC D C    1 
HETATM 633 O O    . LHC D 1 6 ? 3.367   -1.218  10.657  1.00 19.12 ? 46  LHC D O    1 
HETATM 634 H H2   . LHC D 1 6 ? 0.669   -1.673  8.846   1.00 17.89 ? 46  LHC D H2   1 
HETATM 635 H HA   . LHC D 1 6 ? 2.583   -0.262  7.783   1.00 16.51 ? 46  LHC D HA   1 
HETATM 636 H HB   . LHC D 1 6 ? 0.979   0.440   9.993   1.00 16.86 ? 46  LHC D HB   1 
HETATM 637 H HBA  . LHC D 1 6 ? 0.672   0.806   8.499   1.00 16.86 ? 46  LHC D HBA  1 
HETATM 638 H HG   . LHC D 1 6 ? 2.586   2.136   8.454   1.00 17.93 ? 46  LHC D HG   1 
HETATM 639 H HGA  . LHC D 1 6 ? 2.834   1.804   9.967   1.00 17.93 ? 46  LHC D HGA  1 
HETATM 640 H H6   . LHC D 1 6 ? 1.619   2.863   11.640  1.00 16.91 ? 46  LHC D H6   1 
HETATM 641 H H5   . LHC D 1 6 ? 0.368   4.706   12.280  1.00 16.77 ? 46  LHC D H5   1 
HETATM 642 H HN4  . LHC D 1 6 ? -1.317  6.714   10.056  1.00 16.22 ? 46  LHC D HN4  1 
HETATM 643 H HN4A . LHC D 1 6 ? -1.012  6.511   11.500  1.00 16.22 ? 46  LHC D HN4A 1 
HETATM 644 C C2   . CUD D 1 7 ? 5.336   2.912   9.791   1.00 13.31 ? 47  CUD D C2   1 
HETATM 645 C C4   . CUD D 1 7 ? 4.655   3.988   11.761  1.00 13.12 ? 47  CUD D C4   1 
HETATM 646 C C5   . CUD D 1 7 ? 5.304   2.970   12.546  1.00 15.01 ? 47  CUD D C5   1 
HETATM 647 C C6   . CUD D 1 7 ? 5.916   2.005   11.915  1.00 15.77 ? 47  CUD D C6   1 
HETATM 648 N N    . CUD D 1 7 ? 4.633   -0.263  9.088   1.00 15.70 ? 47  CUD D N    1 
HETATM 649 C CA   A CUD D 1 7 ? 5.836   -0.446  9.937   0.61 17.51 ? 47  CUD D CA   1 
HETATM 650 C CA   B CUD D 1 7 ? 5.970   -0.459  9.602   0.39 18.26 ? 47  CUD D CA   1 
HETATM 651 C CB   . CUD D 1 7 ? 6.672   0.862   9.845   1.00 17.13 ? 47  CUD D CB   1 
HETATM 652 N N1   . CUD D 1 7 ? 5.982   1.926   10.552  1.00 14.79 ? 47  CUD D N1   1 
HETATM 653 N N4   . CUD D 1 7 ? 4.035   5.003   12.291  1.00 13.50 ? 47  CUD D N4   1 
HETATM 654 N N3   . CUD D 1 7 ? 4.683   3.923   10.415  1.00 13.05 ? 47  CUD D N3   1 
HETATM 655 O O2   . CUD D 1 7 ? 5.393   2.849   8.562   1.00 14.45 ? 47  CUD D O2   1 
HETATM 656 C C    A CUD D 1 7 ? 6.675   -1.647  9.449   0.61 19.68 ? 47  CUD D C    1 
HETATM 657 C C    B CUD D 1 7 ? 6.762   -1.330  8.578   0.39 20.94 ? 47  CUD D C    1 
HETATM 658 O O    A CUD D 1 7 ? 7.856   -1.702  9.700   0.61 25.95 ? 47  CUD D O    1 
HETATM 659 O O    B CUD D 1 7 ? 7.971   -1.214  8.471   0.39 29.31 ? 47  CUD D O    1 
HETATM 660 H H2   A CUD D 1 7 ? 4.682   0.109   8.315   1.00 18.84 ? 47  CUD D H2   1 
HETATM 661 H HA   A CUD D 1 7 ? 5.562   -0.596  10.866  0.61 21.01 ? 47  CUD D HA   1 
HETATM 662 H HA   B CUD D 1 7 ? 5.912   -0.946  10.450  0.39 21.91 ? 47  CUD D HA   1 
HETATM 663 H HB   A CUD D 1 7 ? 7.548   0.720   10.238  1.00 20.56 ? 47  CUD D HB   1 
HETATM 664 H HBA  A CUD D 1 7 ? 6.793   1.109   8.915   1.00 20.56 ? 47  CUD D HBA  1 
HETATM 665 H H6   . CUD D 1 7 ? 6.325   1.337   12.417  1.00 18.92 ? 47  CUD D H6   1 
HETATM 666 H H5   . CUD D 1 7 ? 5.289   3.000   13.476  1.00 18.01 ? 47  CUD D H5   1 
HETATM 667 H HN4  . CUD D 1 7 ? 3.994   5.083   13.146  1.00 16.20 ? 47  CUD D HN4  1 
HETATM 668 H HN4A . CUD D 1 7 ? 3.666   5.593   11.785  1.00 16.20 ? 47  CUD D HN4A 1 
ATOM   669 N N    A LYS D 1 8 ? 6.104   -2.639  8.743   0.61 23.71 ? 48  LYS D N    1 
ATOM   670 N N    B LYS D 1 8 ? 6.121   -2.214  7.790   0.39 22.09 ? 48  LYS D N    1 
ATOM   671 C CA   A LYS D 1 8 ? 6.919   -3.743  8.267   0.61 24.71 ? 48  LYS D CA   1 
ATOM   672 C CA   B LYS D 1 8 ? 6.823   -3.028  6.804   0.39 22.04 ? 48  LYS D CA   1 
ATOM   673 H H    A LYS D 1 8 ? 5.260   -2.619  8.574   0.61 28.45 ? 48  LYS D H    1 
ATOM   674 H H    B LYS D 1 8 ? 5.269   -2.302  7.870   0.39 26.51 ? 48  LYS D H    1 
HETATM 675 O O    . HOH E 2 . ? 2.550   13.283  -11.845 1.00 23.06 ? 51  HOH A O    1 
HETATM 676 O O    . HOH E 2 . ? 6.428   6.598   -12.425 1.00 25.39 ? 54  HOH A O    1 
HETATM 677 O O    . HOH E 2 . ? -1.461  0.276   -10.067 1.00 21.02 ? 55  HOH A O    1 
HETATM 678 O O    . HOH E 2 . ? 7.623   -0.807  -3.283  1.00 27.16 ? 59  HOH A O    1 
HETATM 679 O O    . HOH E 2 . ? -2.327  2.690   -11.206 1.00 32.11 ? 61  HOH A O    1 
HETATM 680 O O    . HOH E 2 . ? 1.169   0.794   -8.978  1.00 24.22 ? 64  HOH A O    1 
HETATM 681 O O    . HOH E 2 . ? 3.945   4.957   -3.284  1.00 26.31 ? 65  HOH A O    1 
HETATM 682 O O    . HOH E 2 . ? 0.780   3.831   -18.388 1.00 17.64 ? 67  HOH A O    1 
HETATM 683 O O    . HOH E 2 . ? 8.752   4.343   -10.143 1.00 23.48 ? 69  HOH A O    1 
HETATM 684 O O    . HOH E 2 . ? -2.390  3.959   -13.608 1.00 21.71 ? 75  HOH A O    1 
HETATM 685 O O    . HOH E 2 . ? 6.363   12.163  -9.715  1.00 26.17 ? 76  HOH A O    1 
HETATM 686 O O    . HOH E 2 . ? 11.083  3.686   -7.437  1.00 25.82 ? 84  HOH A O    1 
HETATM 687 O O    . HOH E 2 . ? -0.486  1.517   -16.041 1.00 37.05 ? 87  HOH A O    1 
HETATM 688 O O    . HOH E 2 . ? 10.402  4.164   -2.971  1.00 36.99 ? 93  HOH A O    1 
HETATM 689 O O    . HOH E 2 . ? 7.081   -6.320  -13.148 1.00 33.92 ? 102 HOH A O    1 
HETATM 690 O O    . HOH E 2 . ? 7.532   -0.608  -11.614 1.00 28.34 ? 110 HOH A O    1 
HETATM 691 O O    . HOH E 2 . ? 1.653   3.287   -7.562  1.00 37.52 ? 111 HOH A O    1 
HETATM 692 O O    . HOH E 2 . ? 4.593   -5.270  -13.991 1.00 33.66 ? 112 HOH A O    1 
HETATM 693 O O    . HOH E 2 . ? 8.451   10.189  -10.348 1.00 30.79 ? 114 HOH A O    1 
HETATM 694 O O    . HOH E 2 . ? 8.601   -3.300  -1.759  1.00 41.61 ? 117 HOH A O    1 
HETATM 695 O O    . HOH E 2 . ? 5.244   -1.469  -4.829  1.00 34.31 ? 122 HOH A O    1 
HETATM 696 O O    . HOH E 2 . ? 7.380   4.346   -12.671 1.00 31.22 ? 123 HOH A O    1 
HETATM 697 O O    . HOH E 2 . ? 14.141  2.592   -5.279  1.00 53.61 ? 129 HOH A O    1 
HETATM 698 O O    . HOH E 2 . ? 7.467   0.874   -16.199 1.00 32.87 ? 130 HOH A O    1 
HETATM 699 O O    . HOH E 2 . ? 2.521   4.961   -6.256  1.00 36.34 ? 132 HOH A O    1 
HETATM 700 O O    . HOH E 2 . ? 9.043   1.255   -10.489 1.00 31.10 ? 133 HOH A O    1 
HETATM 701 O O    . HOH E 2 . ? 2.855   -0.544  -6.657  1.00 41.21 ? 134 HOH A O    1 
HETATM 702 O O    . HOH E 2 . ? 2.517   -7.460  -13.006 1.00 42.08 ? 145 HOH A O    1 
HETATM 703 O O    . HOH E 2 . ? -3.999  -0.824  -14.762 1.00 47.09 ? 148 HOH A O    1 
HETATM 704 O O    . HOH E 2 . ? 0.649   -1.621  -5.228  1.00 41.73 ? 154 HOH A O    1 
HETATM 705 O O    . HOH E 2 . ? 15.246  3.228   -2.083  1.00 39.57 ? 157 HOH A O    1 
HETATM 706 O O    . HOH E 2 . ? 10.867  -3.023  -11.512 1.00 42.72 ? 161 HOH A O    1 
HETATM 707 O O    . HOH E 2 . ? 13.777  -1.068  -1.956  1.00 45.44 ? 163 HOH A O    1 
HETATM 708 O O    . HOH E 2 . ? 9.164   8.277   -12.366 1.00 39.53 ? 164 HOH A O    1 
HETATM 709 O O    . HOH E 2 . ? 6.024   10.470  -13.658 1.00 53.05 ? 168 HOH A O    1 
HETATM 710 O O    . HOH E 2 . ? 10.325  -1.169  -9.550  1.00 39.31 ? 172 HOH A O    1 
HETATM 711 O O    . HOH E 2 . ? 9.376   -4.539  -13.089 1.00 39.99 ? 173 HOH A O    1 
HETATM 712 O O    . HOH E 2 . ? 7.826   -2.415  -13.403 1.00 39.20 ? 189 HOH A O    1 
HETATM 713 O O    . HOH E 2 . ? 9.777   1.452   -1.032  1.00 56.96 ? 195 HOH A O    1 
HETATM 714 O O    . HOH E 2 . ? -4.366  -0.421  -7.827  0.50 39.61 ? 196 HOH A O    1 
HETATM 715 O O    . HOH E 2 . ? 11.487  -0.178  0.199   0.50 41.89 ? 197 HOH A O    1 
HETATM 716 O O    . HOH E 2 . ? 5.443   12.584  -12.288 1.00 30.88 ? 198 HOH A O    1 
HETATM 717 O O    . HOH E 2 . ? -0.021  -6.462  -15.500 1.00 39.85 ? 200 HOH A O    1 
HETATM 718 O O    . HOH E 2 . ? 3.416   4.934   -0.480  1.00 41.65 ? 212 HOH A O    1 
HETATM 719 O O    . HOH F 2 . ? -5.023  -13.451 7.033   1.00 25.66 ? 52  HOH B O    1 
HETATM 720 O O    . HOH F 2 . ? -11.556 -7.250  -8.849  1.00 19.55 ? 56  HOH B O    1 
HETATM 721 O O    . HOH F 2 . ? -6.594  -10.215 -2.956  1.00 34.19 ? 81  HOH B O    1 
HETATM 722 O O    . HOH F 2 . ? 4.761   -10.686 -1.526  1.00 25.41 ? 85  HOH B O    1 
HETATM 723 O O    . HOH F 2 . ? 2.194   -11.383 -6.702  1.00 35.85 ? 90  HOH B O    1 
HETATM 724 O O    . HOH F 2 . ? -2.179  -6.053  0.899   1.00 33.99 ? 95  HOH B O    1 
HETATM 725 O O    . HOH F 2 . ? 4.020   -5.684  -2.947  1.00 33.48 ? 107 HOH B O    1 
HETATM 726 O O    . HOH F 2 . ? -6.380  -2.014  -6.227  1.00 28.19 ? 113 HOH B O    1 
HETATM 727 O O    . HOH F 2 . ? 0.180   -5.334  -3.585  1.00 31.29 ? 120 HOH B O    1 
HETATM 728 O O    . HOH F 2 . ? -9.518  -9.973  -3.264  1.00 38.11 ? 125 HOH B O    1 
HETATM 729 O O    . HOH F 2 . ? -3.247  -2.619  -6.270  1.00 43.65 ? 139 HOH B O    1 
HETATM 730 O O    . HOH F 2 . ? -2.487  -4.754  -3.234  1.00 41.35 ? 140 HOH B O    1 
HETATM 731 O O    . HOH F 2 . ? -3.051  -10.657 -7.757  1.00 47.59 ? 141 HOH B O    1 
HETATM 732 O O    . HOH F 2 . ? -6.867  -8.474  -8.302  1.00 38.78 ? 142 HOH B O    1 
HETATM 733 O O    . HOH F 2 . ? -5.324  -14.938 2.890   1.00 43.50 ? 146 HOH B O    1 
HETATM 734 O O    . HOH F 2 . ? 0.983   -10.129 -11.192 1.00 46.84 ? 149 HOH B O    1 
HETATM 735 O O    . HOH F 2 . ? -4.927  -12.452 -1.291  1.00 46.88 ? 153 HOH B O    1 
HETATM 736 O O    . HOH F 2 . ? 3.635   -9.868  -11.167 1.00 37.72 ? 156 HOH B O    1 
HETATM 737 O O    . HOH F 2 . ? -0.087  -5.780  -0.296  1.00 41.74 ? 160 HOH B O    1 
HETATM 738 O O    . HOH F 2 . ? -0.471  -12.491 -0.363  1.00 41.32 ? 162 HOH B O    1 
HETATM 739 O O    . HOH F 2 . ? 2.849   -4.406  5.018   1.00 32.81 ? 185 HOH B O    1 
HETATM 740 O O    . HOH F 2 . ? -1.608  -9.314  -13.239 0.50 28.09 ? 186 HOH B O    1 
HETATM 741 O O    . HOH F 2 . ? -11.046 -7.465  1.262   0.50 47.41 ? 187 HOH B O    1 
HETATM 742 O O    . HOH F 2 . ? -9.955  -9.766  4.187   0.50 33.20 ? 188 HOH B O    1 
HETATM 743 O O    . HOH F 2 . ? -12.888 -7.590  -3.665  0.50 39.00 ? 190 HOH B O    1 
HETATM 744 O O    . HOH F 2 . ? 4.312   -8.913  -13.143 0.50 37.32 ? 191 HOH B O    1 
HETATM 745 O O    . HOH F 2 . ? 2.315   -4.721  0.713   1.00 45.92 ? 194 HOH B O    1 
HETATM 746 O O    . HOH F 2 . ? -13.589 -3.762  -8.518  0.50 32.59 ? 202 HOH B O    1 
HETATM 747 O O    . HOH F 2 . ? -3.303  -3.279  -1.667  0.50 36.31 ? 213 HOH B O    1 
HETATM 748 O O    . HOH G 2 . ? -0.626  6.172   1.601   1.00 33.01 ? 53  HOH C O    1 
HETATM 749 O O    . HOH G 2 . ? -0.942  13.854  -9.358  1.00 30.57 ? 58  HOH C O    1 
HETATM 750 O O    . HOH G 2 . ? 2.577   5.867   3.779   1.00 25.55 ? 60  HOH C O    1 
HETATM 751 O O    . HOH G 2 . ? -6.957  3.246   -1.167  1.00 24.18 ? 63  HOH C O    1 
HETATM 752 O O    . HOH G 2 . ? 1.428   13.496  -1.127  1.00 28.81 ? 66  HOH C O    1 
HETATM 753 O O    . HOH G 2 . ? 4.784   10.910  3.487   1.00 19.06 ? 68  HOH C O    1 
HETATM 754 O O    . HOH G 2 . ? -4.840  11.616  -2.919  1.00 21.18 ? 71  HOH C O    1 
HETATM 755 O O    . HOH G 2 . ? 0.541   6.831   -3.302  1.00 24.00 ? 72  HOH C O    1 
HETATM 756 O O    . HOH G 2 . ? -12.759 7.120   -4.308  1.00 23.96 ? 73  HOH C O    1 
HETATM 757 O O    . HOH G 2 . ? 2.402   14.636  -8.961  1.00 25.27 ? 79  HOH C O    1 
HETATM 758 O O    . HOH G 2 . ? -3.934  14.036  -7.656  1.00 29.65 ? 83  HOH C O    1 
HETATM 759 O O    . HOH G 2 . ? 6.650   4.281   -3.063  1.00 24.28 ? 86  HOH C O    1 
HETATM 760 O O    . HOH G 2 . ? -2.683  13.519  -3.610  1.00 29.22 ? 92  HOH C O    1 
HETATM 761 O O    . HOH G 2 . ? -5.071  4.277   0.888   1.00 28.78 ? 94  HOH C O    1 
HETATM 762 O O    . HOH G 2 . ? 0.999   6.493   -0.875  1.00 28.71 ? 97  HOH C O    1 
HETATM 763 O O    . HOH G 2 . ? -8.389  8.763   -4.806  1.00 26.65 ? 103 HOH C O    1 
HETATM 764 O O    . HOH G 2 . ? -2.712  6.082   -0.054  1.00 34.00 ? 106 HOH C O    1 
HETATM 765 O O    . HOH G 2 . ? -5.522  11.363  2.267   1.00 33.23 ? 109 HOH C O    1 
HETATM 766 O O    . HOH G 2 . ? -5.497  12.340  -0.483  1.00 41.85 ? 115 HOH C O    1 
HETATM 767 O O    . HOH G 2 . ? -4.232  8.693   10.219  1.00 43.26 ? 116 HOH C O    1 
HETATM 768 O O    . HOH G 2 . ? -4.771  10.617  8.158   1.00 33.37 ? 131 HOH C O    1 
HETATM 769 O O    . HOH G 2 . ? 0.072   3.546   2.864   1.00 46.98 ? 135 HOH C O    1 
HETATM 770 O O    . HOH G 2 . ? -0.159  12.160  6.387   1.00 47.60 ? 137 HOH C O    1 
HETATM 771 O O    . HOH G 2 . ? -10.737 7.523   -5.742  1.00 36.84 ? 143 HOH C O    1 
HETATM 772 O O    . HOH G 2 . ? -2.096  4.603   -2.017  1.00 48.92 ? 144 HOH C O    1 
HETATM 773 O O    . HOH G 2 . ? -8.132  10.794  7.491   1.00 56.06 ? 159 HOH C O    1 
HETATM 774 O O    . HOH G 2 . ? -10.231 1.591   -0.657  1.00 46.90 ? 166 HOH C O    1 
HETATM 775 O O    . HOH G 2 . ? -2.238  10.552  9.702   1.00 39.17 ? 170 HOH C O    1 
HETATM 776 O O    . HOH G 2 . ? -7.280  12.924  4.542   1.00 49.32 ? 178 HOH C O    1 
HETATM 777 O O    . HOH G 2 . ? -1.819  5.218   -5.336  1.00 48.61 ? 182 HOH C O    1 
HETATM 778 O O    . HOH G 2 . ? 0.346   13.102  1.497   1.00 37.39 ? 192 HOH C O    1 
HETATM 779 O O    . HOH G 2 . ? -7.835  1.131   -1.219  1.00 46.88 ? 199 HOH C O    1 
HETATM 780 O O    . HOH G 2 . ? -9.534  -1.253  -2.397  0.50 34.46 ? 204 HOH C O    1 
HETATM 781 O O    . HOH G 2 . ? -1.774  15.127  -5.904  0.50 30.97 ? 205 HOH C O    1 
HETATM 782 O O    . HOH H 2 . ? -2.723  -11.354 9.622   1.00 31.27 ? 57  HOH D O    1 
HETATM 783 O O    . HOH H 2 . ? -0.150  -4.342  11.545  1.00 25.18 ? 62  HOH D O    1 
HETATM 784 O O    . HOH H 2 . ? -12.798 10.471  2.476   1.00 22.04 ? 70  HOH D O    1 
HETATM 785 O O    . HOH H 2 . ? -1.806  6.502   13.540  1.00 25.60 ? 74  HOH D O    1 
HETATM 786 O O    . HOH H 2 . ? 4.622   0.581   6.253   1.00 24.04 ? 77  HOH D O    1 
HETATM 787 O O    . HOH H 2 . ? -2.313  -3.943  4.537   1.00 25.55 ? 78  HOH D O    1 
HETATM 788 O O    . HOH H 2 . ? -10.387 -0.638  8.212   1.00 25.84 ? 80  HOH D O    1 
HETATM 789 O O    . HOH H 2 . ? -9.340  7.893   9.074   1.00 26.45 ? 82  HOH D O    1 
HETATM 790 O O    . HOH H 2 . ? -6.697  0.972   4.340   1.00 28.96 ? 88  HOH D O    1 
HETATM 791 O O    . HOH H 2 . ? 1.596   1.573   5.866   1.00 31.01 ? 91  HOH D O    1 
HETATM 792 O O    . HOH H 2 . ? -10.633 8.909   6.643   1.00 29.66 ? 96  HOH D O    1 
HETATM 793 O O    . HOH H 2 . ? 3.171   -3.880  11.306  1.00 32.13 ? 98  HOH D O    1 
HETATM 794 O O    . HOH H 2 . ? 0.753   -4.591  3.267   1.00 34.27 ? 99  HOH D O    1 
HETATM 795 O O    . HOH H 2 . ? -1.687  1.005   12.077  1.00 32.19 ? 101 HOH D O    1 
HETATM 796 O O    . HOH H 2 . ? -4.203  6.265   12.076  1.00 31.22 ? 104 HOH D O    1 
HETATM 797 O O    . HOH H 2 . ? 2.033   0.442   12.578  1.00 36.10 ? 105 HOH D O    1 
HETATM 798 O O    . HOH H 2 . ? -0.998  -9.354  11.796  1.00 31.04 ? 108 HOH D O    1 
HETATM 799 O O    . HOH H 2 . ? -4.062  0.127   5.412   1.00 29.08 ? 118 HOH D O    1 
HETATM 800 O O    . HOH H 2 . ? -1.973  2.819   13.687  1.00 38.55 ? 121 HOH D O    1 
HETATM 801 O O    . HOH H 2 . ? 10.230  -2.711  8.983   1.00 44.16 ? 126 HOH D O    1 
HETATM 802 O O    . HOH H 2 . ? -0.019  -0.752  5.534   1.00 41.49 ? 128 HOH D O    1 
HETATM 803 O O    . HOH H 2 . ? 7.636   -4.499  11.878  1.00 38.26 ? 136 HOH D O    1 
HETATM 804 O O    . HOH H 2 . ? -4.145  -2.412  4.641   1.00 38.27 ? 138 HOH D O    1 
HETATM 805 O O    . HOH H 2 . ? -10.986 10.929  4.783   1.00 45.52 ? 152 HOH D O    1 
HETATM 806 O O    . HOH H 2 . ? -6.902  8.699   9.706   1.00 54.28 ? 158 HOH D O    1 
HETATM 807 O O    . HOH H 2 . ? -3.764  -5.770  11.645  1.00 39.89 ? 165 HOH D O    1 
HETATM 808 O O    . HOH H 2 . ? 6.765   2.478   5.915   1.00 34.80 ? 169 HOH D O    1 
HETATM 809 O O    . HOH H 2 . ? -8.153  -0.610  11.607  1.00 37.46 ? 193 HOH D O    1 
HETATM 810 O O    . HOH H 2 . ? 9.450   -0.177  12.009  1.00 43.85 ? 206 HOH D O    1 
HETATM 811 O O    . HOH H 2 . ? 7.613   -0.714  13.264  1.00 52.08 ? 207 HOH D O    1 
HETATM 812 O O    . HOH H 2 . ? -6.561  1.128   1.369   0.50 32.86 ? 209 HOH D O    1 
HETATM 813 O O    . HOH H 2 . ? -5.101  -11.286 11.010  0.50 30.78 ? 210 HOH D O    1 
HETATM 814 O O    . HOH H 2 . ? -1.999  1.414   5.311   1.00 41.90 ? 211 HOH D O    1 
# 
loop_
_atom_site_anisotrop.id 
_atom_site_anisotrop.type_symbol 
_atom_site_anisotrop.pdbx_label_atom_id 
_atom_site_anisotrop.pdbx_label_alt_id 
_atom_site_anisotrop.pdbx_label_comp_id 
_atom_site_anisotrop.pdbx_label_asym_id 
_atom_site_anisotrop.pdbx_label_seq_id 
_atom_site_anisotrop.pdbx_PDB_ins_code 
_atom_site_anisotrop.U[1][1] 
_atom_site_anisotrop.U[2][2] 
_atom_site_anisotrop.U[3][3] 
_atom_site_anisotrop.U[1][2] 
_atom_site_anisotrop.U[1][3] 
_atom_site_anisotrop.U[2][3] 
_atom_site_anisotrop.pdbx_auth_seq_id 
_atom_site_anisotrop.pdbx_auth_comp_id 
_atom_site_anisotrop.pdbx_auth_asym_id 
_atom_site_anisotrop.pdbx_auth_atom_id 
1   N N  . DLY A 1 ? 0.2136 0.2081 0.2403 -0.0126 -0.0705 0.0205  11  DLY A N  
2   C CA . DLY A 1 ? 0.1990 0.1836 0.2504 -0.0150 -0.0771 0.0214  11  DLY A CA 
3   C C  . DLY A 1 ? 0.2045 0.1745 0.2409 -0.0203 -0.0827 0.0144  11  DLY A C  
4   O O  . DLY A 1 ? 0.2131 0.1744 0.2319 -0.0054 -0.0869 0.0065  11  DLY A O  
5   C CB . DLY A 1 ? 0.2064 0.2142 0.2882 -0.0036 -0.0497 0.0476  11  DLY A CB 
6   C CG . DLY A 1 ? 0.2475 0.2313 0.3244 -0.0163 -0.0020 0.0117  11  DLY A CG 
7   C CD . DLY A 1 ? 0.2134 0.3277 0.4742 0.0270  -0.0192 0.0277  11  DLY A CD 
8   C CE . DLY A 1 ? 0.2236 0.3821 0.4237 -0.0245 -0.0192 -0.0733 11  DLY A CE 
9   N NZ . DLY A 1 ? 0.4359 0.2512 0.9570 0.0172  0.2791  0.0497  11  DLY A NZ 
25  C C2 . HGL A 2 ? 0.2701 0.2117 0.2723 -0.0211 -0.1036 -0.0464 12  HGL A C2 
26  O O6 . HGL A 2 ? 0.3229 0.2376 0.3321 -0.0549 -0.0847 -0.0829 12  HGL A O6 
27  C C4 . HGL A 2 ? 0.2616 0.1679 0.2902 0.0001  -0.1067 -0.0146 12  HGL A C4 
28  C C5 . HGL A 2 ? 0.3357 0.1732 0.2305 -0.0382 -0.0890 -0.0021 12  HGL A C5 
29  C C6 . HGL A 2 ? 0.3196 0.2020 0.2631 -0.0376 -0.0909 -0.0394 12  HGL A C6 
30  C C8 . HGL A 2 ? 0.3236 0.1846 0.2564 -0.0137 -0.0892 -0.0093 12  HGL A C8 
31  N N  . HGL A 2 ? 0.2064 0.1732 0.2480 -0.0063 -0.0970 0.0125  12  HGL A N  
32  C CA . HGL A 2 ? 0.2001 0.1630 0.2389 -0.0144 -0.0981 0.0151  12  HGL A CA 
33  C CB . HGL A 2 ? 0.2745 0.1668 0.3242 -0.0038 -0.1539 0.0044  12  HGL A CB 
34  C CG . HGL A 2 ? 0.2926 0.1627 0.2783 -0.0146 -0.1175 0.0046  12  HGL A CG 
35  N N9 . HGL A 2 ? 0.2835 0.1798 0.2597 -0.0110 -0.0985 0.0074  12  HGL A N9 
36  N N3 . HGL A 2 ? 0.2708 0.1690 0.2540 -0.0080 -0.1066 -0.0017 12  HGL A N3 
37  N N2 . HGL A 2 ? 0.2970 0.2026 0.2635 -0.0237 -0.0834 -0.0323 12  HGL A N2 
38  N N1 . HGL A 2 ? 0.2996 0.1957 0.2713 -0.0354 -0.0928 -0.0347 12  HGL A N1 
39  N N7 . HGL A 2 ? 0.3635 0.2125 0.2520 -0.0424 -0.0602 -0.0147 12  HGL A N7 
40  C C  . HGL A 2 ? 0.2020 0.1789 0.2164 0.0137  -0.0680 -0.0041 12  HGL A C  
41  O O  . HGL A 2 ? 0.2428 0.2530 0.2048 0.0197  -0.0674 -0.0044 12  HGL A O  
52  C C2 . AGD A 3 ? 0.2294 0.1730 0.2522 0.0023  -0.0765 -0.0066 13  AGD A C2 
53  C C4 . AGD A 3 ? 0.2176 0.1642 0.2389 0.0034  -0.0975 -0.0064 13  AGD A C4 
54  C C5 . AGD A 3 ? 0.2261 0.1454 0.2537 0.0118  -0.1031 -0.0034 13  AGD A C5 
55  C C6 . AGD A 3 ? 0.2452 0.1638 0.2496 -0.0012 -0.0999 -0.0077 13  AGD A C6 
56  N N  . AGD A 3 ? 0.1794 0.1736 0.2079 -0.0026 -0.0691 0.0002  13  AGD A N  
57  C CA . AGD A 3 ? 0.1904 0.1548 0.2313 0.0102  -0.0722 -0.0105 13  AGD A CA 
58  C CB . AGD A 3 ? 0.2040 0.1494 0.2586 0.0041  -0.1000 -0.0047 13  AGD A CB 
59  N N9 . AGD A 3 ? 0.2182 0.1605 0.2436 0.0072  -0.0836 -0.0103 13  AGD A N9 
60  N N3 . AGD A 3 ? 0.2258 0.1621 0.2428 -0.0051 -0.0853 0.0086  13  AGD A N3 
61  N N2 . AGD A 3 ? 0.2351 0.1983 0.2689 0.0162  -0.0585 0.0010  13  AGD A N2 
62  N N1 . AGD A 3 ? 0.2505 0.1767 0.2344 -0.0228 -0.0919 -0.0004 13  AGD A N1 
63  O O6 . AGD A 3 ? 0.2495 0.1690 0.2949 -0.0065 -0.0742 -0.0317 13  AGD A O6 
64  N N7 . AGD A 3 ? 0.2601 0.1631 0.2604 0.0113  -0.0770 -0.0211 13  AGD A N7 
65  C C8 . AGD A 3 ? 0.2480 0.1677 0.2531 0.0087  -0.0767 -0.0154 13  AGD A C8 
66  C C  . AGD A 3 ? 0.1757 0.1542 0.1938 0.0047  -0.0579 -0.0099 13  AGD A C  
67  O O  . AGD A 3 ? 0.1758 0.1592 0.2142 0.0120  -0.0626 -0.0134 13  AGD A O  
76  N N  . LHC A 4 ? 0.1748 0.1542 0.1938 0.0090  -0.0584 -0.0055 14  LHC A N  
77  C CA . LHC A 4 ? 0.1501 0.1594 0.1830 0.0022  -0.0356 -0.0013 14  LHC A CA 
78  C CB . LHC A 4 ? 0.1486 0.1551 0.1928 0.0064  -0.0326 -0.0075 14  LHC A CB 
79  C CG . LHC A 4 ? 0.1486 0.1586 0.1945 0.0007  -0.0397 -0.0054 14  LHC A CG 
80  N N1 . LHC A 4 ? 0.1552 0.1464 0.1809 -0.0013 -0.0412 -0.0154 14  LHC A N1 
81  C C6 . LHC A 4 ? 0.1429 0.1671 0.1832 -0.0093 -0.0232 0.0042  14  LHC A C6 
82  C C5 . LHC A 4 ? 0.1598 0.1529 0.1851 -0.0131 -0.0351 0.0063  14  LHC A C5 
83  C C4 . LHC A 4 ? 0.1711 0.1364 0.1784 -0.0094 -0.0363 0.0011  14  LHC A C4 
84  N N4 . LHC A 4 ? 0.1870 0.1393 0.1781 0.0052  -0.0212 0.0087  14  LHC A N4 
85  N N3 . LHC A 4 ? 0.1679 0.1435 0.1718 0.0010  -0.0307 -0.0041 14  LHC A N3 
86  C C2 . LHC A 4 ? 0.1674 0.1427 0.1707 -0.0045 -0.0262 0.0052  14  LHC A C2 
87  O O2 . LHC A 4 ? 0.1874 0.1569 0.1893 0.0167  -0.0230 0.0113  14  LHC A O2 
88  C C  . LHC A 4 ? 0.1420 0.1547 0.1878 0.0072  -0.0371 -0.0095 14  LHC A C  
89  O O  . LHC A 4 ? 0.1480 0.1949 0.1992 0.0042  -0.0316 0.0001  14  LHC A O  
100 C C2 . AGD A 5 ? 0.1518 0.1403 0.1772 0.0035  -0.0148 -0.0061 15  AGD A C2 
101 C C4 . AGD A 5 ? 0.1390 0.1383 0.1878 -0.0057 -0.0213 -0.0147 15  AGD A C4 
102 C C5 . AGD A 5 ? 0.1371 0.1504 0.1692 -0.0112 -0.0197 -0.0136 15  AGD A C5 
103 C C6 . AGD A 5 ? 0.1414 0.1417 0.1655 -0.0090 -0.0161 -0.0089 15  AGD A C6 
104 N N  . AGD A 5 ? 0.1434 0.1522 0.1890 0.0031  -0.0350 -0.0115 15  AGD A N  
105 C CA . AGD A 5 ? 0.1654 0.1423 0.2006 0.0193  -0.0508 -0.0261 15  AGD A CA 
106 C CB . AGD A 5 ? 0.1522 0.1575 0.2102 0.0126  -0.0399 -0.0387 15  AGD A CB 
107 N N9 . AGD A 5 ? 0.1361 0.1625 0.1914 -0.0083 -0.0210 -0.0245 15  AGD A N9 
108 N N3 . AGD A 5 ? 0.1546 0.1322 0.1810 0.0084  -0.0190 -0.0066 15  AGD A N3 
109 N N2 . AGD A 5 ? 0.1849 0.1462 0.1970 0.0186  0.0095  0.0177  15  AGD A N2 
110 N N1 . AGD A 5 ? 0.1429 0.1381 0.1762 0.0023  -0.0112 -0.0012 15  AGD A N1 
111 O O6 . AGD A 5 ? 0.1549 0.1413 0.1735 -0.0035 -0.0102 0.0027  15  AGD A O6 
112 N N7 . AGD A 5 ? 0.1406 0.1722 0.1822 -0.0184 -0.0089 -0.0187 15  AGD A N7 
113 C C8 . AGD A 5 ? 0.1413 0.1749 0.1928 -0.0138 -0.0152 -0.0325 15  AGD A C8 
114 C C  . AGD A 5 ? 0.1992 0.1525 0.2138 0.0141  -0.0712 -0.0220 15  AGD A C  
115 O O  . AGD A 5 ? 0.2864 0.1668 0.2549 0.0339  -0.1362 -0.0321 15  AGD A O  
124 N N  . LHC A 6 ? 0.1795 0.1315 0.2275 0.0131  -0.0609 -0.0152 16  LHC A N  
125 C CA . LHC A 6 ? 0.1863 0.1464 0.2465 0.0215  -0.0883 -0.0145 16  LHC A CA 
126 C CB . LHC A 6 ? 0.1810 0.1365 0.2418 0.0042  -0.0779 -0.0071 16  LHC A CB 
127 C CG . LHC A 6 ? 0.2235 0.1385 0.2569 -0.0054 -0.0909 -0.0034 16  LHC A CG 
128 N N1 . LHC A 6 ? 0.2222 0.1381 0.2694 0.0159  -0.1045 -0.0128 16  LHC A N1 
129 C C6 . LHC A 6 ? 0.2479 0.1612 0.2776 0.0284  -0.0891 -0.0192 16  LHC A C6 
130 C C5 . LHC A 6 ? 0.2464 0.1425 0.2842 0.0047  -0.0578 -0.0093 16  LHC A C5 
131 C C4 . LHC A 6 ? 0.2497 0.1516 0.2091 0.0081  -0.0706 0.0043  16  LHC A C4 
132 N N4 . LHC A 6 ? 0.2692 0.1659 0.2519 -0.0061 -0.0783 -0.0258 16  LHC A N4 
133 N N3 . LHC A 6 ? 0.2340 0.1408 0.2246 -0.0024 -0.0795 -0.0023 16  LHC A N3 
134 C C2 . LHC A 6 ? 0.2451 0.1303 0.2370 0.0030  -0.0987 -0.0047 16  LHC A C2 
135 O O2 . LHC A 6 ? 0.2540 0.1627 0.2575 -0.0082 -0.0770 -0.0309 16  LHC A O2 
136 C C  . LHC A 6 ? 0.1930 0.1579 0.3178 0.0179  -0.1147 -0.0353 16  LHC A C  
137 O O  . LHC A 6 ? 0.1822 0.2526 0.3951 0.0146  -0.0747 -0.0017 16  LHC A O  
148 C C2 . CUD A 7 ? 0.2594 0.1414 0.2950 0.0168  -0.1405 0.0070  17  CUD A C2 
149 C C4 . CUD A 7 ? 0.2068 0.1710 0.3192 0.0117  -0.1030 -0.0004 17  CUD A C4 
150 C C5 . CUD A 7 ? 0.2119 0.1812 0.3956 0.0060  -0.1040 0.0027  17  CUD A C5 
151 C C6 . CUD A 7 ? 0.2335 0.1911 0.3887 -0.0073 -0.1485 0.0105  17  CUD A C6 
152 N N  . CUD A 7 ? 0.2436 0.1511 0.3680 0.0348  -0.1740 -0.0364 17  CUD A N  
153 C CA A CUD A 7 ? 0.2656 0.1713 0.4151 0.0511  -0.1990 -0.0743 17  CUD A CA 
154 C CA B CUD A 7 ? 0.2476 0.1634 0.5080 0.0190  -0.2153 -0.0216 17  CUD A CA 
155 C CB . CUD A 7 ? 0.2750 0.1557 0.4678 0.0453  -0.2086 -0.0538 17  CUD A CB 
156 N N1 . CUD A 7 ? 0.2598 0.1514 0.3882 0.0202  -0.1569 -0.0145 17  CUD A N1 
157 N N4 . CUD A 7 ? 0.2395 0.1725 0.2806 0.0063  -0.0628 0.0019  17  CUD A N4 
158 N N3 . CUD A 7 ? 0.2360 0.1541 0.2857 0.0140  -0.1018 -0.0064 17  CUD A N3 
159 O O2 . CUD A 7 ? 0.2788 0.1728 0.3252 0.0301  -0.1379 -0.0581 17  CUD A O2 
160 C C  A CUD A 7 ? 0.5048 0.2074 0.4529 0.1334  -0.3629 -0.1041 17  CUD A C  
161 C C  B CUD A 7 ? 0.2992 0.1502 0.6750 0.0494  -0.3151 -0.0292 17  CUD A C  
162 O O  A CUD A 7 ? 0.4330 0.2427 0.6365 0.0523  -0.3903 -0.1071 17  CUD A O  
172 N N  A LYS A 8 ? 0.5566 0.2069 0.4823 0.1447  -0.3833 -0.1728 18  LYS A N  
173 N N  . DLY B 1 ? 0.2780 0.3787 0.3149 -0.0565 -0.0576 0.0932  21  DLY B N  
174 C CA . DLY B 1 ? 0.2655 0.2488 0.2801 0.0186  -0.0173 0.0078  21  DLY B CA 
175 C C  . DLY B 1 ? 0.2259 0.2802 0.3099 0.0264  -0.0198 0.0626  21  DLY B C  
176 O O  . DLY B 1 ? 0.2106 0.2687 0.3275 0.0110  -0.0355 0.0256  21  DLY B O  
177 C CB . DLY B 1 ? 0.2636 0.2521 0.3672 0.0054  -0.0287 -0.0041 21  DLY B CB 
178 C CG . DLY B 1 ? 0.2934 0.2532 0.3764 -0.0279 -0.0463 -0.0178 21  DLY B CG 
179 C CD . DLY B 1 ? 0.3443 0.2566 0.4171 -0.0507 -0.0289 -0.0469 21  DLY B CD 
180 C CE . DLY B 1 ? 0.2575 0.3741 0.4169 -0.1022 -0.0066 -0.0359 21  DLY B CE 
181 N NZ . DLY B 1 ? 0.2550 0.2674 0.4036 -0.0788 0.0102  0.0597  21  DLY B NZ 
194 C C2 . HGL B 2 ? 0.2254 0.1493 0.2309 0.0388  -0.0665 -0.0180 22  HGL B C2 
195 O O6 . HGL B 2 ? 0.2217 0.1622 0.2388 0.0089  -0.0506 -0.0181 22  HGL B O6 
196 C C4 . HGL B 2 ? 0.2188 0.1444 0.2323 0.0269  -0.0577 0.0096  22  HGL B C4 
197 C C5 . HGL B 2 ? 0.2187 0.1432 0.2079 0.0130  -0.0627 0.0058  22  HGL B C5 
198 C C6 . HGL B 2 ? 0.2095 0.1421 0.2084 0.0194  -0.0672 -0.0049 22  HGL B C6 
199 C C8 . HGL B 2 ? 0.2028 0.1681 0.2531 0.0188  -0.0733 0.0030  22  HGL B C8 
200 N N  . HGL B 2 ? 0.2403 0.2855 0.2756 0.0470  -0.0343 0.0396  22  HGL B N  
201 C CA . HGL B 2 ? 0.2079 0.2202 0.2895 0.0242  -0.0323 0.0438  22  HGL B CA 
202 C CB . HGL B 2 ? 0.2197 0.2298 0.2934 0.0416  -0.0206 0.0626  22  HGL B CB 
203 C CG . HGL B 2 ? 0.2160 0.2068 0.2760 0.0228  -0.0390 0.0301  22  HGL B CG 
204 N N9 . HGL B 2 ? 0.2156 0.1661 0.2383 0.0263  -0.0544 0.0164  22  HGL B N9 
205 N N3 . HGL B 2 ? 0.2292 0.1785 0.2417 0.0336  -0.0532 -0.0167 22  HGL B N3 
206 N N2 . HGL B 2 ? 0.2634 0.1548 0.2657 0.0455  -0.0703 -0.0379 22  HGL B N2 
207 N N1 . HGL B 2 ? 0.2118 0.1429 0.2343 0.0264  -0.0658 -0.0118 22  HGL B N1 
208 N N7 . HGL B 2 ? 0.2196 0.1473 0.2241 0.0087  -0.0615 0.0025  22  HGL B N7 
209 C C  . HGL B 2 ? 0.2284 0.2052 0.3017 0.0145  -0.0491 0.0374  22  HGL B C  
210 O O  . HGL B 2 ? 0.2697 0.2052 0.3432 0.0211  -0.0511 0.0375  22  HGL B O  
221 C C2 . AGD B 3 ? 0.2490 0.1535 0.2635 0.0113  -0.0868 0.0023  23  AGD B C2 
222 C C4 . AGD B 3 ? 0.2269 0.1728 0.2662 0.0028  -0.0686 -0.0040 23  AGD B C4 
223 C C5 . AGD B 3 ? 0.2646 0.1930 0.2100 -0.0281 -0.0801 -0.0001 23  AGD B C5 
224 C C6 . AGD B 3 ? 0.2463 0.1535 0.2375 -0.0054 -0.0732 0.0089  23  AGD B C6 
225 N N  . AGD B 3 ? 0.2121 0.2180 0.2962 0.0253  -0.0629 -0.0206 23  AGD B N  
226 C CA . AGD B 3 ? 0.2031 0.1939 0.3349 0.0117  -0.0591 -0.0056 23  AGD B CA 
227 C CB . AGD B 3 ? 0.2069 0.2160 0.3130 0.0111  -0.0649 -0.0024 23  AGD B CB 
228 N N9 . AGD B 3 ? 0.2153 0.2024 0.3193 0.0085  -0.0667 -0.0213 23  AGD B N9 
229 N N3 . AGD B 3 ? 0.2537 0.1809 0.2679 0.0158  -0.0659 -0.0141 23  AGD B N3 
230 N N2 . AGD B 3 ? 0.2512 0.1624 0.3026 0.0173  -0.0687 -0.0201 23  AGD B N2 
231 N N1 . AGD B 3 ? 0.2352 0.1646 0.2535 -0.0071 -0.0858 0.0004  23  AGD B N1 
232 O O6 . AGD B 3 ? 0.2637 0.1848 0.2403 -0.0162 -0.0756 -0.0090 23  AGD B O6 
233 N N7 . AGD B 3 ? 0.2463 0.1799 0.2816 -0.0181 -0.0714 -0.0143 23  AGD B N7 
234 C C8 . AGD B 3 ? 0.2091 0.2020 0.3207 0.0080  -0.0810 -0.0265 23  AGD B C8 
235 C C  . AGD B 3 ? 0.2102 0.2019 0.3284 0.0023  -0.0610 0.0067  23  AGD B C  
236 O O  . AGD B 3 ? 0.2018 0.2514 0.3368 -0.0099 -0.0589 0.0180  23  AGD B O  
245 N N  . LHC B 4 ? 0.1961 0.2742 0.3259 -0.0026 -0.0592 -0.0049 24  LHC B N  
246 C CA . LHC B 4 ? 0.2018 0.2644 0.3214 0.0027  -0.0490 -0.0228 24  LHC B CA 
247 C CB . LHC B 4 ? 0.2005 0.2392 0.3538 -0.0018 -0.0469 0.0185  24  LHC B CB 
248 C CG . LHC B 4 ? 0.2009 0.2310 0.3280 -0.0105 -0.0583 0.0032  24  LHC B CG 
249 N N1 . LHC B 4 ? 0.1830 0.2276 0.3534 -0.0227 -0.0622 0.0284  24  LHC B N1 
250 C C6 . LHC B 4 ? 0.1771 0.2096 0.3955 -0.0135 -0.0707 0.0263  24  LHC B C6 
251 C C5 . LHC B 4 ? 0.1683 0.2186 0.3758 -0.0196 -0.0426 0.0146  24  LHC B C5 
252 C C4 . LHC B 4 ? 0.1515 0.1794 0.3517 0.0125  -0.0254 0.0089  24  LHC B C4 
253 N N4 . LHC B 4 ? 0.1701 0.1665 0.3517 0.0015  -0.0216 0.0014  24  LHC B N4 
254 N N3 . LHC B 4 ? 0.1754 0.1636 0.3202 0.0139  -0.0289 -0.0036 24  LHC B N3 
255 C C2 . LHC B 4 ? 0.1951 0.1863 0.3130 0.0035  -0.0394 -0.0010 24  LHC B C2 
256 O O2 . LHC B 4 ? 0.2147 0.1733 0.3329 -0.0005 -0.0397 0.0040  24  LHC B O2 
257 C C  . LHC B 4 ? 0.1840 0.2342 0.3362 -0.0225 -0.0450 0.0165  24  LHC B C  
258 O O  . LHC B 4 ? 0.2005 0.2451 0.3886 -0.0327 -0.0475 0.0273  24  LHC B O  
269 C C2 . AGD B 5 ? 0.2209 0.2584 0.3795 -0.0263 -0.0179 0.0473  25  AGD B C2 
270 C C4 . AGD B 5 ? 0.1950 0.3052 0.3643 -0.0173 -0.0049 0.0354  25  AGD B C4 
271 C C5 . AGD B 5 ? 0.2339 0.2991 0.3827 -0.0306 -0.0223 0.0333  25  AGD B C5 
272 C C6 . AGD B 5 ? 0.1975 0.2643 0.3639 -0.0327 0.0103  0.0227  25  AGD B C6 
273 N N  . AGD B 5 ? 0.1872 0.2694 0.3204 -0.0145 -0.0413 0.0117  25  AGD B N  
274 C CA . AGD B 5 ? 0.1979 0.3206 0.3017 0.0127  -0.0461 -0.0071 25  AGD B CA 
275 C CB . AGD B 5 ? 0.2092 0.3638 0.3751 0.0249  -0.0148 0.0475  25  AGD B CB 
276 N N9 . AGD B 5 ? 0.1941 0.3556 0.4012 -0.0217 -0.0461 0.0559  25  AGD B N9 
277 N N3 . AGD B 5 ? 0.2219 0.2680 0.3707 0.0046  0.0034  0.0236  25  AGD B N3 
278 N N2 . AGD B 5 ? 0.3308 0.2160 0.3750 -0.0337 0.0096  -0.0002 25  AGD B N2 
279 N N1 . AGD B 5 ? 0.2007 0.2540 0.3799 -0.0342 0.0110  0.0270  25  AGD B N1 
280 O O6 . AGD B 5 ? 0.2473 0.2668 0.3830 -0.0564 -0.0060 0.0256  25  AGD B O6 
281 N N7 . AGD B 5 ? 0.2844 0.3857 0.4236 -0.1098 -0.0725 0.0614  25  AGD B N7 
282 C C8 . AGD B 5 ? 0.1955 0.3759 0.3834 -0.0554 -0.0168 0.0275  25  AGD B C8 
283 C C  . AGD B 5 ? 0.2693 0.2440 0.3428 0.0091  -0.0214 0.0098  25  AGD B C  
284 O O  . AGD B 5 ? 0.4076 0.4140 0.3722 0.1653  -0.0619 0.0033  25  AGD B O  
293 N N  . LHC B 6 ? 0.2127 0.2526 0.3010 -0.0121 -0.0783 0.0008  26  LHC B N  
294 C CA . LHC B 6 ? 0.2232 0.2146 0.3111 0.0091  -0.0812 -0.0051 26  LHC B CA 
295 C CB . LHC B 6 ? 0.2274 0.2277 0.3070 -0.0121 -0.0722 -0.0033 26  LHC B CB 
296 C CG . LHC B 6 ? 0.2441 0.2494 0.3315 0.0024  -0.0628 0.0311  26  LHC B CG 
297 N N1 . LHC B 6 ? 0.2606 0.2560 0.3159 -0.0282 -0.0652 0.0029  26  LHC B N1 
298 C C6 . LHC B 6 ? 0.2719 0.2457 0.3344 -0.0441 -0.0706 0.0035  26  LHC B C6 
299 C C5 . LHC B 6 ? 0.2837 0.1935 0.4070 -0.0388 -0.0605 -0.0278 26  LHC B C5 
300 C C4 . LHC B 6 ? 0.2528 0.1824 0.3083 -0.0292 -0.0873 0.0059  26  LHC B C4 
301 N N4 . LHC B 6 ? 0.2916 0.1962 0.3289 -0.0081 -0.0737 -0.0257 26  LHC B N4 
302 N N3 . LHC B 6 ? 0.2542 0.2135 0.3013 -0.0179 -0.0715 -0.0112 26  LHC B N3 
303 C C2 . LHC B 6 ? 0.2477 0.2126 0.2711 -0.0106 -0.0741 0.0294  26  LHC B C2 
304 O O2 . LHC B 6 ? 0.2481 0.2449 0.2832 -0.0075 -0.0517 -0.0016 26  LHC B O2 
305 C C  . LHC B 6 ? 0.2350 0.2317 0.2922 -0.0137 -0.0840 -0.0109 26  LHC B C  
306 O O  . LHC B 6 ? 0.2555 0.2662 0.4500 -0.0466 -0.1317 0.0215  26  LHC B O  
317 C C2 . CUD B 7 ? 0.2828 0.2424 0.3118 -0.0200 -0.1073 -0.0326 27  CUD B C2 
318 C C4 . CUD B 7 ? 0.2899 0.2574 0.3342 -0.0404 -0.0959 -0.0527 27  CUD B C4 
319 C C5 . CUD B 7 ? 0.3299 0.3026 0.3320 -0.0758 -0.0829 -0.0540 27  CUD B C5 
320 C C6 . CUD B 7 ? 0.2919 0.3114 0.3425 -0.0621 -0.0942 -0.0569 27  CUD B C6 
321 N N  . CUD B 7 ? 0.2368 0.2559 0.3444 -0.0014 -0.1104 -0.0139 27  CUD B N  
322 C CA . CUD B 7 ? 0.2556 0.3840 0.3118 0.0335  -0.1175 -0.0514 27  CUD B CA 
323 C CB . CUD B 7 ? 0.2550 0.2952 0.3387 -0.0099 -0.1203 -0.0493 27  CUD B CB 
324 N N1 . CUD B 7 ? 0.2576 0.2990 0.3059 -0.0236 -0.1232 -0.0470 27  CUD B N1 
325 N N4 . CUD B 7 ? 0.3202 0.3004 0.3224 -0.0353 -0.0983 -0.0779 27  CUD B N4 
326 N N3 . CUD B 7 ? 0.3082 0.2714 0.2858 -0.0515 -0.0930 -0.0511 27  CUD B N3 
327 O O2 . CUD B 7 ? 0.2431 0.2683 0.3545 -0.0115 -0.0663 -0.0712 27  CUD B O2 
328 C C  . CUD B 7 ? 0.2523 0.4040 0.3790 0.0233  -0.0827 -0.0635 27  CUD B C  
329 O O  . CUD B 7 ? 0.2697 0.5941 0.4583 0.0127  -0.0682 -0.2172 27  CUD B O  
338 N N  . LYS B 8 ? 0.2690 0.5001 0.4535 -0.0140 -0.0746 -0.1028 28  LYS B N  
339 N N  . DLY C 1 ? 0.1627 0.3448 0.1603 -0.0373 0.0089  -0.0096 31  DLY C N  
340 C CA . DLY C 1 ? 0.1138 0.4233 0.1768 -0.0053 -0.0081 0.0060  31  DLY C CA 
341 C C  . DLY C 1 ? 0.1353 0.2649 0.1622 -0.0118 -0.0090 0.0011  31  DLY C C  
342 O O  . DLY C 1 ? 0.1261 0.2727 0.1642 -0.0025 -0.0179 -0.0076 31  DLY C O  
343 C CB . DLY C 1 ? 0.1831 0.5399 0.2542 0.1213  -0.0120 -0.0062 31  DLY C CB 
344 C CG . DLY C 1 ? 0.2365 0.2246 0.2117 0.0069  0.0283  0.0220  31  DLY C CG 
345 C CD . DLY C 1 ? 0.2345 0.2778 0.3138 0.0562  0.0583  0.0497  31  DLY C CD 
346 C CE . DLY C 1 ? 0.1919 0.3164 0.3059 0.0255  -0.0047 0.0460  31  DLY C CE 
347 N NZ . DLY C 1 ? 0.2085 0.2038 0.3011 0.0205  0.0459  0.0271  31  DLY C NZ 
360 C C2 . HGL C 2 ? 0.1501 0.1521 0.1660 -0.0204 -0.0157 -0.0063 32  HGL C C2 
361 O O6 . HGL C 2 ? 0.1601 0.1566 0.1455 -0.0102 -0.0177 -0.0031 32  HGL C O6 
362 C C4 . HGL C 2 ? 0.1430 0.1428 0.1737 -0.0256 -0.0317 0.0038  32  HGL C C4 
363 C C5 . HGL C 2 ? 0.1293 0.1488 0.1652 -0.0164 -0.0264 0.0039  32  HGL C C5 
364 C C6 . HGL C 2 ? 0.1431 0.1389 0.1601 -0.0202 -0.0228 0.0035  32  HGL C C6 
365 C C8 . HGL C 2 ? 0.1341 0.1549 0.1787 -0.0145 -0.0212 0.0038  32  HGL C C8 
366 N N  . HGL C 2 ? 0.1234 0.2300 0.1636 -0.0112 -0.0170 -0.0018 32  HGL C N  
367 C CA . HGL C 2 ? 0.1308 0.1911 0.1638 -0.0018 -0.0271 0.0116  32  HGL C CA 
368 C CB . HGL C 2 ? 0.1273 0.1984 0.1583 -0.0027 -0.0198 0.0041  32  HGL C CB 
369 C CG . HGL C 2 ? 0.1402 0.1845 0.1665 -0.0166 -0.0278 0.0073  32  HGL C CG 
370 N N9 . HGL C 2 ? 0.1449 0.1633 0.1580 -0.0155 -0.0300 0.0097  32  HGL C N9 
371 N N3 . HGL C 2 ? 0.1637 0.1534 0.1731 -0.0200 -0.0326 -0.0077 32  HGL C N3 
372 N N2 . HGL C 2 ? 0.1910 0.1610 0.1811 -0.0073 -0.0184 -0.0249 32  HGL C N2 
373 N N1 . HGL C 2 ? 0.1465 0.1447 0.1604 -0.0117 -0.0302 -0.0049 32  HGL C N1 
374 N N7 . HGL C 2 ? 0.1380 0.1645 0.1634 -0.0079 -0.0115 0.0011  32  HGL C N7 
375 C C  . HGL C 2 ? 0.1227 0.1914 0.1456 -0.0140 -0.0166 0.0072  32  HGL C C  
376 O O  . HGL C 2 ? 0.1458 0.1810 0.2051 -0.0060 -0.0195 0.0056  32  HGL C O  
387 C C2 . AGD C 3 ? 0.1567 0.1638 0.1868 -0.0204 0.0048  -0.0195 33  AGD C C2 
388 C C4 . AGD C 3 ? 0.1300 0.1948 0.1841 -0.0167 0.0026  -0.0031 33  AGD C C4 
389 C C5 . AGD C 3 ? 0.1357 0.1740 0.1822 -0.0160 0.0051  0.0006  33  AGD C C5 
390 C C6 . AGD C 3 ? 0.1323 0.1618 0.1736 -0.0130 0.0118  -0.0099 33  AGD C C6 
391 N N  . AGD C 3 ? 0.1235 0.1920 0.1621 -0.0066 -0.0246 -0.0027 33  AGD C N  
392 C CA . AGD C 3 ? 0.1089 0.2327 0.1690 -0.0099 -0.0125 -0.0069 33  AGD C CA 
393 C CB . AGD C 3 ? 0.1269 0.2469 0.1783 -0.0320 -0.0186 -0.0073 33  AGD C CB 
394 N N9 . AGD C 3 ? 0.1332 0.2096 0.1779 -0.0184 -0.0054 -0.0055 33  AGD C N9 
395 N N3 . AGD C 3 ? 0.1570 0.1828 0.1749 -0.0259 -0.0031 -0.0137 33  AGD C N3 
396 N N2 . AGD C 3 ? 0.1970 0.1694 0.2020 -0.0017 0.0049  -0.0325 33  AGD C N2 
397 N N1 . AGD C 3 ? 0.1597 0.1511 0.1748 -0.0100 0.0035  -0.0067 33  AGD C N1 
398 O O6 . AGD C 3 ? 0.1542 0.1640 0.1756 0.0071  0.0118  -0.0074 33  AGD C O6 
399 N N7 . AGD C 3 ? 0.1430 0.2024 0.1784 0.0051  0.0107  0.0056  33  AGD C N7 
400 C C8 . AGD C 3 ? 0.1386 0.2160 0.1803 0.0014  0.0134  0.0108  33  AGD C C8 
401 C C  . AGD C 3 ? 0.1070 0.1979 0.1758 0.0051  -0.0155 -0.0036 33  AGD C C  
402 O O  . AGD C 3 ? 0.1169 0.2392 0.1889 0.0022  -0.0198 0.0071  33  AGD C O  
411 N N  . LHC C 4 ? 0.1109 0.2425 0.1618 0.0036  -0.0253 0.0004  34  LHC C N  
412 C CA . LHC C 4 ? 0.1123 0.1972 0.1669 -0.0008 -0.0190 -0.0060 34  LHC C CA 
413 C CB . LHC C 4 ? 0.1216 0.1943 0.1712 -0.0104 -0.0197 -0.0077 34  LHC C CB 
414 C CG . LHC C 4 ? 0.1240 0.1746 0.1698 -0.0010 -0.0227 -0.0065 34  LHC C CG 
415 N N1 . LHC C 4 ? 0.1256 0.1675 0.1643 -0.0069 -0.0234 0.0005  34  LHC C N1 
416 C C6 . LHC C 4 ? 0.1361 0.1585 0.1917 0.0049  -0.0315 -0.0044 34  LHC C C6 
417 C C5 . LHC C 4 ? 0.1428 0.1505 0.1891 0.0014  -0.0289 0.0089  34  LHC C C5 
418 C C4 . LHC C 4 ? 0.1409 0.1413 0.1728 -0.0052 -0.0280 -0.0048 34  LHC C C4 
419 N N4 . LHC C 4 ? 0.1521 0.1510 0.1741 -0.0114 -0.0253 0.0045  34  LHC C N4 
420 N N3 . LHC C 4 ? 0.1301 0.1421 0.1734 0.0004  -0.0172 -0.0026 34  LHC C N3 
421 C C2 . LHC C 4 ? 0.1437 0.1436 0.1679 -0.0079 -0.0178 -0.0142 34  LHC C C2 
422 O O2 . LHC C 4 ? 0.1633 0.1492 0.1924 -0.0090 -0.0009 0.0023  34  LHC C O2 
423 C C  . LHC C 4 ? 0.1144 0.1893 0.1634 0.0059  -0.0214 -0.0014 34  LHC C C  
424 O O  . LHC C 4 ? 0.1440 0.1906 0.1992 0.0091  -0.0314 -0.0022 34  LHC C O  
435 C C2 . AGD C 5 ? 0.1903 0.1755 0.1412 0.0036  -0.0205 0.0019  35  AGD C C2 
436 C C4 . AGD C 5 ? 0.1642 0.1924 0.1608 -0.0106 -0.0267 -0.0060 35  AGD C C4 
437 C C5 . AGD C 5 ? 0.1686 0.1769 0.1615 -0.0006 -0.0339 -0.0150 35  AGD C C5 
438 C C6 . AGD C 5 ? 0.1723 0.1650 0.1528 0.0011  -0.0314 -0.0044 35  AGD C C6 
439 N N  . AGD C 5 ? 0.1245 0.2045 0.1566 -0.0003 -0.0228 -0.0020 35  AGD C N  
440 C CA . AGD C 5 ? 0.1406 0.2235 0.1683 -0.0151 -0.0202 -0.0058 35  AGD C CA 
441 C CB . AGD C 5 ? 0.1474 0.2690 0.1724 -0.0235 -0.0346 -0.0101 35  AGD C CB 
442 N N9 . AGD C 5 ? 0.1633 0.2360 0.1529 -0.0047 -0.0320 -0.0043 35  AGD C N9 
443 N N3 . AGD C 5 ? 0.1755 0.1907 0.1493 -0.0178 -0.0328 -0.0015 35  AGD C N3 
444 N N2 . AGD C 5 ? 0.2131 0.1608 0.1786 0.0015  -0.0109 0.0169  35  AGD C N2 
445 N N1 . AGD C 5 ? 0.1784 0.1476 0.1674 -0.0005 -0.0163 -0.0002 35  AGD C N1 
446 O O6 . AGD C 5 ? 0.1936 0.1558 0.1836 0.0068  -0.0220 0.0077  35  AGD C O6 
447 N N7 . AGD C 5 ? 0.1670 0.2010 0.1840 0.0157  -0.0420 -0.0159 35  AGD C N7 
448 C C8 . AGD C 5 ? 0.1610 0.2339 0.1854 0.0060  -0.0441 -0.0232 35  AGD C C8 
449 C C  . AGD C 5 ? 0.1375 0.2083 0.1990 -0.0158 -0.0158 -0.0169 35  AGD C C  
450 O O  . AGD C 5 ? 0.1749 0.2234 0.2288 -0.0283 -0.0057 -0.0431 35  AGD C O  
459 N N  . LHC C 6 ? 0.1396 0.2201 0.1915 -0.0244 -0.0080 -0.0144 36  LHC C N  
460 C CA . LHC C 6 ? 0.1437 0.2148 0.2025 -0.0240 -0.0112 -0.0058 36  LHC C CA 
461 C CB . LHC C 6 ? 0.1584 0.2229 0.2053 -0.0453 0.0040  -0.0145 36  LHC C CB 
462 C CG . LHC C 6 ? 0.1835 0.2572 0.2130 -0.0676 0.0058  -0.0169 36  LHC C CG 
463 N N1 . LHC C 6 ? 0.1748 0.2316 0.2148 -0.0408 0.0162  -0.0069 36  LHC C N1 
464 C C6 . LHC C 6 ? 0.1754 0.2201 0.2389 -0.0379 0.0278  0.0034  36  LHC C C6 
465 C C5 . LHC C 6 ? 0.1647 0.2103 0.2427 -0.0142 0.0057  -0.0001 36  LHC C C5 
466 C C4 . LHC C 6 ? 0.1584 0.1825 0.2271 -0.0162 0.0240  -0.0075 36  LHC C C4 
467 N N4 . LHC C 6 ? 0.1765 0.1757 0.2294 0.0057  0.0158  -0.0152 36  LHC C N4 
468 N N3 . LHC C 6 ? 0.1458 0.2148 0.2160 -0.0158 0.0257  -0.0240 36  LHC C N3 
469 C C2 . LHC C 6 ? 0.1824 0.1992 0.2045 -0.0385 0.0294  -0.0127 36  LHC C C2 
470 O O2 . LHC C 6 ? 0.2328 0.2268 0.2285 0.0003  0.0137  -0.0409 36  LHC C O2 
471 C C  . LHC C 6 ? 0.1463 0.1921 0.2188 -0.0083 -0.0087 -0.0144 36  LHC C C  
472 O O  . LHC C 6 ? 0.1719 0.1972 0.2578 0.0046  -0.0260 -0.0248 36  LHC C O  
483 C C2 . CUD C 7 ? 0.1419 0.1928 0.2805 -0.0180 0.0147  -0.0047 37  CUD C C2 
484 C C4 . CUD C 7 ? 0.1335 0.1791 0.2955 -0.0210 0.0132  0.0032  37  CUD C C4 
485 C C5 . CUD C 7 ? 0.1241 0.2053 0.3059 -0.0138 -0.0005 0.0030  37  CUD C C5 
486 C C6 . CUD C 7 ? 0.1551 0.1952 0.3049 -0.0213 -0.0021 -0.0043 37  CUD C C6 
487 N N  . CUD C 7 ? 0.1450 0.2114 0.2538 -0.0264 -0.0165 -0.0203 37  CUD C N  
488 C CA . CUD C 7 ? 0.1733 0.2159 0.2507 -0.0325 -0.0186 -0.0101 37  CUD C CA 
489 C CB . CUD C 7 ? 0.1535 0.2118 0.3030 -0.0448 -0.0119 -0.0421 37  CUD C CB 
490 N N1 . CUD C 7 ? 0.1504 0.2047 0.2849 -0.0265 -0.0136 -0.0150 37  CUD C N1 
491 N N4 . CUD C 7 ? 0.1652 0.1787 0.2993 -0.0024 0.0138  0.0066  37  CUD C N4 
492 N N3 . CUD C 7 ? 0.1450 0.1972 0.2666 -0.0062 0.0139  0.0046  37  CUD C N3 
493 O O2 . CUD C 7 ? 0.1657 0.2035 0.3090 -0.0002 0.0117  -0.0097 37  CUD C O2 
494 C C  . CUD C 7 ? 0.2061 0.3013 0.3076 -0.0952 0.0032  -0.0986 37  CUD C C  
495 O O  . CUD C 7 ? 0.2602 0.5388 0.3888 -0.0564 -0.0510 -0.2001 37  CUD C O  
504 N N  . LYS C 8 ? 0.2165 0.4933 0.3699 -0.0636 0.0345  -0.1906 38  LYS C N  
505 N N  A DLY D 1 ? 0.4803 0.4451 0.8534 -0.2424 0.0746  0.0644  41  DLY D N  
506 N N  B DLY D 1 ? 0.2761 0.2727 0.8567 -0.0501 -0.1038 0.0031  41  DLY D N  
507 C CA A DLY D 1 ? 0.1938 0.2552 0.8112 -0.0437 -0.0955 0.1386  41  DLY D CA 
508 C CA B DLY D 1 ? 0.2969 0.2078 0.6745 -0.0240 -0.0708 -0.0650 41  DLY D CA 
509 C C  A DLY D 1 ? 0.1740 0.1922 0.6607 -0.0202 -0.0962 0.0447  41  DLY D C  
510 C C  B DLY D 1 ? 0.2480 0.1721 0.5590 0.0077  -0.0917 -0.0051 41  DLY D C  
511 O O  A DLY D 1 ? 0.1770 0.1561 0.7799 -0.0130 -0.0730 0.0241  41  DLY D O  
512 O O  B DLY D 1 ? 0.2523 0.1524 0.5014 0.0235  -0.0823 0.0154  41  DLY D O  
513 C CB A DLY D 1 ? 0.5150 0.1922 0.7532 -0.0012 -0.2481 0.0852  41  DLY D CB 
514 C CB B DLY D 1 ? 0.2391 0.1892 0.5193 -0.0614 0.0212  -0.0723 41  DLY D CB 
517 C C2 . HGL D 2 ? 0.1397 0.1865 0.3202 0.0150  0.0274  -0.0014 42  HGL D C2 
518 O O6 . HGL D 2 ? 0.1591 0.1602 0.3089 0.0139  0.0239  0.0057  42  HGL D O6 
519 C C4 . HGL D 2 ? 0.1181 0.1684 0.3182 0.0107  0.0200  0.0177  42  HGL D C4 
520 C C5 . HGL D 2 ? 0.1284 0.1654 0.3031 -0.0022 0.0242  0.0008  42  HGL D C5 
521 C C6 . HGL D 2 ? 0.1203 0.1651 0.3026 0.0035  0.0220  0.0138  42  HGL D C6 
522 C C8 . HGL D 2 ? 0.1340 0.1828 0.3193 -0.0054 0.0168  0.0147  42  HGL D C8 
523 N N  A HGL D 2 ? 0.1663 0.1774 0.5080 -0.0084 -0.0552 -0.0177 42  HGL D N  
524 N N  B HGL D 2 ? 0.2075 0.1845 0.4762 0.0091  -0.1191 -0.0045 42  HGL D N  
525 C CA A HGL D 2 ? 0.1598 0.1705 0.3963 0.0021  -0.0521 -0.0194 42  HGL D CA 
526 C CA B HGL D 2 ? 0.1516 0.1790 0.3901 0.0056  -0.0453 0.0116  42  HGL D CA 
527 C CB . HGL D 2 ? 0.1380 0.1892 0.3063 0.0089  -0.0191 0.0042  42  HGL D CB 
528 C CG . HGL D 2 ? 0.1311 0.1863 0.3100 0.0111  -0.0176 0.0006  42  HGL D CG 
529 N N9 . HGL D 2 ? 0.1256 0.1827 0.3224 0.0017  0.0155  0.0151  42  HGL D N9 
530 N N3 . HGL D 2 ? 0.1352 0.1882 0.3245 0.0235  0.0308  -0.0001 42  HGL D N3 
531 N N2 . HGL D 2 ? 0.2216 0.1979 0.3302 0.0508  0.0078  -0.0142 42  HGL D N2 
532 N N1 . HGL D 2 ? 0.1376 0.1830 0.2995 0.0090  0.0307  0.0061  42  HGL D N1 
533 N N7 . HGL D 2 ? 0.1327 0.1735 0.2884 -0.0050 0.0254  0.0100  42  HGL D N7 
534 C C  . HGL D 2 ? 0.1530 0.1610 0.3375 0.0072  -0.0256 0.0083  42  HGL D C  
535 O O  . HGL D 2 ? 0.1595 0.2583 0.3529 -0.0076 0.0033  0.0380  42  HGL D O  
548 C C2 . AGD D 3 ? 0.1412 0.1829 0.2818 0.0046  0.0192  -0.0292 43  AGD D C2 
549 C C4 . AGD D 3 ? 0.1319 0.1471 0.2902 -0.0058 0.0176  -0.0068 43  AGD D C4 
550 C C5 . AGD D 3 ? 0.1287 0.1488 0.2723 0.0009  0.0103  -0.0090 43  AGD D C5 
551 C C6 . AGD D 3 ? 0.1333 0.1496 0.2556 -0.0074 0.0135  -0.0089 43  AGD D C6 
552 N N  . AGD D 3 ? 0.1351 0.1525 0.3642 0.0200  -0.0162 -0.0241 43  AGD D N  
553 C CA . AGD D 3 ? 0.1414 0.1494 0.3588 0.0119  -0.0183 -0.0186 43  AGD D CA 
554 C CB . AGD D 3 ? 0.1377 0.1613 0.3571 0.0092  -0.0020 -0.0066 43  AGD D CB 
555 N N9 . AGD D 3 ? 0.1358 0.1557 0.3167 0.0084  -0.0027 -0.0147 43  AGD D N9 
556 N N3 . AGD D 3 ? 0.1398 0.1866 0.2968 0.0058  0.0141  -0.0256 43  AGD D N3 
557 N N2 . AGD D 3 ? 0.1775 0.2087 0.2697 0.0147  0.0302  -0.0431 43  AGD D N2 
558 N N1 . AGD D 3 ? 0.1572 0.1530 0.2562 -0.0106 0.0270  -0.0190 43  AGD D N1 
559 O O6 . AGD D 3 ? 0.1601 0.1438 0.2464 0.0089  0.0175  0.0000  43  AGD D O6 
560 N N7 . AGD D 3 ? 0.1506 0.1537 0.2748 0.0038  0.0023  -0.0054 43  AGD D N7 
561 C C8 . AGD D 3 ? 0.1582 0.1425 0.2916 -0.0122 -0.0199 -0.0012 43  AGD D C8 
562 C C  . AGD D 3 ? 0.1410 0.1512 0.3272 0.0127  -0.0186 -0.0132 43  AGD D C  
563 O O  . AGD D 3 ? 0.1422 0.1662 0.3277 0.0137  -0.0161 -0.0015 43  AGD D O  
572 N N  . LHC D 4 ? 0.1602 0.1532 0.3610 0.0201  -0.0260 -0.0192 44  LHC D N  
573 C CA . LHC D 4 ? 0.1561 0.1496 0.3586 0.0249  -0.0269 -0.0170 44  LHC D CA 
574 C CB . LHC D 4 ? 0.1652 0.1490 0.4165 -0.0040 -0.0088 -0.0041 44  LHC D CB 
575 C CG . LHC D 4 ? 0.1853 0.1552 0.3252 0.0017  0.0015  -0.0039 44  LHC D CG 
576 N N1 . LHC D 4 ? 0.1560 0.1554 0.3640 0.0098  -0.0020 -0.0193 44  LHC D N1 
577 C C6 . LHC D 4 ? 0.2352 0.1783 0.3560 -0.0200 0.0000  -0.0037 44  LHC D C6 
578 C C5 . LHC D 4 ? 0.1933 0.1892 0.3741 -0.0111 0.0049  -0.0105 44  LHC D C5 
579 C C4 . LHC D 4 ? 0.1704 0.1742 0.3817 -0.0181 -0.0020 0.0006  44  LHC D C4 
580 N N4 . LHC D 4 ? 0.1979 0.2006 0.4164 -0.0581 0.0080  -0.0056 44  LHC D N4 
581 N N3 . LHC D 4 ? 0.1608 0.1666 0.3769 -0.0188 0.0076  -0.0131 44  LHC D N3 
582 C C2 . LHC D 4 ? 0.1769 0.1516 0.3520 -0.0113 0.0017  -0.0103 44  LHC D C2 
583 O O2 . LHC D 4 ? 0.1849 0.1860 0.3948 -0.0338 -0.0071 0.0225  44  LHC D O2 
584 C C  . LHC D 4 ? 0.1570 0.1311 0.3339 -0.0004 -0.0273 -0.0081 44  LHC D C  
585 O O  . LHC D 4 ? 0.1958 0.1703 0.3307 -0.0003 -0.0490 -0.0152 44  LHC D O  
596 C C2 . AGD D 5 ? 0.2011 0.1239 0.2883 -0.0046 0.0011  -0.0220 45  AGD D C2 
597 C C4 . AGD D 5 ? 0.1627 0.1286 0.2943 0.0218  -0.0183 -0.0038 45  AGD D C4 
598 C C5 . AGD D 5 ? 0.1610 0.1477 0.3007 0.0195  -0.0168 0.0010  45  AGD D C5 
599 C C6 . AGD D 5 ? 0.1661 0.1378 0.2942 0.0151  -0.0014 -0.0048 45  AGD D C6 
600 N N  . AGD D 5 ? 0.1486 0.1286 0.3312 0.0093  -0.0109 -0.0098 45  AGD D N  
601 C CA . AGD D 5 ? 0.1597 0.1334 0.3272 0.0078  -0.0100 -0.0301 45  AGD D CA 
602 C CB . AGD D 5 ? 0.1685 0.1387 0.3274 0.0214  -0.0187 -0.0251 45  AGD D CB 
603 N N9 . AGD D 5 ? 0.1746 0.1424 0.2908 0.0222  -0.0147 -0.0053 45  AGD D N9 
604 N N3 . AGD D 5 ? 0.1955 0.1309 0.2928 0.0129  -0.0083 -0.0143 45  AGD D N3 
605 N N2 . AGD D 5 ? 0.2180 0.1630 0.2939 -0.0135 0.0005  -0.0016 45  AGD D N2 
606 N N1 . AGD D 5 ? 0.1858 0.1407 0.2908 0.0041  -0.0014 -0.0026 45  AGD D N1 
607 O O6 . AGD D 5 ? 0.1790 0.1407 0.3166 0.0045  -0.0046 0.0201  45  AGD D O6 
608 N N7 . AGD D 5 ? 0.1732 0.1472 0.2937 0.0258  -0.0020 -0.0047 45  AGD D N7 
609 C C8 . AGD D 5 ? 0.1929 0.1405 0.2993 0.0313  -0.0082 -0.0100 45  AGD D C8 
610 C C  . AGD D 5 ? 0.1474 0.1390 0.2812 0.0045  -0.0074 -0.0277 45  AGD D C  
611 O O  . AGD D 5 ? 0.1543 0.1547 0.4181 0.0080  0.0237  -0.0428 45  AGD D O  
620 N N  . LHC D 6 ? 0.1411 0.1343 0.2909 0.0077  -0.0107 -0.0191 46  LHC D N  
621 C CA . LHC D 6 ? 0.1523 0.1294 0.2411 0.0078  -0.0211 -0.0071 46  LHC D CA 
622 C CB . LHC D 6 ? 0.1513 0.1316 0.2509 0.0057  -0.0075 -0.0059 46  LHC D CB 
623 C CG . LHC D 6 ? 0.1542 0.1349 0.2785 0.0065  -0.0123 -0.0049 46  LHC D CG 
624 N N1 . LHC D 6 ? 0.1467 0.1343 0.2486 -0.0013 0.0024  -0.0031 46  LHC D N1 
625 C C6 . LHC D 6 ? 0.1565 0.1466 0.2323 -0.0019 -0.0307 -0.0049 46  LHC D C6 
626 C C5 . LHC D 6 ? 0.1521 0.1523 0.2266 0.0004  -0.0310 -0.0096 46  LHC D C5 
627 C C4 . LHC D 6 ? 0.1320 0.1418 0.2048 -0.0101 -0.0057 -0.0054 46  LHC D C4 
628 N N4 . LHC D 6 ? 0.1747 0.1447 0.1941 0.0079  -0.0070 -0.0066 46  LHC D N4 
629 N N3 . LHC D 6 ? 0.1427 0.1312 0.2026 0.0003  0.0108  -0.0011 46  LHC D N3 
630 C C2 . LHC D 6 ? 0.1670 0.1244 0.2213 -0.0028 0.0156  0.0030  46  LHC D C2 
631 O O2 . LHC D 6 ? 0.2071 0.1512 0.2279 0.0251  0.0324  -0.0071 46  LHC D O2 
632 C C  . LHC D 6 ? 0.1541 0.1376 0.2663 0.0115  -0.0239 -0.0099 46  LHC D C  
633 O O  . LHC D 6 ? 0.2132 0.2215 0.2916 0.0111  -0.0479 0.0420  46  LHC D O  
644 C C2 . CUD D 7 ? 0.1508 0.1325 0.2226 -0.0134 -0.0425 -0.0059 47  CUD D C2 
645 C C4 . CUD D 7 ? 0.1402 0.1674 0.1907 -0.0280 -0.0433 0.0160  47  CUD D C4 
646 C C5 . CUD D 7 ? 0.1810 0.1638 0.2255 -0.0281 -0.0425 0.0378  47  CUD D C5 
647 C C6 . CUD D 7 ? 0.1851 0.1497 0.2642 -0.0197 -0.0682 0.0363  47  CUD D C6 
648 N N  . CUD D 7 ? 0.1429 0.1398 0.3139 0.0079  -0.0377 -0.0314 47  CUD D N  
649 C CA A CUD D 7 ? 0.1617 0.1481 0.3555 0.0073  -0.0605 0.0075  47  CUD D CA 
650 C CA B CUD D 7 ? 0.1509 0.1547 0.3881 0.0024  -0.0491 -0.0220 47  CUD D CA 
651 C CB . CUD D 7 ? 0.1713 0.1471 0.3327 0.0106  -0.0751 -0.0189 47  CUD D CB 
652 N N1 . CUD D 7 ? 0.1512 0.1463 0.2647 -0.0034 -0.0415 0.0092  47  CUD D N1 
653 N N4 . CUD D 7 ? 0.1759 0.1794 0.1578 -0.0174 -0.0257 0.0141  47  CUD D N4 
654 N N3 . CUD D 7 ? 0.1594 0.1399 0.1965 -0.0102 -0.0346 0.0043  47  CUD D N3 
655 O O2 . CUD D 7 ? 0.1676 0.1532 0.2281 0.0036  -0.0204 -0.0203 47  CUD D O2 
656 C C  A CUD D 7 ? 0.1771 0.1208 0.4501 0.0167  -0.0620 0.0328  47  CUD D C  
657 C C  B CUD D 7 ? 0.1410 0.1461 0.5087 0.0184  -0.0348 -0.0673 47  CUD D C  
658 O O  A CUD D 7 ? 0.1867 0.1873 0.6118 0.0463  -0.0683 -0.0294 47  CUD D O  
659 O O  B CUD D 7 ? 0.1715 0.2675 0.6745 -0.0511 0.0533  -0.1327 47  CUD D O  
669 N N  A LYS D 8 ? 0.2337 0.1912 0.4759 0.0365  -0.0575 -0.0462 48  LYS D N  
670 N N  B LYS D 8 ? 0.1743 0.1556 0.5094 0.0155  -0.0179 -0.0800 48  LYS D N  
671 C CA A LYS D 8 ? 0.2237 0.1652 0.5499 -0.0057 -0.0115 -0.0460 48  LYS D CA 
672 C CA B LYS D 8 ? 0.1857 0.1303 0.5214 -0.0193 0.0103  -0.0708 48  LYS D CA 
675 O O  . HOH E . ? 0.3197 0.2227 0.3339 -0.0615 -0.0138 0.0379  51  HOH A O  
676 O O  . HOH E . ? 0.2749 0.4392 0.2504 -0.0299 0.0153  -0.0011 54  HOH A O  
677 O O  . HOH E . ? 0.2277 0.2188 0.3522 -0.0105 -0.0500 -0.0428 55  HOH A O  
678 O O  . HOH E . ? 0.4362 0.2826 0.3133 0.0901  -0.0974 0.0072  59  HOH A O  
679 O O  . HOH E . ? 0.4110 0.3322 0.4769 0.1350  0.0648  0.1383  61  HOH A O  
680 O O  . HOH E . ? 0.2655 0.3093 0.3456 -0.0128 -0.0735 -0.0080 64  HOH A O  
681 O O  . HOH E . ? 0.3785 0.2220 0.3990 0.0135  0.0583  0.1001  65  HOH A O  
682 O O  . HOH E . ? 0.1302 0.3581 0.1818 0.0506  -0.0155 -0.0003 67  HOH A O  
683 O O  . HOH E . ? 0.3035 0.3169 0.2719 0.0722  0.0955  0.0012  69  HOH A O  
684 O O  . HOH E . ? 0.2153 0.2532 0.3564 0.0321  -0.0348 0.0352  75  HOH A O  
685 O O  . HOH E . ? 0.3331 0.4216 0.2396 -0.1711 -0.0570 0.0948  76  HOH A O  
686 O O  . HOH E . ? 0.2956 0.2743 0.4111 -0.0102 -0.0887 0.0251  84  HOH A O  
687 O O  . HOH E . ? 0.7614 0.2326 0.4136 0.0307  -0.3414 -0.0100 87  HOH A O  
688 O O  . HOH E . ? 0.4370 0.3458 0.6228 0.0339  -0.1988 -0.1524 93  HOH A O  
689 O O  . HOH E . ? 0.5693 0.3679 0.3514 0.0161  0.0846  0.0340  102 HOH A O  
690 O O  . HOH E . ? 0.3377 0.2978 0.4411 0.0064  0.0626  -0.0767 110 HOH A O  
691 O O  . HOH E . ? 0.3204 0.7632 0.3419 0.1383  -0.0555 0.0988  111 HOH A O  
692 O O  . HOH E . ? 0.4168 0.4659 0.3963 0.0848  -0.0391 -0.1786 112 HOH A O  
693 O O  . HOH E . ? 0.5517 0.3155 0.3026 -0.1393 0.0293  -0.0053 114 HOH A O  
694 O O  . HOH E . ? 0.6482 0.5873 0.3455 0.0413  -0.2341 -0.0691 117 HOH A O  
695 O O  . HOH E . ? 0.3336 0.4271 0.5428 0.0304  -0.0060 -0.2032 122 HOH A O  
696 O O  . HOH E . ? 0.2836 0.5352 0.3676 -0.0214 0.0123  0.0911  123 HOH A O  
697 O O  . HOH E . ? 0.7877 0.6740 0.5754 0.4269  -0.0288 0.1116  129 HOH A O  
698 O O  . HOH E . ? 0.4159 0.3734 0.4600 0.0853  0.0148  0.0745  130 HOH A O  
699 O O  . HOH E . ? 0.4008 0.2928 0.6873 0.0257  -0.0164 0.1893  132 HOH A O  
700 O O  . HOH E . ? 0.3695 0.4553 0.3569 0.1315  0.0542  0.0845  133 HOH A O  
701 O O  . HOH E . ? 0.8130 0.2922 0.4605 -0.0299 0.1110  -0.0751 134 HOH A O  
702 O O  . HOH E . ? 0.6137 0.3872 0.5979 -0.1601 0.2213  -0.2033 145 HOH A O  
703 O O  . HOH E . ? 0.5843 0.5654 0.6393 0.0306  -0.0309 0.0982  148 HOH A O  
704 O O  . HOH E . ? 0.4174 0.5737 0.5944 -0.0435 0.0135  -0.2936 154 HOH A O  
705 O O  . HOH E . ? 0.6095 0.4407 0.4534 0.1953  -0.1250 0.0474  157 HOH A O  
706 O O  . HOH E . ? 0.4743 0.5447 0.6042 -0.0600 -0.0214 0.0290  161 HOH A O  
707 O O  . HOH E . ? 0.6360 0.5443 0.5464 -0.1395 -0.3654 0.0897  163 HOH A O  
708 O O  . HOH E . ? 0.8287 0.4294 0.2436 0.1743  -0.0209 -0.0268 164 HOH A O  
709 O O  . HOH E . ? 0.5275 0.7607 0.7273 -0.0977 0.2249  0.1334  168 HOH A O  
710 O O  . HOH E . ? 0.4094 0.5089 0.5752 0.0236  -0.0707 0.2141  172 HOH A O  
711 O O  . HOH E . ? 0.3315 0.5941 0.5940 0.0387  0.1204  0.1705  173 HOH A O  
712 O O  . HOH E . ? 0.5553 0.4164 0.5176 0.0227  0.1488  0.0307  189 HOH A O  
713 O O  . HOH E . ? 0.8628 0.7201 0.5812 0.1278  0.0367  -0.2603 195 HOH A O  
714 O O  . HOH E . ? 0.6771 0.4697 0.3583 0.2591  -0.1050 -0.2136 196 HOH A O  
715 O O  . HOH E . ? 0.5088 0.4681 0.6146 -0.1139 -0.0512 -0.0840 197 HOH A O  
716 O O  . HOH E . ? 0.3387 0.4395 0.3953 -0.0635 -0.0180 0.0916  198 HOH A O  
717 O O  . HOH E . ? 0.5732 0.4119 0.5291 -0.0883 0.0655  -0.2043 200 HOH A O  
718 O O  . HOH E . ? 0.3872 0.7358 0.4594 0.0813  0.0789  0.0417  212 HOH A O  
719 O O  . HOH F . ? 0.2054 0.3259 0.4437 -0.0060 0.0232  0.1168  52  HOH B O  
720 O O  . HOH F . ? 0.2107 0.2907 0.2417 -0.0431 -0.0578 -0.0313 56  HOH B O  
721 O O  . HOH F . ? 0.4451 0.4419 0.4120 -0.2040 -0.0368 -0.0343 81  HOH B O  
722 O O  . HOH F . ? 0.3224 0.3210 0.3220 0.1000  -0.0060 0.0744  85  HOH B O  
723 O O  . HOH F . ? 0.4612 0.3103 0.5904 -0.1124 0.1178  0.0473  90  HOH B O  
724 O O  . HOH F . ? 0.3889 0.3193 0.5834 -0.0836 -0.1176 0.1995  95  HOH B O  
725 O O  . HOH F . ? 0.3847 0.4491 0.4381 -0.0188 0.1334  -0.1724 107 HOH B O  
726 O O  . HOH F . ? 0.4032 0.2620 0.4058 -0.0043 -0.0551 -0.0066 113 HOH B O  
727 O O  . HOH F . ? 0.5345 0.2351 0.4192 0.0737  -0.0781 -0.0257 120 HOH B O  
728 O O  . HOH F . ? 0.5068 0.5155 0.4257 -0.1126 -0.0658 -0.0167 125 HOH B O  
729 O O  . HOH F . ? 0.4738 0.5348 0.6501 -0.1181 0.1857  -0.1119 139 HOH B O  
730 O O  . HOH F . ? 0.4476 0.4899 0.6335 -0.1821 -0.0307 0.0732  140 HOH B O  
731 O O  . HOH F . ? 0.5403 0.4899 0.7779 -0.2783 -0.0951 0.0891  141 HOH B O  
732 O O  . HOH F . ? 0.5026 0.4740 0.4970 -0.1961 0.0742  -0.1322 142 HOH B O  
733 O O  . HOH F . ? 0.5747 0.4964 0.5818 -0.0254 -0.0870 -0.1478 146 HOH B O  
734 O O  . HOH F . ? 0.5420 0.5778 0.6598 -0.0614 -0.0866 -0.3277 149 HOH B O  
735 O O  . HOH F . ? 0.5370 0.4660 0.7780 -0.1228 -0.1190 -0.1671 153 HOH B O  
736 O O  . HOH F . ? 0.5823 0.4460 0.4049 0.2017  -0.0503 -0.0696 156 HOH B O  
737 O O  . HOH F . ? 0.5172 0.4171 0.6518 -0.0263 0.0912  0.0148  160 HOH B O  
738 O O  . HOH F . ? 0.9313 0.2534 0.3855 0.0079  -0.1064 0.0162  162 HOH B O  
739 O O  . HOH F . ? 0.3681 0.4225 0.4561 -0.0111 0.0708  0.0710  185 HOH B O  
740 O O  . HOH F . ? 0.2881 0.3790 0.4001 -0.0673 -0.1082 -0.1178 186 HOH B O  
741 O O  . HOH F . ? 0.5028 0.6129 0.6855 0.1223  0.0851  -0.0434 187 HOH B O  
742 O O  . HOH F . ? 0.2765 0.5560 0.4288 -0.1254 -0.0272 0.0397  188 HOH B O  
743 O O  . HOH F . ? 0.5590 0.5175 0.4055 0.0221  -0.0404 -0.1851 190 HOH B O  
744 O O  . HOH F . ? 0.5220 0.3079 0.5880 0.0464  -0.1052 0.0660  191 HOH B O  
745 O O  . HOH F . ? 0.6168 0.6432 0.4849 -0.1173 -0.0028 -0.1173 194 HOH B O  
746 O O  . HOH F . ? 0.3060 0.5472 0.3849 -0.0031 0.0071  -0.0747 202 HOH B O  
747 O O  . HOH F . ? 0.4765 0.5120 0.3913 -0.0451 0.0723  0.0037  213 HOH B O  
748 O O  . HOH G . ? 0.3726 0.2343 0.6474 -0.0863 0.0871  -0.1402 53  HOH C O  
749 O O  . HOH G . ? 0.4324 0.1927 0.5364 0.0411  -0.0302 0.0908  58  HOH C O  
750 O O  . HOH G . ? 0.4401 0.3360 0.1948 0.1145  -0.0065 -0.0234 60  HOH C O  
751 O O  . HOH G . ? 0.2962 0.2646 0.3577 0.0270  -0.0389 -0.0295 63  HOH C O  
752 O O  . HOH G . ? 0.3947 0.3274 0.3726 -0.1062 0.1688  -0.1154 66  HOH C O  
753 O O  . HOH G . ? 0.1564 0.3510 0.2170 -0.0986 -0.0433 0.0427  68  HOH C O  
754 O O  . HOH G . ? 0.2539 0.3068 0.2440 0.1006  -0.0591 -0.0342 71  HOH C O  
755 O O  . HOH G . ? 0.2604 0.2376 0.4140 -0.0368 -0.0264 0.1118  72  HOH C O  
756 O O  . HOH G . ? 0.2442 0.3698 0.2964 -0.0703 -0.0662 0.0815  73  HOH C O  
757 O O  . HOH G . ? 0.4488 0.1986 0.3129 -0.0661 -0.1363 0.0663  79  HOH C O  
758 O O  . HOH G . ? 0.3097 0.2604 0.5564 -0.0009 -0.0827 -0.0057 83  HOH C O  
759 O O  . HOH G . ? 0.3545 0.2641 0.3041 -0.0224 -0.0328 -0.0063 86  HOH C O  
760 O O  . HOH G . ? 0.2755 0.3572 0.4774 0.0940  0.0580  0.0097  92  HOH C O  
761 O O  . HOH G . ? 0.5001 0.3366 0.2567 0.1500  0.0001  -0.0567 94  HOH C O  
762 O O  . HOH G . ? 0.4478 0.3470 0.2959 -0.0435 -0.0049 -0.0050 97  HOH C O  
763 O O  . HOH G . ? 0.2482 0.4708 0.2935 0.0322  0.0238  0.0325  103 HOH C O  
764 O O  . HOH G . ? 0.4817 0.3899 0.4203 -0.0011 0.0139  0.1534  106 HOH C O  
765 O O  . HOH G . ? 0.2471 0.3011 0.7142 0.0791  0.0434  0.1013  109 HOH C O  
766 O O  . HOH G . ? 0.5376 0.7061 0.3466 0.1143  0.1045  -0.1397 115 HOH C O  
767 O O  . HOH G . ? 0.7141 0.4160 0.5134 0.1646  0.2075  -0.1130 116 HOH C O  
768 O O  . HOH G . ? 0.4490 0.3743 0.4445 0.0376  0.1071  -0.1452 131 HOH C O  
769 O O  . HOH G . ? 0.7871 0.6956 0.3025 0.0720  0.0199  -0.1688 135 HOH C O  
770 O O  . HOH G . ? 0.4269 0.3305 1.0513 0.1248  0.1091  0.2662  137 HOH C O  
771 O O  . HOH G . ? 0.5160 0.4846 0.3991 0.1069  -0.1247 0.0545  143 HOH C O  
772 O O  . HOH G . ? 0.6005 0.6473 0.6111 0.0590  0.1336  0.1180  144 HOH C O  
773 O O  . HOH G . ? 0.8561 0.5741 0.6999 0.3909  0.0575  -0.1819 159 HOH C O  
774 O O  . HOH G . ? 0.6315 0.4636 0.6867 0.0814  -0.0684 -0.1049 166 HOH C O  
775 O O  . HOH G . ? 0.5668 0.5488 0.3727 -0.2214 0.1102  -0.1225 170 HOH C O  
776 O O  . HOH G . ? 0.6999 0.4600 0.7140 -0.1120 -0.0108 -0.0274 178 HOH C O  
777 O O  . HOH G . ? 0.7594 0.3224 0.7653 -0.1002 0.3434  0.1126  182 HOH C O  
778 O O  . HOH G . ? 0.6729 0.2823 0.4653 -0.0048 0.2389  0.0480  192 HOH C O  
779 O O  . HOH G . ? 0.5118 0.6463 0.6232 0.1308  0.1176  0.0207  199 HOH C O  
780 O O  . HOH G . ? 0.4090 0.3612 0.5390 -0.1302 -0.0507 -0.0681 204 HOH C O  
781 O O  . HOH G . ? 0.3698 0.3211 0.4857 -0.0186 -0.1240 -0.0723 205 HOH C O  
782 O O  . HOH H . ? 0.3061 0.3544 0.5275 0.0539  0.1381  0.1396  57  HOH D O  
783 O O  . HOH H . ? 0.4059 0.2803 0.2705 0.0640  0.0559  0.0027  62  HOH D O  
784 O O  . HOH H . ? 0.2604 0.2066 0.3705 0.0102  -0.0462 -0.0025 70  HOH D O  
785 O O  . HOH H . ? 0.2602 0.5268 0.1857 -0.0185 0.0278  -0.0185 74  HOH D O  
786 O O  . HOH H . ? 0.3006 0.2959 0.3171 -0.0607 0.0375  -0.0454 77  HOH D O  
787 O O  . HOH H . ? 0.3182 0.2419 0.4106 -0.0275 -0.0067 0.0066  78  HOH D O  
788 O O  . HOH H . ? 0.2138 0.2934 0.4746 -0.0203 -0.0482 0.0170  80  HOH D O  
789 O O  . HOH H . ? 0.3810 0.2690 0.3549 -0.1014 0.0046  -0.0342 82  HOH D O  
790 O O  . HOH H . ? 0.4137 0.3109 0.3758 0.1570  -0.0608 -0.0669 88  HOH D O  
791 O O  . HOH H . ? 0.5661 0.3176 0.2945 0.1368  0.0137  -0.1038 91  HOH D O  
792 O O  . HOH H . ? 0.5028 0.2700 0.3542 0.0692  0.1367  -0.0397 96  HOH D O  
793 O O  . HOH H . ? 0.5002 0.2394 0.4812 -0.0755 -0.0992 0.0897  98  HOH D O  
794 O O  . HOH H . ? 0.5112 0.2316 0.5595 -0.1141 0.0611  0.0466  99  HOH D O  
795 O O  . HOH H . ? 0.6447 0.2486 0.3299 0.0011  -0.0316 -0.0254 101 HOH D O  
796 O O  . HOH H . ? 0.3053 0.4285 0.4522 -0.0359 0.0918  -0.0964 104 HOH D O  
797 O O  . HOH H . ? 0.5000 0.5120 0.3595 0.1047  0.0148  0.1014  105 HOH D O  
798 O O  . HOH H . ? 0.3045 0.4244 0.4506 -0.0463 0.0615  0.0373  108 HOH D O  
799 O O  . HOH H . ? 0.3684 0.3503 0.3860 0.0902  -0.0039 -0.0268 118 HOH D O  
800 O O  . HOH H . ? 0.4110 0.7336 0.3200 -0.0730 0.0991  0.1105  121 HOH D O  
801 O O  . HOH H . ? 0.3731 0.7150 0.5897 0.1418  -0.0418 -0.1705 126 HOH D O  
802 O O  . HOH H . ? 0.6054 0.5326 0.4383 -0.2864 -0.1025 0.0909  128 HOH D O  
803 O O  . HOH H . ? 0.3792 0.4928 0.5819 -0.0411 0.0135  -0.1328 136 HOH D O  
804 O O  . HOH H . ? 0.6577 0.3411 0.4552 -0.0841 0.0236  -0.0319 138 HOH D O  
805 O O  . HOH H . ? 0.7269 0.3231 0.6795 0.1931  0.1519  0.0919  152 HOH D O  
806 O O  . HOH H . ? 0.7158 0.9372 0.4096 0.0521  0.0947  -0.2000 158 HOH D O  
807 O O  . HOH H . ? 0.7736 0.3010 0.4410 -0.0778 -0.1093 0.0477  165 HOH D O  
808 O O  . HOH H . ? 0.4347 0.3551 0.5327 -0.0441 0.1972  -0.0359 169 HOH D O  
809 O O  . HOH H . ? 0.3894 0.4159 0.6178 -0.1113 -0.0530 -0.1116 193 HOH D O  
810 O O  . HOH H . ? 0.5573 0.4662 0.6424 0.0472  -0.1810 0.1542  206 HOH D O  
811 O O  . HOH H . ? 0.7060 0.5770 0.6959 0.3341  -0.0423 0.3082  207 HOH D O  
812 O O  . HOH H . ? 0.3272 0.3658 0.5556 0.0128  0.0883  -0.0267 209 HOH D O  
813 O O  . HOH H . ? 0.3079 0.4203 0.4413 0.0868  0.0585  0.0141  210 HOH D O  
814 O O  . HOH H . ? 0.3809 0.5746 0.6367 0.1976  0.0082  -0.1377 211 HOH D O  
# 
